data_4ZJ9
# 
_entry.id   4ZJ9 
# 
_audit_conform.dict_name       mmcif_pdbx.dic 
_audit_conform.dict_version    5.380 
_audit_conform.dict_location   http://mmcif.pdb.org/dictionaries/ascii/mmcif_pdbx.dic 
# 
loop_
_database_2.database_id 
_database_2.database_code 
_database_2.pdbx_database_accession 
_database_2.pdbx_DOI 
PDB   4ZJ9         pdb_00004zj9 10.2210/pdb4zj9/pdb 
WWPDB D_1000209363 ?            ?                   
# 
loop_
_pdbx_database_related.content_type 
_pdbx_database_related.db_id 
_pdbx_database_related.db_name 
_pdbx_database_related.details 
unspecified 4ZJA PDB . 
unspecified 4ZJD PDB . 
# 
_pdbx_database_status.status_code                     REL 
_pdbx_database_status.status_code_sf                  REL 
_pdbx_database_status.status_code_mr                  ? 
_pdbx_database_status.entry_id                        4ZJ9 
_pdbx_database_status.recvd_initial_deposition_date   2015-04-29 
_pdbx_database_status.SG_entry                        N 
_pdbx_database_status.deposit_site                    RCSB 
_pdbx_database_status.process_site                    PDBJ 
_pdbx_database_status.status_code_cs                  ? 
_pdbx_database_status.methods_development_category    ? 
_pdbx_database_status.pdb_format_compatible           Y 
_pdbx_database_status.status_code_nmr_data            ? 
# 
loop_
_audit_author.name 
_audit_author.pdbx_ordinal 
'Mani, N.'   1 
'Suguna, K.' 2 
# 
_citation.abstract                  ? 
_citation.abstract_id_CAS           ? 
_citation.book_id_ISBN              ? 
_citation.book_publisher            ? 
_citation.book_publisher_city       ? 
_citation.book_title                ? 
_citation.coordinate_linkage        ? 
_citation.country                   UK 
_citation.database_id_Medline       ? 
_citation.details                   ? 
_citation.id                        primary 
_citation.journal_abbrev            'Sci Rep' 
_citation.journal_id_ASTM           ? 
_citation.journal_id_CSD            ? 
_citation.journal_id_ISSN           2045-2322 
_citation.journal_full              ? 
_citation.journal_issue             ? 
_citation.journal_volume            6 
_citation.language                  ? 
_citation.page_first                24019 
_citation.page_last                 24019 
_citation.title                     'Multiple oligomeric structures of a bacterial small heat shock protein' 
_citation.year                      2016 
_citation.database_id_CSD           ? 
_citation.pdbx_database_id_DOI      10.1038/srep24019 
_citation.pdbx_database_id_PubMed   27053150 
_citation.unpublished_flag          ? 
# 
loop_
_citation_author.citation_id 
_citation_author.name 
_citation_author.ordinal 
_citation_author.identifier_ORCID 
primary 'Mani, N.'     1 ? 
primary 'Bhandari, S.' 2 ? 
primary 'Moreno, R.'   3 ? 
primary 'Hu, L.'       4 ? 
primary 'Prasad, B.V.' 5 ? 
primary 'Suguna, K.'   6 ? 
# 
_cell.angle_alpha                  90.00 
_cell.angle_alpha_esd              ? 
_cell.angle_beta                   90.00 
_cell.angle_beta_esd               ? 
_cell.angle_gamma                  90.00 
_cell.angle_gamma_esd              ? 
_cell.entry_id                     4ZJ9 
_cell.details                      ? 
_cell.formula_units_Z              ? 
_cell.length_a                     53.090 
_cell.length_a_esd                 ? 
_cell.length_b                     53.090 
_cell.length_b_esd                 ? 
_cell.length_c                     81.840 
_cell.length_c_esd                 ? 
_cell.volume                       ? 
_cell.volume_esd                   ? 
_cell.Z_PDB                        8 
_cell.reciprocal_angle_alpha       ? 
_cell.reciprocal_angle_beta        ? 
_cell.reciprocal_angle_gamma       ? 
_cell.reciprocal_angle_alpha_esd   ? 
_cell.reciprocal_angle_beta_esd    ? 
_cell.reciprocal_angle_gamma_esd   ? 
_cell.reciprocal_length_a          ? 
_cell.reciprocal_length_b          ? 
_cell.reciprocal_length_c          ? 
_cell.reciprocal_length_a_esd      ? 
_cell.reciprocal_length_b_esd      ? 
_cell.reciprocal_length_c_esd      ? 
_cell.pdbx_unique_axis             ? 
# 
_symmetry.entry_id                         4ZJ9 
_symmetry.cell_setting                     ? 
_symmetry.Int_Tables_number                92 
_symmetry.space_group_name_Hall            ? 
_symmetry.space_group_name_H-M             'P 41 21 2' 
_symmetry.pdbx_full_space_group_name_H-M   ? 
# 
loop_
_entity.id 
_entity.type 
_entity.src_method 
_entity.pdbx_description 
_entity.formula_weight 
_entity.pdbx_number_of_molecules 
_entity.pdbx_ec 
_entity.pdbx_mutation 
_entity.pdbx_fragment 
_entity.details 
1 polymer     man 'Aggregation suppressing protein' 17103.096 1  ? ? 'UNP residues 12-147' ? 
2 non-polymer syn '(4S)-2-METHYL-2,4-PENTANEDIOL'   118.174   1  ? ? ?                     ? 
3 water       nat water                             18.015    28 ? ? ?                     ? 
# 
_entity_poly.entity_id                      1 
_entity_poly.type                           'polypeptide(L)' 
_entity_poly.nstd_linkage                   no 
_entity_poly.nstd_monomer                   no 
_entity_poly.pdbx_seq_one_letter_code       
;MRGSHHHHHHGMASVFADSLFSDRFNRIDRLFSQLTGDTPVAATPAYDLQKRDANNYLLTVSVPGWKEEELEIETVGGNL
NITGKHTEETVEDQTHWIYRGIRKADFQLSFSLPEHAKVNNAKLEQGLLLVEIYQEIPESEKPKKIAIES
;
_entity_poly.pdbx_seq_one_letter_code_can   
;MRGSHHHHHHGMASVFADSLFSDRFNRIDRLFSQLTGDTPVAATPAYDLQKRDANNYLLTVSVPGWKEEELEIETVGGNL
NITGKHTEETVEDQTHWIYRGIRKADFQLSFSLPEHAKVNNAKLEQGLLLVEIYQEIPESEKPKKIAIES
;
_entity_poly.pdbx_strand_id                 A 
_entity_poly.pdbx_target_identifier         ? 
# 
loop_
_entity_poly_seq.entity_id 
_entity_poly_seq.num 
_entity_poly_seq.mon_id 
_entity_poly_seq.hetero 
1 1   MET n 
1 2   ARG n 
1 3   GLY n 
1 4   SER n 
1 5   HIS n 
1 6   HIS n 
1 7   HIS n 
1 8   HIS n 
1 9   HIS n 
1 10  HIS n 
1 11  GLY n 
1 12  MET n 
1 13  ALA n 
1 14  SER n 
1 15  VAL n 
1 16  PHE n 
1 17  ALA n 
1 18  ASP n 
1 19  SER n 
1 20  LEU n 
1 21  PHE n 
1 22  SER n 
1 23  ASP n 
1 24  ARG n 
1 25  PHE n 
1 26  ASN n 
1 27  ARG n 
1 28  ILE n 
1 29  ASP n 
1 30  ARG n 
1 31  LEU n 
1 32  PHE n 
1 33  SER n 
1 34  GLN n 
1 35  LEU n 
1 36  THR n 
1 37  GLY n 
1 38  ASP n 
1 39  THR n 
1 40  PRO n 
1 41  VAL n 
1 42  ALA n 
1 43  ALA n 
1 44  THR n 
1 45  PRO n 
1 46  ALA n 
1 47  TYR n 
1 48  ASP n 
1 49  LEU n 
1 50  GLN n 
1 51  LYS n 
1 52  ARG n 
1 53  ASP n 
1 54  ALA n 
1 55  ASN n 
1 56  ASN n 
1 57  TYR n 
1 58  LEU n 
1 59  LEU n 
1 60  THR n 
1 61  VAL n 
1 62  SER n 
1 63  VAL n 
1 64  PRO n 
1 65  GLY n 
1 66  TRP n 
1 67  LYS n 
1 68  GLU n 
1 69  GLU n 
1 70  GLU n 
1 71  LEU n 
1 72  GLU n 
1 73  ILE n 
1 74  GLU n 
1 75  THR n 
1 76  VAL n 
1 77  GLY n 
1 78  GLY n 
1 79  ASN n 
1 80  LEU n 
1 81  ASN n 
1 82  ILE n 
1 83  THR n 
1 84  GLY n 
1 85  LYS n 
1 86  HIS n 
1 87  THR n 
1 88  GLU n 
1 89  GLU n 
1 90  THR n 
1 91  VAL n 
1 92  GLU n 
1 93  ASP n 
1 94  GLN n 
1 95  THR n 
1 96  HIS n 
1 97  TRP n 
1 98  ILE n 
1 99  TYR n 
1 100 ARG n 
1 101 GLY n 
1 102 ILE n 
1 103 ARG n 
1 104 LYS n 
1 105 ALA n 
1 106 ASP n 
1 107 PHE n 
1 108 GLN n 
1 109 LEU n 
1 110 SER n 
1 111 PHE n 
1 112 SER n 
1 113 LEU n 
1 114 PRO n 
1 115 GLU n 
1 116 HIS n 
1 117 ALA n 
1 118 LYS n 
1 119 VAL n 
1 120 ASN n 
1 121 ASN n 
1 122 ALA n 
1 123 LYS n 
1 124 LEU n 
1 125 GLU n 
1 126 GLN n 
1 127 GLY n 
1 128 LEU n 
1 129 LEU n 
1 130 LEU n 
1 131 VAL n 
1 132 GLU n 
1 133 ILE n 
1 134 TYR n 
1 135 GLN n 
1 136 GLU n 
1 137 ILE n 
1 138 PRO n 
1 139 GLU n 
1 140 SER n 
1 141 GLU n 
1 142 LYS n 
1 143 PRO n 
1 144 LYS n 
1 145 LYS n 
1 146 ILE n 
1 147 ALA n 
1 148 ILE n 
1 149 GLU n 
1 150 SER n 
# 
_entity_src_gen.entity_id                          1 
_entity_src_gen.pdbx_src_id                        1 
_entity_src_gen.pdbx_alt_source_flag               sample 
_entity_src_gen.pdbx_seq_type                      'Biological sequence' 
_entity_src_gen.pdbx_beg_seq_num                   1 
_entity_src_gen.pdbx_end_seq_num                   150 
_entity_src_gen.gene_src_common_name               ? 
_entity_src_gen.gene_src_genus                     ? 
_entity_src_gen.pdbx_gene_src_gene                 agsA 
_entity_src_gen.gene_src_species                   ? 
_entity_src_gen.gene_src_strain                    LT2 
_entity_src_gen.gene_src_tissue                    ? 
_entity_src_gen.gene_src_tissue_fraction           ? 
_entity_src_gen.gene_src_details                   ? 
_entity_src_gen.pdbx_gene_src_fragment             ? 
_entity_src_gen.pdbx_gene_src_scientific_name      'Salmonella enterica subsp. enterica serovar Typhimurium' 
_entity_src_gen.pdbx_gene_src_ncbi_taxonomy_id     90371 
_entity_src_gen.pdbx_gene_src_variant              ? 
_entity_src_gen.pdbx_gene_src_cell_line            ? 
_entity_src_gen.pdbx_gene_src_atcc                 ? 
_entity_src_gen.pdbx_gene_src_organ                ? 
_entity_src_gen.pdbx_gene_src_organelle            ? 
_entity_src_gen.pdbx_gene_src_cell                 ? 
_entity_src_gen.pdbx_gene_src_cellular_location    ? 
_entity_src_gen.host_org_common_name               ? 
_entity_src_gen.pdbx_host_org_scientific_name      'Escherichia coli BL21' 
_entity_src_gen.pdbx_host_org_ncbi_taxonomy_id     511693 
_entity_src_gen.host_org_genus                     ? 
_entity_src_gen.pdbx_host_org_gene                 ? 
_entity_src_gen.pdbx_host_org_organ                ? 
_entity_src_gen.host_org_species                   ? 
_entity_src_gen.pdbx_host_org_tissue               ? 
_entity_src_gen.pdbx_host_org_tissue_fraction      ? 
_entity_src_gen.pdbx_host_org_strain               BL21 
_entity_src_gen.pdbx_host_org_variant              ? 
_entity_src_gen.pdbx_host_org_cell_line            ? 
_entity_src_gen.pdbx_host_org_atcc                 ? 
_entity_src_gen.pdbx_host_org_culture_collection   ? 
_entity_src_gen.pdbx_host_org_cell                 ? 
_entity_src_gen.pdbx_host_org_organelle            ? 
_entity_src_gen.pdbx_host_org_cellular_location    ? 
_entity_src_gen.pdbx_host_org_vector_type          plasmid 
_entity_src_gen.pdbx_host_org_vector               ? 
_entity_src_gen.host_org_details                   ? 
_entity_src_gen.expression_system_id               ? 
_entity_src_gen.plasmid_name                       'pRSET C' 
_entity_src_gen.plasmid_details                    ? 
_entity_src_gen.pdbx_description                   ? 
# 
_struct_ref.id                         1 
_struct_ref.db_name                    UNP 
_struct_ref.db_code                    D1MC98_SALTM 
_struct_ref.pdbx_db_accession          D1MC98 
_struct_ref.pdbx_db_isoform            ? 
_struct_ref.entity_id                  1 
_struct_ref.pdbx_seq_one_letter_code   
;VFADSLFSDRFNRIDRLFSQLTGDTPVAATPAYDLQKRDANNYLLTVSVPGWKEEELEIETVGGNLNITGKHTEETVEDQ
THWIYRGIRKADFQLSFSLPEHAKVNNAKLEQGLLLVEIYQEIPESEKPKKIAIES
;
_struct_ref.pdbx_align_begin           12 
# 
_struct_ref_seq.align_id                      1 
_struct_ref_seq.ref_id                        1 
_struct_ref_seq.pdbx_PDB_id_code              4ZJ9 
_struct_ref_seq.pdbx_strand_id                A 
_struct_ref_seq.seq_align_beg                 15 
_struct_ref_seq.pdbx_seq_align_beg_ins_code   ? 
_struct_ref_seq.seq_align_end                 150 
_struct_ref_seq.pdbx_seq_align_end_ins_code   ? 
_struct_ref_seq.pdbx_db_accession             D1MC98 
_struct_ref_seq.db_align_beg                  12 
_struct_ref_seq.pdbx_db_align_beg_ins_code    ? 
_struct_ref_seq.db_align_end                  147 
_struct_ref_seq.pdbx_db_align_end_ins_code    ? 
_struct_ref_seq.pdbx_auth_seq_align_beg       12 
_struct_ref_seq.pdbx_auth_seq_align_end       147 
# 
loop_
_struct_ref_seq_dif.align_id 
_struct_ref_seq_dif.pdbx_pdb_id_code 
_struct_ref_seq_dif.mon_id 
_struct_ref_seq_dif.pdbx_pdb_strand_id 
_struct_ref_seq_dif.seq_num 
_struct_ref_seq_dif.pdbx_pdb_ins_code 
_struct_ref_seq_dif.pdbx_seq_db_name 
_struct_ref_seq_dif.pdbx_seq_db_accession_code 
_struct_ref_seq_dif.db_mon_id 
_struct_ref_seq_dif.pdbx_seq_db_seq_num 
_struct_ref_seq_dif.details 
_struct_ref_seq_dif.pdbx_auth_seq_num 
_struct_ref_seq_dif.pdbx_ordinal 
1 4ZJ9 MET A 1  ? UNP D1MC98 ? ? 'expression tag' -2 1  
1 4ZJ9 ARG A 2  ? UNP D1MC98 ? ? 'expression tag' -1 2  
1 4ZJ9 GLY A 3  ? UNP D1MC98 ? ? 'expression tag' 0  3  
1 4ZJ9 SER A 4  ? UNP D1MC98 ? ? 'expression tag' 1  4  
1 4ZJ9 HIS A 5  ? UNP D1MC98 ? ? 'expression tag' 2  5  
1 4ZJ9 HIS A 6  ? UNP D1MC98 ? ? 'expression tag' 3  6  
1 4ZJ9 HIS A 7  ? UNP D1MC98 ? ? 'expression tag' 4  7  
1 4ZJ9 HIS A 8  ? UNP D1MC98 ? ? 'expression tag' 5  8  
1 4ZJ9 HIS A 9  ? UNP D1MC98 ? ? 'expression tag' 6  9  
1 4ZJ9 HIS A 10 ? UNP D1MC98 ? ? 'expression tag' 7  10 
1 4ZJ9 GLY A 11 ? UNP D1MC98 ? ? 'expression tag' 8  11 
1 4ZJ9 MET A 12 ? UNP D1MC98 ? ? 'expression tag' 9  12 
1 4ZJ9 ALA A 13 ? UNP D1MC98 ? ? 'expression tag' 10 13 
1 4ZJ9 SER A 14 ? UNP D1MC98 ? ? 'expression tag' 11 14 
# 
loop_
_chem_comp.id 
_chem_comp.type 
_chem_comp.mon_nstd_flag 
_chem_comp.name 
_chem_comp.pdbx_synonyms 
_chem_comp.formula 
_chem_comp.formula_weight 
ALA 'L-peptide linking' y ALANINE                         ? 'C3 H7 N O2'     89.093  
ARG 'L-peptide linking' y ARGININE                        ? 'C6 H15 N4 O2 1' 175.209 
ASN 'L-peptide linking' y ASPARAGINE                      ? 'C4 H8 N2 O3'    132.118 
ASP 'L-peptide linking' y 'ASPARTIC ACID'                 ? 'C4 H7 N O4'     133.103 
GLN 'L-peptide linking' y GLUTAMINE                       ? 'C5 H10 N2 O3'   146.144 
GLU 'L-peptide linking' y 'GLUTAMIC ACID'                 ? 'C5 H9 N O4'     147.129 
GLY 'peptide linking'   y GLYCINE                         ? 'C2 H5 N O2'     75.067  
HIS 'L-peptide linking' y HISTIDINE                       ? 'C6 H10 N3 O2 1' 156.162 
HOH non-polymer         . WATER                           ? 'H2 O'           18.015  
ILE 'L-peptide linking' y ISOLEUCINE                      ? 'C6 H13 N O2'    131.173 
LEU 'L-peptide linking' y LEUCINE                         ? 'C6 H13 N O2'    131.173 
LYS 'L-peptide linking' y LYSINE                          ? 'C6 H15 N2 O2 1' 147.195 
MET 'L-peptide linking' y METHIONINE                      ? 'C5 H11 N O2 S'  149.211 
MPD non-polymer         . '(4S)-2-METHYL-2,4-PENTANEDIOL' ? 'C6 H14 O2'      118.174 
PHE 'L-peptide linking' y PHENYLALANINE                   ? 'C9 H11 N O2'    165.189 
PRO 'L-peptide linking' y PROLINE                         ? 'C5 H9 N O2'     115.130 
SER 'L-peptide linking' y SERINE                          ? 'C3 H7 N O3'     105.093 
THR 'L-peptide linking' y THREONINE                       ? 'C4 H9 N O3'     119.119 
TRP 'L-peptide linking' y TRYPTOPHAN                      ? 'C11 H12 N2 O2'  204.225 
TYR 'L-peptide linking' y TYROSINE                        ? 'C9 H11 N O3'    181.189 
VAL 'L-peptide linking' y VALINE                          ? 'C5 H11 N O2'    117.146 
# 
_exptl.absorpt_coefficient_mu     ? 
_exptl.absorpt_correction_T_max   ? 
_exptl.absorpt_correction_T_min   ? 
_exptl.absorpt_correction_type    ? 
_exptl.absorpt_process_details    ? 
_exptl.entry_id                   4ZJ9 
_exptl.crystals_number            ? 
_exptl.details                    ? 
_exptl.method                     'X-RAY DIFFRACTION' 
_exptl.method_details             ? 
# 
_exptl_crystal.colour                      ? 
_exptl_crystal.density_diffrn              ? 
_exptl_crystal.density_Matthews            1.69 
_exptl_crystal.density_method              ? 
_exptl_crystal.density_percent_sol         27.04 
_exptl_crystal.description                 'Tetragonal crystal' 
_exptl_crystal.F_000                       ? 
_exptl_crystal.id                          1 
_exptl_crystal.preparation                 ? 
_exptl_crystal.size_max                    ? 
_exptl_crystal.size_mid                    ? 
_exptl_crystal.size_min                    ? 
_exptl_crystal.size_rad                    ? 
_exptl_crystal.colour_lustre               ? 
_exptl_crystal.colour_modifier             ? 
_exptl_crystal.colour_primary              ? 
_exptl_crystal.density_meas                ? 
_exptl_crystal.density_meas_esd            ? 
_exptl_crystal.density_meas_gt             ? 
_exptl_crystal.density_meas_lt             ? 
_exptl_crystal.density_meas_temp           ? 
_exptl_crystal.density_meas_temp_esd       ? 
_exptl_crystal.density_meas_temp_gt        ? 
_exptl_crystal.density_meas_temp_lt        ? 
_exptl_crystal.pdbx_crystal_image_url      ? 
_exptl_crystal.pdbx_crystal_image_format   ? 
_exptl_crystal.pdbx_mosaicity              ? 
_exptl_crystal.pdbx_mosaicity_esd          ? 
# 
_exptl_crystal_grow.apparatus       ? 
_exptl_crystal_grow.atmosphere      ? 
_exptl_crystal_grow.crystal_id      1 
_exptl_crystal_grow.details         ? 
_exptl_crystal_grow.method          'VAPOR DIFFUSION, HANGING DROP' 
_exptl_crystal_grow.method_ref      ? 
_exptl_crystal_grow.pH              6.0 
_exptl_crystal_grow.pressure        ? 
_exptl_crystal_grow.pressure_esd    ? 
_exptl_crystal_grow.seeding         ? 
_exptl_crystal_grow.seeding_ref     ? 
_exptl_crystal_grow.temp            293 
_exptl_crystal_grow.temp_details    ? 
_exptl_crystal_grow.temp_esd        ? 
_exptl_crystal_grow.time            ? 
_exptl_crystal_grow.pdbx_details    '25% Pentaerythritol propoxylate (5/4 PO/OH), 0.1M MES-NaOH, 20% MPD' 
_exptl_crystal_grow.pdbx_pH_range   ? 
# 
_diffrn.ambient_environment    ? 
_diffrn.ambient_temp           100 
_diffrn.ambient_temp_details   ? 
_diffrn.ambient_temp_esd       ? 
_diffrn.crystal_id             1 
_diffrn.crystal_support        ? 
_diffrn.crystal_treatment      ? 
_diffrn.details                ? 
_diffrn.id                     1 
_diffrn.ambient_pressure       ? 
_diffrn.ambient_pressure_esd   ? 
_diffrn.ambient_pressure_gt    ? 
_diffrn.ambient_pressure_lt    ? 
_diffrn.ambient_temp_gt        ? 
_diffrn.ambient_temp_lt        ? 
# 
_diffrn_detector.details                      ? 
_diffrn_detector.detector                     CCD 
_diffrn_detector.diffrn_id                    1 
_diffrn_detector.type                         'MARMOSAIC 225 mm CCD' 
_diffrn_detector.area_resol_mean              ? 
_diffrn_detector.dtime                        ? 
_diffrn_detector.pdbx_frames_total            ? 
_diffrn_detector.pdbx_collection_time_total   ? 
_diffrn_detector.pdbx_collection_date         2013-12-01 
# 
_diffrn_radiation.collimation                      ? 
_diffrn_radiation.diffrn_id                        1 
_diffrn_radiation.filter_edge                      ? 
_diffrn_radiation.inhomogeneity                    ? 
_diffrn_radiation.monochromator                    ? 
_diffrn_radiation.polarisn_norm                    ? 
_diffrn_radiation.polarisn_ratio                   ? 
_diffrn_radiation.probe                            ? 
_diffrn_radiation.type                             ? 
_diffrn_radiation.xray_symbol                      ? 
_diffrn_radiation.wavelength_id                    1 
_diffrn_radiation.pdbx_monochromatic_or_laue_m_l   M 
_diffrn_radiation.pdbx_wavelength_list             ? 
_diffrn_radiation.pdbx_wavelength                  ? 
_diffrn_radiation.pdbx_diffrn_protocol             'SINGLE WAVELENGTH' 
_diffrn_radiation.pdbx_analyzer                    ? 
_diffrn_radiation.pdbx_scattering_type             x-ray 
# 
_diffrn_radiation_wavelength.id           1 
_diffrn_radiation_wavelength.wavelength   0.97856 
_diffrn_radiation_wavelength.wt           1.0 
# 
_diffrn_source.current                     ? 
_diffrn_source.details                     ? 
_diffrn_source.diffrn_id                   1 
_diffrn_source.power                       ? 
_diffrn_source.size                        ? 
_diffrn_source.source                      SYNCHROTRON 
_diffrn_source.target                      ? 
_diffrn_source.type                        'ESRF BEAMLINE BM14' 
_diffrn_source.voltage                     ? 
_diffrn_source.take-off_angle              ? 
_diffrn_source.pdbx_wavelength_list        0.97856 
_diffrn_source.pdbx_wavelength             ? 
_diffrn_source.pdbx_synchrotron_beamline   BM14 
_diffrn_source.pdbx_synchrotron_site       ESRF 
# 
_reflns.B_iso_Wilson_estimate            ? 
_reflns.entry_id                         4ZJ9 
_reflns.data_reduction_details           ? 
_reflns.data_reduction_method            ? 
_reflns.d_resolution_high                2.00 
_reflns.d_resolution_low                 34.12 
_reflns.details                          ? 
_reflns.limit_h_max                      ? 
_reflns.limit_h_min                      ? 
_reflns.limit_k_max                      ? 
_reflns.limit_k_min                      ? 
_reflns.limit_l_max                      ? 
_reflns.limit_l_min                      ? 
_reflns.number_all                       ? 
_reflns.number_obs                       8413 
_reflns.observed_criterion               ? 
_reflns.observed_criterion_F_max         ? 
_reflns.observed_criterion_F_min         ? 
_reflns.observed_criterion_I_max         ? 
_reflns.observed_criterion_I_min         ? 
_reflns.observed_criterion_sigma_F       ? 
_reflns.observed_criterion_sigma_I       ? 
_reflns.percent_possible_obs             99.8 
_reflns.R_free_details                   ? 
_reflns.Rmerge_F_all                     ? 
_reflns.Rmerge_F_obs                     ? 
_reflns.Friedel_coverage                 ? 
_reflns.number_gt                        ? 
_reflns.threshold_expression             ? 
_reflns.pdbx_redundancy                  13.8 
_reflns.pdbx_Rmerge_I_obs                ? 
_reflns.pdbx_Rmerge_I_all                ? 
_reflns.pdbx_Rsym_value                  ? 
_reflns.pdbx_netI_over_av_sigmaI         ? 
_reflns.pdbx_netI_over_sigmaI            22.9 
_reflns.pdbx_res_netI_over_av_sigmaI_2   ? 
_reflns.pdbx_res_netI_over_sigmaI_2      ? 
_reflns.pdbx_chi_squared                 ? 
_reflns.pdbx_scaling_rejects             ? 
_reflns.pdbx_d_res_high_opt              ? 
_reflns.pdbx_d_res_low_opt               ? 
_reflns.pdbx_d_res_opt_method            ? 
_reflns.phase_calculation_details        ? 
_reflns.pdbx_Rrim_I_all                  ? 
_reflns.pdbx_Rpim_I_all                  ? 
_reflns.pdbx_d_opt                       ? 
_reflns.pdbx_number_measured_all         ? 
_reflns.pdbx_diffrn_id                   1 
_reflns.pdbx_ordinal                     1 
_reflns.pdbx_CC_half                     ? 
_reflns.pdbx_R_split                     ? 
# 
_reflns_shell.Rmerge_F_all                ? 
_reflns_shell.Rmerge_F_gt                 ? 
_reflns_shell.Rmerge_F_obs                ? 
_reflns_shell.Rmerge_I_all                ? 
_reflns_shell.Rmerge_I_gt                 ? 
_reflns_shell.Rmerge_I_obs                0.719 
_reflns_shell.d_res_high                  2.00 
_reflns_shell.d_res_low                   2.11 
_reflns_shell.meanI_over_sigI_all         ? 
_reflns_shell.meanI_over_sigI_gt          ? 
_reflns_shell.meanI_over_sigI_obs         4.2 
_reflns_shell.meanI_over_uI_all           ? 
_reflns_shell.meanI_over_uI_gt            ? 
_reflns_shell.number_measured_all         ? 
_reflns_shell.number_measured_gt          ? 
_reflns_shell.number_measured_obs         ? 
_reflns_shell.number_possible             ? 
_reflns_shell.number_unique_all           ? 
_reflns_shell.number_unique_gt            ? 
_reflns_shell.number_unique_obs           ? 
_reflns_shell.pdbx_CC_half                ? 
_reflns_shell.pdbx_R_split                ? 
_reflns_shell.pdbx_Rpim_I_all             ? 
_reflns_shell.pdbx_Rrim_I_all             ? 
_reflns_shell.pdbx_Rsym_value             ? 
_reflns_shell.pdbx_chi_squared            ? 
_reflns_shell.pdbx_diffrn_id              1 
_reflns_shell.pdbx_netI_over_sigmaI_all   ? 
_reflns_shell.pdbx_netI_over_sigmaI_obs   ? 
_reflns_shell.pdbx_ordinal                1 
_reflns_shell.pdbx_redundancy             14.1 
_reflns_shell.pdbx_rejects                ? 
_reflns_shell.percent_possible_all        100 
_reflns_shell.percent_possible_gt         ? 
_reflns_shell.percent_possible_obs        ? 
# 
_refine.aniso_B[1][1]                            -0.04 
_refine.aniso_B[1][2]                            -0.00 
_refine.aniso_B[1][3]                            0.00 
_refine.aniso_B[2][2]                            -0.04 
_refine.aniso_B[2][3]                            0.00 
_refine.aniso_B[3][3]                            0.08 
_refine.B_iso_max                                ? 
_refine.B_iso_mean                               56.336 
_refine.B_iso_min                                ? 
_refine.correlation_coeff_Fo_to_Fc               0.958 
_refine.correlation_coeff_Fo_to_Fc_free          0.935 
_refine.details                                  'HYDROGENS HAVE BEEN ADDED IN THE RIDING POSITIONS' 
_refine.diff_density_max                         ? 
_refine.diff_density_max_esd                     ? 
_refine.diff_density_min                         ? 
_refine.diff_density_min_esd                     ? 
_refine.diff_density_rms                         ? 
_refine.diff_density_rms_esd                     ? 
_refine.entry_id                                 4ZJ9 
_refine.pdbx_refine_id                           'X-RAY DIFFRACTION' 
_refine.ls_abs_structure_details                 ? 
_refine.ls_abs_structure_Flack                   ? 
_refine.ls_abs_structure_Flack_esd               ? 
_refine.ls_abs_structure_Rogers                  ? 
_refine.ls_abs_structure_Rogers_esd              ? 
_refine.ls_d_res_high                            2.00 
_refine.ls_d_res_low                             34.12 
_refine.ls_extinction_coef                       ? 
_refine.ls_extinction_coef_esd                   ? 
_refine.ls_extinction_expression                 ? 
_refine.ls_extinction_method                     ? 
_refine.ls_goodness_of_fit_all                   ? 
_refine.ls_goodness_of_fit_all_esd               ? 
_refine.ls_goodness_of_fit_obs                   ? 
_refine.ls_goodness_of_fit_obs_esd               ? 
_refine.ls_hydrogen_treatment                    ? 
_refine.ls_matrix_type                           ? 
_refine.ls_number_constraints                    ? 
_refine.ls_number_parameters                     ? 
_refine.ls_number_reflns_all                     ? 
_refine.ls_number_reflns_obs                     7995 
_refine.ls_number_reflns_R_free                  378 
_refine.ls_number_reflns_R_work                  ? 
_refine.ls_number_restraints                     ? 
_refine.ls_percent_reflns_obs                    99.74 
_refine.ls_percent_reflns_R_free                 4.5 
_refine.ls_R_factor_all                          ? 
_refine.ls_R_factor_obs                          0.22155 
_refine.ls_R_factor_R_free                       0.25435 
_refine.ls_R_factor_R_free_error                 ? 
_refine.ls_R_factor_R_free_error_details         ? 
_refine.ls_R_factor_R_work                       0.21994 
_refine.ls_R_Fsqd_factor_obs                     ? 
_refine.ls_R_I_factor_obs                        ? 
_refine.ls_redundancy_reflns_all                 ? 
_refine.ls_redundancy_reflns_obs                 ? 
_refine.ls_restrained_S_all                      ? 
_refine.ls_restrained_S_obs                      ? 
_refine.ls_shift_over_esd_max                    ? 
_refine.ls_shift_over_esd_mean                   ? 
_refine.ls_structure_factor_coef                 ? 
_refine.ls_weighting_details                     ? 
_refine.ls_weighting_scheme                      ? 
_refine.ls_wR_factor_all                         ? 
_refine.ls_wR_factor_obs                         ? 
_refine.ls_wR_factor_R_free                      ? 
_refine.ls_wR_factor_R_work                      ? 
_refine.occupancy_max                            ? 
_refine.occupancy_min                            ? 
_refine.solvent_model_details                    MASK 
_refine.solvent_model_param_bsol                 ? 
_refine.solvent_model_param_ksol                 ? 
_refine.ls_R_factor_gt                           ? 
_refine.ls_goodness_of_fit_gt                    ? 
_refine.ls_goodness_of_fit_ref                   ? 
_refine.ls_shift_over_su_max                     ? 
_refine.ls_shift_over_su_max_lt                  ? 
_refine.ls_shift_over_su_mean                    ? 
_refine.ls_shift_over_su_mean_lt                 ? 
_refine.pdbx_ls_sigma_I                          ? 
_refine.pdbx_ls_sigma_F                          ? 
_refine.pdbx_ls_sigma_Fsqd                       ? 
_refine.pdbx_data_cutoff_high_absF               ? 
_refine.pdbx_data_cutoff_high_rms_absF           ? 
_refine.pdbx_data_cutoff_low_absF                ? 
_refine.pdbx_isotropic_thermal_model             ? 
_refine.pdbx_ls_cross_valid_method               THROUGHOUT 
_refine.pdbx_method_to_determine_struct          'MOLECULAR REPLACEMENT' 
_refine.pdbx_starting_model                      3W1Z 
_refine.pdbx_stereochemistry_target_values       'MAXIMUM LIKELIHOOD' 
_refine.pdbx_R_Free_selection_details            RANDOM 
_refine.pdbx_stereochem_target_val_spec_case     ? 
_refine.pdbx_overall_ESU_R                       0.174 
_refine.pdbx_overall_ESU_R_Free                  0.159 
_refine.pdbx_solvent_vdw_probe_radii             1.20 
_refine.pdbx_solvent_ion_probe_radii             0.80 
_refine.pdbx_solvent_shrinkage_radii             0.80 
_refine.pdbx_real_space_R                        ? 
_refine.pdbx_density_correlation                 ? 
_refine.pdbx_pd_number_of_powder_patterns        ? 
_refine.pdbx_pd_number_of_points                 ? 
_refine.pdbx_pd_meas_number_of_points            ? 
_refine.pdbx_pd_proc_ls_prof_R_factor            ? 
_refine.pdbx_pd_proc_ls_prof_wR_factor           ? 
_refine.pdbx_pd_Marquardt_correlation_coeff      ? 
_refine.pdbx_pd_Fsqrd_R_factor                   ? 
_refine.pdbx_pd_ls_matrix_band_width             ? 
_refine.pdbx_overall_phase_error                 ? 
_refine.pdbx_overall_SU_R_free_Cruickshank_DPI   ? 
_refine.pdbx_overall_SU_R_free_Blow_DPI          ? 
_refine.pdbx_overall_SU_R_Blow_DPI               ? 
_refine.pdbx_TLS_residual_ADP_flag               ? 
_refine.pdbx_diffrn_id                           1 
_refine.overall_SU_B                             9.865 
_refine.overall_SU_ML                            0.142 
_refine.overall_SU_R_Cruickshank_DPI             ? 
_refine.overall_SU_R_free                        ? 
_refine.overall_FOM_free_R_set                   ? 
_refine.overall_FOM_work_R_set                   ? 
_refine.pdbx_average_fsc_overall                 ? 
_refine.pdbx_average_fsc_work                    ? 
_refine.pdbx_average_fsc_free                    ? 
# 
_refine_hist.pdbx_refine_id                   'X-RAY DIFFRACTION' 
_refine_hist.cycle_id                         LAST 
_refine_hist.pdbx_number_atoms_protein        717 
_refine_hist.pdbx_number_atoms_nucleic_acid   0 
_refine_hist.pdbx_number_atoms_ligand         8 
_refine_hist.number_atoms_solvent             28 
_refine_hist.number_atoms_total               753 
_refine_hist.d_res_high                       2.00 
_refine_hist.d_res_low                        34.12 
# 
loop_
_refine_ls_restr.pdbx_refine_id 
_refine_ls_restr.criterion 
_refine_ls_restr.dev_ideal 
_refine_ls_restr.dev_ideal_target 
_refine_ls_restr.number 
_refine_ls_restr.rejects 
_refine_ls_restr.type 
_refine_ls_restr.weight 
_refine_ls_restr.pdbx_restraint_function 
'X-RAY DIFFRACTION' ? 0.017  0.019  738  ? r_bond_refined_d             ? ? 
'X-RAY DIFFRACTION' ? 0.001  0.020  692  ? r_bond_other_d               ? ? 
'X-RAY DIFFRACTION' ? 1.991  1.960  1006 ? r_angle_refined_deg          ? ? 
'X-RAY DIFFRACTION' ? 0.874  3.000  1589 ? r_angle_other_deg            ? ? 
'X-RAY DIFFRACTION' ? 6.339  5.000  92   ? r_dihedral_angle_1_deg       ? ? 
'X-RAY DIFFRACTION' ? 47.233 26.364 33   ? r_dihedral_angle_2_deg       ? ? 
'X-RAY DIFFRACTION' ? 15.114 15.000 120  ? r_dihedral_angle_3_deg       ? ? 
'X-RAY DIFFRACTION' ? 23.229 15.000 1    ? r_dihedral_angle_4_deg       ? ? 
'X-RAY DIFFRACTION' ? 0.120  0.200  118  ? r_chiral_restr               ? ? 
'X-RAY DIFFRACTION' ? 0.008  0.020  834  ? r_gen_planes_refined         ? ? 
'X-RAY DIFFRACTION' ? 0.001  0.020  157  ? r_gen_planes_other           ? ? 
'X-RAY DIFFRACTION' ? ?      ?      ?    ? r_nbd_refined                ? ? 
'X-RAY DIFFRACTION' ? ?      ?      ?    ? r_nbd_other                  ? ? 
'X-RAY DIFFRACTION' ? ?      ?      ?    ? r_nbtor_refined              ? ? 
'X-RAY DIFFRACTION' ? ?      ?      ?    ? r_nbtor_other                ? ? 
'X-RAY DIFFRACTION' ? ?      ?      ?    ? r_xyhbond_nbd_refined        ? ? 
'X-RAY DIFFRACTION' ? ?      ?      ?    ? r_xyhbond_nbd_other          ? ? 
'X-RAY DIFFRACTION' ? ?      ?      ?    ? r_metal_ion_refined          ? ? 
'X-RAY DIFFRACTION' ? ?      ?      ?    ? r_metal_ion_other            ? ? 
'X-RAY DIFFRACTION' ? ?      ?      ?    ? r_symmetry_vdw_refined       ? ? 
'X-RAY DIFFRACTION' ? ?      ?      ?    ? r_symmetry_vdw_other         ? ? 
'X-RAY DIFFRACTION' ? ?      ?      ?    ? r_symmetry_hbond_refined     ? ? 
'X-RAY DIFFRACTION' ? ?      ?      ?    ? r_symmetry_hbond_other       ? ? 
'X-RAY DIFFRACTION' ? ?      ?      ?    ? r_symmetry_metal_ion_refined ? ? 
'X-RAY DIFFRACTION' ? ?      ?      ?    ? r_symmetry_metal_ion_other   ? ? 
'X-RAY DIFFRACTION' ? 5.908  4.201  371  ? r_mcbond_it                  ? ? 
'X-RAY DIFFRACTION' ? 5.897  4.198  370  ? r_mcbond_other               ? ? 
'X-RAY DIFFRACTION' ? 9.147  6.274  462  ? r_mcangle_it                 ? ? 
'X-RAY DIFFRACTION' ? 9.141  6.279  463  ? r_mcangle_other              ? ? 
'X-RAY DIFFRACTION' ? 7.700  4.921  367  ? r_scbond_it                  ? ? 
'X-RAY DIFFRACTION' ? 7.690  4.932  368  ? r_scbond_other               ? ? 
'X-RAY DIFFRACTION' ? ?      ?      ?    ? r_scangle_it                 ? ? 
'X-RAY DIFFRACTION' ? 11.441 7.147  545  ? r_scangle_other              ? ? 
'X-RAY DIFFRACTION' ? 15.506 35.027 768  ? r_long_range_B_refined       ? ? 
'X-RAY DIFFRACTION' ? 15.568 34.847 759  ? r_long_range_B_other         ? ? 
'X-RAY DIFFRACTION' ? ?      ?      ?    ? r_rigid_bond_restr           ? ? 
'X-RAY DIFFRACTION' ? ?      ?      ?    ? r_sphericity_free            ? ? 
'X-RAY DIFFRACTION' ? ?      ?      ?    ? r_sphericity_bonded          ? ? 
# 
_refine_ls_shell.pdbx_refine_id                   'X-RAY DIFFRACTION' 
_refine_ls_shell.d_res_high                       2.000 
_refine_ls_shell.d_res_low                        2.052 
_refine_ls_shell.number_reflns_all                ? 
_refine_ls_shell.number_reflns_obs                ? 
_refine_ls_shell.number_reflns_R_free             31 
_refine_ls_shell.number_reflns_R_work             571 
_refine_ls_shell.percent_reflns_obs               100.00 
_refine_ls_shell.percent_reflns_R_free            ? 
_refine_ls_shell.R_factor_all                     ? 
_refine_ls_shell.R_factor_obs                     ? 
_refine_ls_shell.R_factor_R_free                  0.301 
_refine_ls_shell.R_factor_R_free_error            ? 
_refine_ls_shell.R_factor_R_work                  0.265 
_refine_ls_shell.redundancy_reflns_all            ? 
_refine_ls_shell.redundancy_reflns_obs            ? 
_refine_ls_shell.wR_factor_all                    ? 
_refine_ls_shell.wR_factor_obs                    ? 
_refine_ls_shell.wR_factor_R_free                 ? 
_refine_ls_shell.wR_factor_R_work                 ? 
_refine_ls_shell.pdbx_total_number_of_bins_used   20 
_refine_ls_shell.pdbx_phase_error                 ? 
_refine_ls_shell.pdbx_fsc_work                    ? 
_refine_ls_shell.pdbx_fsc_free                    ? 
# 
_struct.entry_id                     4ZJ9 
_struct.title                        'Small heat shock protein AgsA from Salmonella typhimurium: Alpha crystallin domain' 
_struct.pdbx_model_details           ? 
_struct.pdbx_formula_weight          ? 
_struct.pdbx_formula_weight_method   ? 
_struct.pdbx_model_type_details      ? 
_struct.pdbx_CASP_flag               ? 
# 
_struct_keywords.entry_id        4ZJ9 
_struct_keywords.text            'small heat shock protein, crystallin, dimer, chaperone' 
_struct_keywords.pdbx_keywords   CHAPERONE 
# 
loop_
_struct_asym.id 
_struct_asym.pdbx_blank_PDB_chainid_flag 
_struct_asym.pdbx_modified 
_struct_asym.entity_id 
_struct_asym.details 
A N N 1 ? 
B N N 2 ? 
C N N 3 ? 
# 
_struct_conf.conf_type_id            HELX_P 
_struct_conf.id                      HELX_P1 
_struct_conf.pdbx_PDB_helix_id       AA1 
_struct_conf.beg_label_comp_id       LYS 
_struct_conf.beg_label_asym_id       A 
_struct_conf.beg_label_seq_id        67 
_struct_conf.pdbx_beg_PDB_ins_code   ? 
_struct_conf.end_label_comp_id       GLU 
_struct_conf.end_label_asym_id       A 
_struct_conf.end_label_seq_id        69 
_struct_conf.pdbx_end_PDB_ins_code   ? 
_struct_conf.beg_auth_comp_id        LYS 
_struct_conf.beg_auth_asym_id        A 
_struct_conf.beg_auth_seq_id         64 
_struct_conf.end_auth_comp_id        GLU 
_struct_conf.end_auth_asym_id        A 
_struct_conf.end_auth_seq_id         66 
_struct_conf.pdbx_PDB_helix_class    5 
_struct_conf.details                 ? 
_struct_conf.pdbx_PDB_helix_length   3 
# 
_struct_conf_type.id          HELX_P 
_struct_conf_type.criteria    ? 
_struct_conf_type.reference   ? 
# 
_struct_mon_prot_cis.pdbx_id                1 
_struct_mon_prot_cis.label_comp_id          GLU 
_struct_mon_prot_cis.label_seq_id           115 
_struct_mon_prot_cis.label_asym_id          A 
_struct_mon_prot_cis.label_alt_id           . 
_struct_mon_prot_cis.pdbx_PDB_ins_code      ? 
_struct_mon_prot_cis.auth_comp_id           GLU 
_struct_mon_prot_cis.auth_seq_id            112 
_struct_mon_prot_cis.auth_asym_id           A 
_struct_mon_prot_cis.pdbx_label_comp_id_2   HIS 
_struct_mon_prot_cis.pdbx_label_seq_id_2    116 
_struct_mon_prot_cis.pdbx_label_asym_id_2   A 
_struct_mon_prot_cis.pdbx_PDB_ins_code_2    ? 
_struct_mon_prot_cis.pdbx_auth_comp_id_2    HIS 
_struct_mon_prot_cis.pdbx_auth_seq_id_2     113 
_struct_mon_prot_cis.pdbx_auth_asym_id_2    A 
_struct_mon_prot_cis.pdbx_PDB_model_num     1 
_struct_mon_prot_cis.pdbx_omega_angle       11.11 
# 
loop_
_struct_sheet.id 
_struct_sheet.type 
_struct_sheet.number_strands 
_struct_sheet.details 
AA1 ? 4 ? 
AA2 ? 3 ? 
# 
loop_
_struct_sheet_order.sheet_id 
_struct_sheet_order.range_id_1 
_struct_sheet_order.range_id_2 
_struct_sheet_order.offset 
_struct_sheet_order.sense 
AA1 1 2 ? anti-parallel 
AA1 2 3 ? anti-parallel 
AA1 3 4 ? anti-parallel 
AA2 1 2 ? anti-parallel 
AA2 2 3 ? anti-parallel 
# 
loop_
_struct_sheet_range.sheet_id 
_struct_sheet_range.id 
_struct_sheet_range.beg_label_comp_id 
_struct_sheet_range.beg_label_asym_id 
_struct_sheet_range.beg_label_seq_id 
_struct_sheet_range.pdbx_beg_PDB_ins_code 
_struct_sheet_range.end_label_comp_id 
_struct_sheet_range.end_label_asym_id 
_struct_sheet_range.end_label_seq_id 
_struct_sheet_range.pdbx_end_PDB_ins_code 
_struct_sheet_range.beg_auth_comp_id 
_struct_sheet_range.beg_auth_asym_id 
_struct_sheet_range.beg_auth_seq_id 
_struct_sheet_range.end_auth_comp_id 
_struct_sheet_range.end_auth_asym_id 
_struct_sheet_range.end_auth_seq_id 
AA1 1 TYR A 47  ? ASP A 53  ? TYR A 44  ASP A 50  
AA1 2 ASN A 56  ? SER A 62  ? ASN A 53  SER A 59  
AA1 3 LEU A 128 ? TYR A 134 ? LEU A 125 TYR A 131 
AA1 4 LYS A 118 ? GLU A 125 ? LYS A 115 GLU A 122 
AA2 1 LEU A 71  ? VAL A 76  ? LEU A 68  VAL A 73  
AA2 2 ASN A 79  ? GLY A 84  ? ASN A 76  GLY A 81  
AA2 3 PHE A 107 ? SER A 112 ? PHE A 104 SER A 109 
# 
loop_
_pdbx_struct_sheet_hbond.sheet_id 
_pdbx_struct_sheet_hbond.range_id_1 
_pdbx_struct_sheet_hbond.range_id_2 
_pdbx_struct_sheet_hbond.range_1_label_atom_id 
_pdbx_struct_sheet_hbond.range_1_label_comp_id 
_pdbx_struct_sheet_hbond.range_1_label_asym_id 
_pdbx_struct_sheet_hbond.range_1_label_seq_id 
_pdbx_struct_sheet_hbond.range_1_PDB_ins_code 
_pdbx_struct_sheet_hbond.range_1_auth_atom_id 
_pdbx_struct_sheet_hbond.range_1_auth_comp_id 
_pdbx_struct_sheet_hbond.range_1_auth_asym_id 
_pdbx_struct_sheet_hbond.range_1_auth_seq_id 
_pdbx_struct_sheet_hbond.range_2_label_atom_id 
_pdbx_struct_sheet_hbond.range_2_label_comp_id 
_pdbx_struct_sheet_hbond.range_2_label_asym_id 
_pdbx_struct_sheet_hbond.range_2_label_seq_id 
_pdbx_struct_sheet_hbond.range_2_PDB_ins_code 
_pdbx_struct_sheet_hbond.range_2_auth_atom_id 
_pdbx_struct_sheet_hbond.range_2_auth_comp_id 
_pdbx_struct_sheet_hbond.range_2_auth_asym_id 
_pdbx_struct_sheet_hbond.range_2_auth_seq_id 
AA1 1 2 N GLN A 50  ? N GLN A 47  O LEU A 58  ? O LEU A 55  
AA1 2 3 N VAL A 61  ? N VAL A 58  O LEU A 129 ? O LEU A 126 
AA1 3 4 O TYR A 134 ? O TYR A 131 N LYS A 118 ? N LYS A 115 
AA2 1 2 N GLU A 74  ? N GLU A 71  O ASN A 81  ? O ASN A 78  
AA2 2 3 N LEU A 80  ? N LEU A 77  O PHE A 111 ? O PHE A 108 
# 
_struct_site.id                   AC1 
_struct_site.pdbx_evidence_code   Software 
_struct_site.pdbx_auth_asym_id    A 
_struct_site.pdbx_auth_comp_id    MPD 
_struct_site.pdbx_auth_seq_id     201 
_struct_site.pdbx_auth_ins_code   ? 
_struct_site.pdbx_num_residues    5 
_struct_site.details              'binding site for residue MPD A 201' 
# 
loop_
_struct_site_gen.id 
_struct_site_gen.site_id 
_struct_site_gen.pdbx_num_res 
_struct_site_gen.label_comp_id 
_struct_site_gen.label_asym_id 
_struct_site_gen.label_seq_id 
_struct_site_gen.pdbx_auth_ins_code 
_struct_site_gen.auth_comp_id 
_struct_site_gen.auth_asym_id 
_struct_site_gen.auth_seq_id 
_struct_site_gen.label_atom_id 
_struct_site_gen.label_alt_id 
_struct_site_gen.symmetry 
_struct_site_gen.details 
1 AC1 5 TYR A 47  ? TYR A 44  . ? 8_667 ? 
2 AC1 5 TYR A 99  ? TYR A 96  . ? 2_575 ? 
3 AC1 5 PHE A 111 ? PHE A 108 . ? 1_555 ? 
4 AC1 5 SER A 112 ? SER A 109 . ? 1_555 ? 
5 AC1 5 PRO A 114 ? PRO A 111 . ? 1_555 ? 
# 
_atom_sites.entry_id                    4ZJ9 
_atom_sites.fract_transf_matrix[1][1]   0.01093924 
_atom_sites.fract_transf_matrix[1][2]   -0.01429193 
_atom_sites.fract_transf_matrix[1][3]   -0.00555596 
_atom_sites.fract_transf_matrix[2][1]   0.00517847 
_atom_sites.fract_transf_matrix[2][2]   -0.00298062 
_atom_sites.fract_transf_matrix[2][3]   0.01786321 
_atom_sites.fract_transf_matrix[3][1]   -0.00936275 
_atom_sites.fract_transf_matrix[3][2]   -0.00772072 
_atom_sites.fract_transf_matrix[3][3]   0.00142596 
_atom_sites.fract_transf_vector[1]      0.034702 
_atom_sites.fract_transf_vector[2]      1.156699 
_atom_sites.fract_transf_vector[3]      1.120521 
# 
loop_
_atom_type.symbol 
C 
N 
O 
# 
loop_
_atom_site.group_PDB 
_atom_site.id 
_atom_site.type_symbol 
_atom_site.label_atom_id 
_atom_site.label_alt_id 
_atom_site.label_comp_id 
_atom_site.label_asym_id 
_atom_site.label_entity_id 
_atom_site.label_seq_id 
_atom_site.pdbx_PDB_ins_code 
_atom_site.Cartn_x 
_atom_site.Cartn_y 
_atom_site.Cartn_z 
_atom_site.occupancy 
_atom_site.B_iso_or_equiv 
_atom_site.pdbx_formal_charge 
_atom_site.auth_seq_id 
_atom_site.auth_comp_id 
_atom_site.auth_asym_id 
_atom_site.auth_atom_id 
_atom_site.pdbx_PDB_model_num 
ATOM   1   N N   . ALA A 1 43  ? -4.616  12.616  -3.277  1.00 98.52  ?  40  ALA A N   1 
ATOM   2   C CA  . ALA A 1 43  ? -3.584  11.828  -4.047  1.00 96.90  ?  40  ALA A CA  1 
ATOM   3   C C   . ALA A 1 43  ? -3.408  10.436  -3.430  1.00 82.45  ?  40  ALA A C   1 
ATOM   4   O O   . ALA A 1 43  ? -2.802  10.273  -2.357  1.00 89.60  ?  40  ALA A O   1 
ATOM   5   C CB  . ALA A 1 43  ? -2.248  12.571  -4.098  1.00 101.14 ?  40  ALA A CB  1 
ATOM   6   N N   . THR A 1 44  ? -3.977  9.436   -4.106  1.00 65.70  ?  41  THR A N   1 
ATOM   7   C CA  . THR A 1 44  ? -3.876  8.039   -3.667  1.00 51.99  ?  41  THR A CA  1 
ATOM   8   C C   . THR A 1 44  ? -2.797  7.306   -4.476  1.00 50.02  ?  41  THR A C   1 
ATOM   9   O O   . THR A 1 44  ? -2.572  7.601   -5.666  1.00 43.89  ?  41  THR A O   1 
ATOM   10  C CB  . THR A 1 44  ? -5.211  7.275   -3.807  1.00 56.16  ?  41  THR A CB  1 
ATOM   11  O OG1 . THR A 1 44  ? -5.612  7.204   -5.184  1.00 50.36  ?  41  THR A OG1 1 
ATOM   12  C CG2 . THR A 1 44  ? -6.323  7.942   -2.989  1.00 69.82  ?  41  THR A CG2 1 
ATOM   13  N N   . PRO A 1 45  ? -2.120  6.350   -3.849  1.00 49.68  ?  42  PRO A N   1 
ATOM   14  C CA  . PRO A 1 45  ? -1.060  5.700   -4.587  1.00 44.17  ?  42  PRO A CA  1 
ATOM   15  C C   . PRO A 1 45  ? -1.526  4.995   -5.801  1.00 42.85  ?  42  PRO A C   1 
ATOM   16  O O   . PRO A 1 45  ? -2.589  4.327   -5.809  1.00 41.81  ?  42  PRO A O   1 
ATOM   17  C CB  . PRO A 1 45  ? -0.473  4.705   -3.563  1.00 46.28  ?  42  PRO A CB  1 
ATOM   18  C CG  . PRO A 1 45  ? -0.943  5.155   -2.247  1.00 49.44  ?  42  PRO A CG  1 
ATOM   19  C CD  . PRO A 1 45  ? -2.296  5.755   -2.510  1.00 46.54  ?  42  PRO A CD  1 
ATOM   20  N N   . ALA A 1 46  ? -0.723  5.080   -6.854  1.00 37.01  ?  43  ALA A N   1 
ATOM   21  C CA  . ALA A 1 46  ? -0.953  4.282   -8.026  1.00 35.64  ?  43  ALA A CA  1 
ATOM   22  C C   . ALA A 1 46  ? -0.892  2.805   -7.664  1.00 31.47  ?  43  ALA A C   1 
ATOM   23  O O   . ALA A 1 46  ? -0.162  2.417   -6.762  1.00 40.80  ?  43  ALA A O   1 
ATOM   24  C CB  . ALA A 1 46  ? 0.111   4.642   -9.080  1.00 41.92  ?  43  ALA A CB  1 
ATOM   25  N N   . TYR A 1 47  ? -1.633  1.980   -8.342  1.00 34.81  ?  44  TYR A N   1 
ATOM   26  C CA  . TYR A 1 47  ? -1.530  0.565   -8.159  1.00 36.17  ?  44  TYR A CA  1 
ATOM   27  C C   . TYR A 1 47  ? -1.757  -0.185  -9.485  1.00 35.74  ?  44  TYR A C   1 
ATOM   28  O O   . TYR A 1 47  ? -2.278  0.355   -10.493 1.00 36.81  ?  44  TYR A O   1 
ATOM   29  C CB  . TYR A 1 47  ? -2.471  0.063   -7.030  1.00 34.90  ?  44  TYR A CB  1 
ATOM   30  C CG  . TYR A 1 47  ? -3.959  0.135   -7.386  1.00 37.37  ?  44  TYR A CG  1 
ATOM   31  C CD1 . TYR A 1 47  ? -4.704  1.269   -7.126  1.00 38.52  ?  44  TYR A CD1 1 
ATOM   32  C CD2 . TYR A 1 47  ? -4.622  -0.964  -7.977  1.00 39.07  ?  44  TYR A CD2 1 
ATOM   33  C CE1 . TYR A 1 47  ? -6.045  1.355   -7.494  1.00 40.94  ?  44  TYR A CE1 1 
ATOM   34  C CE2 . TYR A 1 47  ? -5.972  -0.909  -8.308  1.00 41.80  ?  44  TYR A CE2 1 
ATOM   35  C CZ  . TYR A 1 47  ? -6.672  0.260   -8.091  1.00 45.79  ?  44  TYR A CZ  1 
ATOM   36  O OH  . TYR A 1 47  ? -8.015  0.298   -8.402  1.00 53.01  ?  44  TYR A OH  1 
ATOM   37  N N   . ASP A 1 48  ? -1.371  -1.445  -9.466  1.00 32.18  ?  45  ASP A N   1 
ATOM   38  C CA  . ASP A 1 48  ? -1.601  -2.350  -10.547 1.00 32.84  ?  45  ASP A CA  1 
ATOM   39  C C   . ASP A 1 48  ? -2.347  -3.499  -9.917  1.00 34.61  ?  45  ASP A C   1 
ATOM   40  O O   . ASP A 1 48  ? -2.138  -3.840  -8.741  1.00 35.52  ?  45  ASP A O   1 
ATOM   41  C CB  . ASP A 1 48  ? -0.309  -2.946  -11.069 1.00 36.45  ?  45  ASP A CB  1 
ATOM   42  C CG  . ASP A 1 48  ? 0.515   -1.975  -11.915 1.00 36.82  ?  45  ASP A CG  1 
ATOM   43  O OD1 . ASP A 1 48  ? 0.012   -0.892  -12.357 1.00 34.26  ?  45  ASP A OD1 1 
ATOM   44  O OD2 . ASP A 1 48  ? 1.697   -2.310  -12.101 1.00 37.42  ?  45  ASP A OD2 1 
ATOM   45  N N   . LEU A 1 49  ? -3.155  -4.166  -10.737 1.00 36.52  ?  46  LEU A N   1 
ATOM   46  C CA  . LEU A 1 49  ? -3.828  -5.383  -10.306 1.00 36.99  ?  46  LEU A CA  1 
ATOM   47  C C   . LEU A 1 49  ? -3.685  -6.385  -11.382 1.00 36.32  ?  46  LEU A C   1 
ATOM   48  O O   . LEU A 1 49  ? -4.062  -6.129  -12.552 1.00 39.74  ?  46  LEU A O   1 
ATOM   49  C CB  . LEU A 1 49  ? -5.312  -5.095  -9.989  1.00 41.44  ?  46  LEU A CB  1 
ATOM   50  C CG  . LEU A 1 49  ? -6.090  -6.277  -9.417  1.00 45.92  ?  46  LEU A CG  1 
ATOM   51  C CD1 . LEU A 1 49  ? -5.578  -6.722  -8.046  1.00 48.04  ?  46  LEU A CD1 1 
ATOM   52  C CD2 . LEU A 1 49  ? -7.547  -5.820  -9.373  1.00 54.41  ?  46  LEU A CD2 1 
ATOM   53  N N   . GLN A 1 50  ? -3.079  -7.498  -11.043 1.00 34.90  ?  47  GLN A N   1 
ATOM   54  C CA  . GLN A 1 50  ? -2.930  -8.546  -12.006 1.00 36.55  ?  47  GLN A CA  1 
ATOM   55  C C   . GLN A 1 50  ? -3.612  -9.811  -11.565 1.00 40.16  ?  47  GLN A C   1 
ATOM   56  O O   . GLN A 1 50  ? -3.831  -10.035 -10.387 1.00 40.35  ?  47  GLN A O   1 
ATOM   57  C CB  . GLN A 1 50  ? -1.434  -8.878  -12.172 1.00 41.84  ?  47  GLN A CB  1 
ATOM   58  C CG  . GLN A 1 50  ? -0.641  -7.767  -12.805 1.00 44.09  ?  47  GLN A CG  1 
ATOM   59  C CD  . GLN A 1 50  ? 0.869   -7.932  -12.525 1.00 46.52  ?  47  GLN A CD  1 
ATOM   60  O OE1 . GLN A 1 50  ? 1.381   -7.372  -11.598 1.00 46.53  ?  47  GLN A OE1 1 
ATOM   61  N NE2 . GLN A 1 50  ? 1.533   -8.773  -13.296 1.00 51.03  ?  47  GLN A NE2 1 
ATOM   62  N N   . LYS A 1 51  ? -3.943  -10.634 -12.551 1.00 41.83  ?  48  LYS A N   1 
ATOM   63  C CA  . LYS A 1 51  ? -4.554  -11.961 -12.393 1.00 47.27  ?  48  LYS A CA  1 
ATOM   64  C C   . LYS A 1 51  ? -3.455  -12.995 -12.856 1.00 58.71  ?  48  LYS A C   1 
ATOM   65  O O   . LYS A 1 51  ? -3.158  -13.071 -14.052 1.00 68.67  ?  48  LYS A O   1 
ATOM   66  C CB  . LYS A 1 51  ? -5.845  -11.967 -13.244 1.00 50.85  ?  48  LYS A CB  1 
ATOM   67  C CG  . LYS A 1 51  ? -6.788  -13.152 -13.113 1.00 57.43  ?  48  LYS A CG  1 
ATOM   68  C CD  . LYS A 1 51  ? -8.146  -12.875 -13.831 1.00 65.66  ?  48  LYS A CD  1 
ATOM   69  C CE  . LYS A 1 51  ? -7.971  -12.539 -15.335 1.00 73.85  ?  48  LYS A CE  1 
ATOM   70  N NZ  . LYS A 1 51  ? -9.218  -12.528 -16.187 1.00 77.15  ?  48  LYS A NZ  1 
ATOM   71  N N   . ARG A 1 52  ? -2.814  -13.713 -11.922 1.00 77.77  ?  49  ARG A N   1 
ATOM   72  C CA  . ARG A 1 52  ? -1.760  -14.693 -12.274 1.00 103.66 ?  49  ARG A CA  1 
ATOM   73  C C   . ARG A 1 52  ? -2.397  -15.920 -12.918 1.00 97.50  ?  49  ARG A C   1 
ATOM   74  O O   . ARG A 1 52  ? -1.796  -16.573 -13.760 1.00 117.85 ?  49  ARG A O   1 
ATOM   75  C CB  . ARG A 1 52  ? -0.954  -15.125 -11.047 1.00 91.49  ?  49  ARG A CB  1 
ATOM   76  C CG  . ARG A 1 52  ? -0.258  -14.004 -10.286 1.00 90.58  ?  49  ARG A CG  1 
ATOM   77  N N   . ASP A 1 53  ? -3.613  -16.223 -12.465 1.00 110.29 ?  50  ASP A N   1 
ATOM   78  C CA  . ASP A 1 53  ? -4.552  -17.147 -13.109 1.00 110.33 ?  50  ASP A CA  1 
ATOM   79  C C   . ASP A 1 53  ? -5.919  -16.911 -12.443 1.00 103.73 ?  50  ASP A C   1 
ATOM   80  O O   . ASP A 1 53  ? -6.076  -15.919 -11.744 1.00 113.49 ?  50  ASP A O   1 
ATOM   81  C CB  . ASP A 1 53  ? -4.089  -18.587 -12.955 1.00 108.22 ?  50  ASP A CB  1 
ATOM   82  C CG  . ASP A 1 53  ? -3.864  -18.964 -11.522 1.00 115.90 ?  50  ASP A CG  1 
ATOM   83  O OD1 . ASP A 1 53  ? -2.693  -18.935 -11.062 1.00 100.14 ?  50  ASP A OD1 1 
ATOM   84  O OD2 . ASP A 1 53  ? -4.874  -19.268 -10.858 1.00 116.74 ?  50  ASP A OD2 1 
ATOM   85  N N   . ALA A 1 54  ? -6.904  -17.785 -12.645 1.00 111.02 ?  51  ALA A N   1 
ATOM   86  C CA  . ALA A 1 54  ? -8.289  -17.465 -12.246 1.00 102.69 ?  51  ALA A CA  1 
ATOM   87  C C   . ALA A 1 54  ? -8.546  -17.440 -10.740 1.00 93.22  ?  51  ALA A C   1 
ATOM   88  O O   . ALA A 1 54  ? -9.451  -16.751 -10.285 1.00 92.78  ?  51  ALA A O   1 
ATOM   89  C CB  . ALA A 1 54  ? -9.270  -18.404 -12.928 1.00 116.18 ?  51  ALA A CB  1 
ATOM   90  N N   . ASN A 1 55  ? -7.744  -18.184 -9.979  1.00 95.58  ?  52  ASN A N   1 
ATOM   91  C CA  . ASN A 1 55  ? -7.858  -18.241 -8.510  1.00 95.16  ?  52  ASN A CA  1 
ATOM   92  C C   . ASN A 1 55  ? -6.781  -17.404 -7.749  1.00 99.63  ?  52  ASN A C   1 
ATOM   93  O O   . ASN A 1 55  ? -6.644  -17.529 -6.532  1.00 81.51  ?  52  ASN A O   1 
ATOM   94  C CB  . ASN A 1 55  ? -7.837  -19.715 -8.046  1.00 90.65  ?  52  ASN A CB  1 
ATOM   95  N N   . ASN A 1 56  ? -6.031  -16.563 -8.469  1.00 99.13  ?  53  ASN A N   1 
ATOM   96  C CA  . ASN A 1 56  ? -4.941  -15.737 -7.899  1.00 91.57  ?  53  ASN A CA  1 
ATOM   97  C C   . ASN A 1 56  ? -4.962  -14.273 -8.412  1.00 75.19  ?  53  ASN A C   1 
ATOM   98  O O   . ASN A 1 56  ? -5.264  -14.001 -9.567  1.00 75.30  ?  53  ASN A O   1 
ATOM   99  C CB  . ASN A 1 56  ? -3.543  -16.325 -8.212  1.00 97.70  ?  53  ASN A CB  1 
ATOM   100 C CG  . ASN A 1 56  ? -3.346  -17.733 -7.682  1.00 109.03 ?  53  ASN A CG  1 
ATOM   101 O OD1 . ASN A 1 56  ? -3.396  -18.701 -8.436  1.00 115.54 ?  53  ASN A OD1 1 
ATOM   102 N ND2 . ASN A 1 56  ? -3.096  -17.852 -6.391  1.00 96.69  ?  53  ASN A ND2 1 
ATOM   103 N N   . TYR A 1 57  ? -4.622  -13.346 -7.531  1.00 59.92  ?  54  TYR A N   1 
ATOM   104 C CA  . TYR A 1 57  ? -4.438  -11.972 -7.916  1.00 52.19  ?  54  TYR A CA  1 
ATOM   105 C C   . TYR A 1 57  ? -3.136  -11.447 -7.294  1.00 45.43  ?  54  TYR A C   1 
ATOM   106 O O   . TYR A 1 57  ? -2.686  -11.934 -6.312  1.00 42.10  ?  54  TYR A O   1 
ATOM   107 C CB  . TYR A 1 57  ? -5.629  -11.133 -7.461  1.00 52.60  ?  54  TYR A CB  1 
ATOM   108 C CG  . TYR A 1 57  ? -6.960  -11.598 -8.000  1.00 56.27  ?  54  TYR A CG  1 
ATOM   109 C CD1 . TYR A 1 57  ? -7.733  -12.552 -7.317  1.00 62.18  ?  54  TYR A CD1 1 
ATOM   110 C CD2 . TYR A 1 57  ? -7.448  -11.098 -9.189  1.00 53.40  ?  54  TYR A CD2 1 
ATOM   111 C CE1 . TYR A 1 57  ? -8.949  -12.992 -7.835  1.00 63.55  ?  54  TYR A CE1 1 
ATOM   112 C CE2 . TYR A 1 57  ? -8.661  -11.517 -9.703  1.00 60.19  ?  54  TYR A CE2 1 
ATOM   113 C CZ  . TYR A 1 57  ? -9.407  -12.464 -9.041  1.00 62.58  ?  54  TYR A CZ  1 
ATOM   114 O OH  . TYR A 1 57  ? -10.591 -12.843 -9.619  1.00 71.84  ?  54  TYR A OH  1 
ATOM   115 N N   . LEU A 1 58  ? -2.532  -10.458 -7.930  1.00 39.53  ?  55  LEU A N   1 
ATOM   116 C CA  . LEU A 1 58  ? -1.388  -9.732  -7.380  1.00 38.21  ?  55  LEU A CA  1 
ATOM   117 C C   . LEU A 1 58  ? -1.710  -8.272  -7.420  1.00 33.70  ?  55  LEU A C   1 
ATOM   118 O O   . LEU A 1 58  ? -1.951  -7.711  -8.476  1.00 30.86  ?  55  LEU A O   1 
ATOM   119 C CB  . LEU A 1 58  ? -0.089  -10.018 -8.097  1.00 43.55  ?  55  LEU A CB  1 
ATOM   120 C CG  . LEU A 1 58  ? 1.114   -9.236  -7.505  1.00 43.01  ?  55  LEU A CG  1 
ATOM   121 C CD1 . LEU A 1 58  ? 1.563   -9.792  -6.159  1.00 41.75  ?  55  LEU A CD1 1 
ATOM   122 C CD2 . LEU A 1 58  ? 2.296   -9.189  -8.481  1.00 47.12  ?  55  LEU A CD2 1 
ATOM   123 N N   . LEU A 1 59  ? -1.730  -7.669  -6.243  1.00 32.18  ?  56  LEU A N   1 
ATOM   124 C CA  . LEU A 1 59  ? -1.930  -6.248  -6.109  1.00 32.52  ?  56  LEU A CA  1 
ATOM   125 C C   . LEU A 1 59  ? -0.570  -5.622  -5.875  1.00 29.68  ?  56  LEU A C   1 
ATOM   126 O O   . LEU A 1 59  ? 0.206   -6.048  -4.994  1.00 31.00  ?  56  LEU A O   1 
ATOM   127 C CB  . LEU A 1 59  ? -2.840  -5.969  -4.903  1.00 37.03  ?  56  LEU A CB  1 
ATOM   128 C CG  . LEU A 1 59  ? -2.936  -4.513  -4.512  1.00 35.96  ?  56  LEU A CG  1 
ATOM   129 C CD1 . LEU A 1 59  ? -3.670  -3.729  -5.583  1.00 35.75  ?  56  LEU A CD1 1 
ATOM   130 C CD2 . LEU A 1 59  ? -3.639  -4.472  -3.163  1.00 41.26  ?  56  LEU A CD2 1 
ATOM   131 N N   . THR A 1 60  ? -0.258  -4.616  -6.665  1.00 31.97  ?  57  THR A N   1 
ATOM   132 C CA  . THR A 1 60  ? 0.976   -3.859  -6.465  1.00 28.01  ?  57  THR A CA  1 
ATOM   133 C C   . THR A 1 60  ? 0.659   -2.410  -6.198  1.00 26.50  ?  57  THR A C   1 
ATOM   134 O O   . THR A 1 60  ? 0.039   -1.725  -7.031  1.00 32.92  ?  57  THR A O   1 
ATOM   135 C CB  . THR A 1 60  ? 1.866   -3.984  -7.764  1.00 32.37  ?  57  THR A CB  1 
ATOM   136 O OG1 . THR A 1 60  ? 2.178   -5.364  -7.935  1.00 36.44  ?  57  THR A OG1 1 
ATOM   137 C CG2 . THR A 1 60  ? 3.153   -3.232  -7.632  1.00 35.53  ?  57  THR A CG2 1 
ATOM   138 N N   . VAL A 1 61  ? 1.109   -1.915  -5.044  1.00 26.28  ?  58  VAL A N   1 
ATOM   139 C CA  . VAL A 1 61  ? 0.879   -0.531  -4.710  1.00 27.39  ?  58  VAL A CA  1 
ATOM   140 C C   . VAL A 1 61  ? 2.218   0.219   -4.705  1.00 27.78  ?  58  VAL A C   1 
ATOM   141 O O   . VAL A 1 61  ? 3.190   -0.237  -4.119  1.00 29.37  ?  58  VAL A O   1 
ATOM   142 C CB  . VAL A 1 61  ? 0.219   -0.412  -3.331  1.00 28.67  ?  58  VAL A CB  1 
ATOM   143 C CG1 . VAL A 1 61  ? -0.210  1.030   -3.052  1.00 30.65  ?  58  VAL A CG1 1 
ATOM   144 C CG2 . VAL A 1 61  ? -0.987  -1.314  -3.279  1.00 31.90  ?  58  VAL A CG2 1 
ATOM   145 N N   . SER A 1 62  ? 2.226   1.379   -5.372  1.00 28.64  ?  59  SER A N   1 
ATOM   146 C CA  . SER A 1 62  ? 3.432   2.245   -5.456  1.00 28.30  ?  59  SER A CA  1 
ATOM   147 C C   . SER A 1 62  ? 3.535   3.054   -4.150  1.00 31.81  ?  59  SER A C   1 
ATOM   148 O O   . SER A 1 62  ? 2.677   3.890   -3.889  1.00 32.66  ?  59  SER A O   1 
ATOM   149 C CB  . SER A 1 62  ? 3.374   3.222   -6.621  1.00 30.77  ?  59  SER A CB  1 
ATOM   150 O OG  . SER A 1 62  ? 4.629   3.969   -6.704  1.00 32.40  ?  59  SER A OG  1 
ATOM   151 N N   . VAL A 1 63  ? 4.534   2.747   -3.319  1.00 30.70  ?  60  VAL A N   1 
ATOM   152 C CA  . VAL A 1 63  ? 4.657   3.368   -2.023  1.00 32.31  ?  60  VAL A CA  1 
ATOM   153 C C   . VAL A 1 63  ? 6.145   3.756   -1.770  1.00 31.56  ?  60  VAL A C   1 
ATOM   154 O O   . VAL A 1 63  ? 6.759   3.296   -0.800  1.00 32.38  ?  60  VAL A O   1 
ATOM   155 C CB  . VAL A 1 63  ? 4.109   2.496   -0.882  1.00 31.42  ?  60  VAL A CB  1 
ATOM   156 C CG1 . VAL A 1 63  ? 2.570   2.522   -0.894  1.00 37.18  ?  60  VAL A CG1 1 
ATOM   157 C CG2 . VAL A 1 63  ? 4.686   1.130   -0.968  1.00 33.22  ?  60  VAL A CG2 1 
ATOM   158 N N   . PRO A 1 64  ? 6.713   4.642   -2.633  1.00 30.37  ?  61  PRO A N   1 
ATOM   159 C CA  . PRO A 1 64  ? 8.154   4.919   -2.467  1.00 29.26  ?  61  PRO A CA  1 
ATOM   160 C C   . PRO A 1 64  ? 8.349   5.732   -1.197  1.00 32.53  ?  61  PRO A C   1 
ATOM   161 O O   . PRO A 1 64  ? 7.484   6.566   -0.862  1.00 30.87  ?  61  PRO A O   1 
ATOM   162 C CB  . PRO A 1 64  ? 8.489   5.695   -3.720  1.00 31.75  ?  61  PRO A CB  1 
ATOM   163 C CG  . PRO A 1 64  ? 7.195   6.318   -4.186  1.00 33.40  ?  61  PRO A CG  1 
ATOM   164 C CD  . PRO A 1 64  ? 6.174   5.270   -3.834  1.00 33.47  ?  61  PRO A CD  1 
ATOM   165 N N   . GLY A 1 65  ? 9.433   5.457   -0.473  1.00 34.91  ?  62  GLY A N   1 
ATOM   166 C CA  . GLY A 1 65  ? 9.690   6.125   0.795   1.00 37.54  ?  62  GLY A CA  1 
ATOM   167 C C   . GLY A 1 65  ? 8.902   5.690   2.015   1.00 36.24  ?  62  GLY A C   1 
ATOM   168 O O   . GLY A 1 65  ? 9.118   6.182   3.146   1.00 37.10  ?  62  GLY A O   1 
ATOM   169 N N   . TRP A 1 66  ? 7.932   4.823   1.807   1.00 34.46  ?  63  TRP A N   1 
ATOM   170 C CA  . TRP A 1 66  ? 7.127   4.300   2.942   1.00 36.52  ?  63  TRP A CA  1 
ATOM   171 C C   . TRP A 1 66  ? 7.885   3.204   3.670   1.00 36.07  ?  63  TRP A C   1 
ATOM   172 O O   . TRP A 1 66  ? 8.536   2.368   3.001   1.00 35.85  ?  63  TRP A O   1 
ATOM   173 C CB  . TRP A 1 66  ? 5.768   3.780   2.445   1.00 34.71  ?  63  TRP A CB  1 
ATOM   174 C CG  . TRP A 1 66  ? 4.845   4.864   2.067   1.00 32.10  ?  63  TRP A CG  1 
ATOM   175 C CD1 . TRP A 1 66  ? 4.802   5.536   0.903   1.00 34.57  ?  63  TRP A CD1 1 
ATOM   176 C CD2 . TRP A 1 66  ? 3.824   5.403   2.895   1.00 30.42  ?  63  TRP A CD2 1 
ATOM   177 N NE1 . TRP A 1 66  ? 3.821   6.460   0.929   1.00 35.41  ?  63  TRP A NE1 1 
ATOM   178 C CE2 . TRP A 1 66  ? 3.182   6.392   2.153   1.00 33.62  ?  63  TRP A CE2 1 
ATOM   179 C CE3 . TRP A 1 66  ? 3.423   5.152   4.201   1.00 36.34  ?  63  TRP A CE3 1 
ATOM   180 C CZ2 . TRP A 1 66  ? 2.153   7.141   2.652   1.00 37.44  ?  63  TRP A CZ2 1 
ATOM   181 C CZ3 . TRP A 1 66  ? 2.381   5.905   4.718   1.00 42.53  ?  63  TRP A CZ3 1 
ATOM   182 C CH2 . TRP A 1 66  ? 1.743   6.888   3.930   1.00 37.51  ?  63  TRP A CH2 1 
ATOM   183 N N   . LYS A 1 67  ? 7.823   3.234   5.013   1.00 37.92  ?  64  LYS A N   1 
ATOM   184 C CA  . LYS A 1 67  ? 8.419   2.214   5.881   1.00 39.04  ?  64  LYS A CA  1 
ATOM   185 C C   . LYS A 1 67  ? 7.375   1.151   6.296   1.00 37.27  ?  64  LYS A C   1 
ATOM   186 O O   . LYS A 1 67  ? 6.167   1.384   6.252   1.00 40.33  ?  64  LYS A O   1 
ATOM   187 C CB  . LYS A 1 67  ? 9.051   2.833   7.129   1.00 47.16  ?  64  LYS A CB  1 
ATOM   188 C CG  . LYS A 1 67  ? 10.289  3.709   6.887   1.00 53.01  ?  64  LYS A CG  1 
ATOM   189 C CD  . LYS A 1 67  ? 10.734  4.387   8.175   1.00 63.35  ?  64  LYS A CD  1 
ATOM   190 N N   . GLU A 1 68  ? 7.866   -0.022  6.690   1.00 42.00  ?  65  GLU A N   1 
ATOM   191 C CA  . GLU A 1 68  ? 6.969   -1.139  6.984   1.00 47.12  ?  65  GLU A CA  1 
ATOM   192 C C   . GLU A 1 68  ? 6.086   -0.750  8.140   1.00 45.71  ?  65  GLU A C   1 
ATOM   193 O O   . GLU A 1 68  ? 4.892   -1.000  8.134   1.00 46.62  ?  65  GLU A O   1 
ATOM   194 C CB  . GLU A 1 68  ? 7.690   -2.485  7.216   1.00 49.48  ?  65  GLU A CB  1 
ATOM   195 C CG  . GLU A 1 68  ? 8.449   -2.652  8.531   1.00 59.65  ?  65  GLU A CG  1 
ATOM   196 C CD  . GLU A 1 68  ? 9.333   -3.941  8.597   1.00 64.20  ?  65  GLU A CD  1 
ATOM   197 O OE1 . GLU A 1 68  ? 9.171   -4.873  7.776   1.00 58.50  ?  65  GLU A OE1 1 
ATOM   198 O OE2 . GLU A 1 68  ? 10.227  -4.022  9.474   1.00 71.25  ?  65  GLU A OE2 1 
ATOM   199 N N   . GLU A 1 69  ? 6.629   -0.044  9.096   1.00 48.83  ?  66  GLU A N   1 
ATOM   200 C CA  . GLU A 1 69  ? 5.781   0.386   10.244  1.00 54.59  ?  66  GLU A CA  1 
ATOM   201 C C   . GLU A 1 69  ? 4.653   1.392   9.905   1.00 50.03  ?  66  GLU A C   1 
ATOM   202 O O   . GLU A 1 69  ? 3.757   1.596   10.701  1.00 49.57  ?  66  GLU A O   1 
ATOM   203 C CB  . GLU A 1 69  ? 6.633   0.952   11.405  1.00 63.55  ?  66  GLU A CB  1 
ATOM   204 C CG  . GLU A 1 69  ? 7.472   2.162   11.047  1.00 65.96  ?  66  GLU A CG  1 
ATOM   205 C CD  . GLU A 1 69  ? 8.844   1.779   10.522  1.00 73.30  ?  66  GLU A CD  1 
ATOM   206 O OE1 . GLU A 1 69  ? 9.049   0.614   10.049  1.00 68.28  ?  66  GLU A OE1 1 
ATOM   207 O OE2 . GLU A 1 69  ? 9.719   2.667   10.582  1.00 86.30  ?  66  GLU A OE2 1 
ATOM   208 N N   . GLU A 1 70  ? 4.719   2.048   8.743   1.00 41.67  ?  67  GLU A N   1 
ATOM   209 C CA  . GLU A 1 70  ? 3.677   3.027   8.348   1.00 39.20  ?  67  GLU A CA  1 
ATOM   210 C C   . GLU A 1 70  ? 2.543   2.386   7.543   1.00 42.01  ?  67  GLU A C   1 
ATOM   211 O O   . GLU A 1 70  ? 1.517   3.080   7.211   1.00 41.41  ?  67  GLU A O   1 
ATOM   212 C CB  . GLU A 1 70  ? 4.310   4.085   7.445   1.00 41.63  ?  67  GLU A CB  1 
ATOM   213 C CG  . GLU A 1 70  ? 5.496   4.828   8.054   1.00 45.40  ?  67  GLU A CG  1 
ATOM   214 C CD  . GLU A 1 70  ? 6.056   5.886   7.097   1.00 52.40  ?  67  GLU A CD  1 
ATOM   215 O OE1 . GLU A 1 70  ? 6.733   5.475   6.120   1.00 47.05  ?  67  GLU A OE1 1 
ATOM   216 O OE2 . GLU A 1 70  ? 5.829   7.116   7.282   1.00 52.16  ?  67  GLU A OE2 1 
ATOM   217 N N   . LEU A 1 71  ? 2.686   1.081   7.262   1.00 50.22  ?  68  LEU A N   1 
ATOM   218 C CA  . LEU A 1 71  ? 1.783   0.379   6.369   1.00 44.66  ?  68  LEU A CA  1 
ATOM   219 C C   . LEU A 1 71  ? 1.045   -0.716  7.079   1.00 49.94  ?  68  LEU A C   1 
ATOM   220 O O   . LEU A 1 71  ? 1.645   -1.452  7.857   1.00 49.10  ?  68  LEU A O   1 
ATOM   221 C CB  . LEU A 1 71  ? 2.535   -0.175  5.134   1.00 43.19  ?  68  LEU A CB  1 
ATOM   222 C CG  . LEU A 1 71  ? 3.173   0.856   4.202   1.00 44.17  ?  68  LEU A CG  1 
ATOM   223 C CD1 . LEU A 1 71  ? 4.126   0.212   3.182   1.00 42.57  ?  68  LEU A CD1 1 
ATOM   224 C CD2 . LEU A 1 71  ? 2.100   1.680   3.506   1.00 44.40  ?  68  LEU A CD2 1 
ATOM   225 N N   . GLU A 1 72  ? -0.249  -0.844  6.801   1.00 47.64  ?  69  GLU A N   1 
ATOM   226 C CA  . GLU A 1 72  ? -1.032  -1.904  7.401   1.00 49.82  ?  69  GLU A CA  1 
ATOM   227 C C   . GLU A 1 72  ? -1.976  -2.497  6.433   1.00 47.02  ?  69  GLU A C   1 
ATOM   228 O O   . GLU A 1 72  ? -2.446  -1.822  5.528   1.00 41.51  ?  69  GLU A O   1 
ATOM   229 C CB  . GLU A 1 72  ? -1.698  -1.396  8.646   1.00 54.79  ?  69  GLU A CB  1 
ATOM   230 C CG  . GLU A 1 72  ? -0.699  -1.582  9.782   1.00 68.94  ?  69  GLU A CG  1 
ATOM   231 C CD  . GLU A 1 72  ? -1.191  -1.203  11.138  1.00 74.75  ?  69  GLU A CD  1 
ATOM   232 O OE1 . GLU A 1 72  ? -2.394  -1.422  11.440  1.00 88.35  ?  69  GLU A OE1 1 
ATOM   233 O OE2 . GLU A 1 72  ? -0.326  -0.713  11.895  1.00 85.95  ?  69  GLU A OE2 1 
ATOM   234 N N   . ILE A 1 73  ? -2.105  -3.817  6.512   1.00 45.24  ?  70  ILE A N   1 
ATOM   235 C CA  . ILE A 1 73  ? -3.016  -4.533  5.683   1.00 46.63  ?  70  ILE A CA  1 
ATOM   236 C C   . ILE A 1 73  ? -3.858  -5.311  6.643   1.00 51.49  ?  70  ILE A C   1 
ATOM   237 O O   . ILE A 1 73  ? -3.345  -5.813  7.657   1.00 58.01  ?  70  ILE A O   1 
ATOM   238 C CB  . ILE A 1 73  ? -2.353  -5.456  4.632   1.00 55.20  ?  70  ILE A CB  1 
ATOM   239 C CG1 . ILE A 1 73  ? -1.479  -6.509  5.286   1.00 64.93  ?  70  ILE A CG1 1 
ATOM   240 C CG2 . ILE A 1 73  ? -1.424  -4.670  3.727   1.00 60.59  ?  70  ILE A CG2 1 
ATOM   241 C CD1 . ILE A 1 73  ? -1.022  -7.572  4.313   1.00 71.08  ?  70  ILE A CD1 1 
ATOM   242 N N   . GLU A 1 74  ? -5.162  -5.334  6.377   1.00 48.25  ?  71  GLU A N   1 
ATOM   243 C CA  . GLU A 1 74  ? -6.069  -6.094  7.225   1.00 56.64  ?  71  GLU A CA  1 
ATOM   244 C C   . GLU A 1 74  ? -7.246  -6.480  6.354   1.00 56.35  ?  71  GLU A C   1 
ATOM   245 O O   . GLU A 1 74  ? -7.604  -5.764  5.399   1.00 55.85  ?  71  GLU A O   1 
ATOM   246 C CB  . GLU A 1 74  ? -6.515  -5.289  8.445   1.00 65.28  ?  71  GLU A CB  1 
ATOM   247 C CG  . GLU A 1 74  ? -7.684  -4.358  8.154   1.00 76.14  ?  71  GLU A CG  1 
ATOM   248 C CD  . GLU A 1 74  ? -7.917  -3.305  9.236   1.00 88.00  ?  71  GLU A CD  1 
ATOM   249 O OE1 . GLU A 1 74  ? -7.899  -3.659  10.445  1.00 85.43  ?  71  GLU A OE1 1 
ATOM   250 O OE2 . GLU A 1 74  ? -8.127  -2.122  8.855   1.00 97.71  ?  71  GLU A OE2 1 
ATOM   251 N N   . THR A 1 75  ? -7.791  -7.651  6.654   1.00 53.40  ?  72  THR A N   1 
ATOM   252 C CA  . THR A 1 75  ? -8.984  -8.178  5.984   1.00 53.46  ?  72  THR A CA  1 
ATOM   253 C C   . THR A 1 75  ? -10.125 -7.987  7.012   1.00 57.44  ?  72  THR A C   1 
ATOM   254 O O   . THR A 1 75  ? -10.029 -8.433  8.130   1.00 62.94  ?  72  THR A O   1 
ATOM   255 C CB  . THR A 1 75  ? -8.752  -9.661  5.613   1.00 58.84  ?  72  THR A CB  1 
ATOM   256 O OG1 . THR A 1 75  ? -8.015  -10.285 6.670   1.00 79.67  ?  72  THR A OG1 1 
ATOM   257 C CG2 . THR A 1 75  ? -7.871  -9.815  4.361   1.00 51.85  ?  72  THR A CG2 1 
ATOM   258 N N   . VAL A 1 76  ? -11.155 -7.252  6.641   1.00 58.15  ?  73  VAL A N   1 
ATOM   259 C CA  . VAL A 1 76  ? -12.249 -6.931  7.518   1.00 66.22  ?  73  VAL A CA  1 
ATOM   260 C C   . VAL A 1 76  ? -13.576 -6.965  6.747   1.00 68.67  ?  73  VAL A C   1 
ATOM   261 O O   . VAL A 1 76  ? -13.764 -6.228  5.782   1.00 71.98  ?  73  VAL A O   1 
ATOM   262 C CB  . VAL A 1 76  ? -11.993 -5.556  8.133   1.00 72.05  ?  73  VAL A CB  1 
ATOM   263 C CG1 . VAL A 1 76  ? -13.282 -4.773  8.353   1.00 82.24  ?  73  VAL A CG1 1 
ATOM   264 C CG2 . VAL A 1 76  ? -11.227 -5.731  9.426   1.00 76.67  ?  73  VAL A CG2 1 
ATOM   265 N N   . GLY A 1 77  ? -14.505 -7.818  7.185   1.00 78.95  ?  74  GLY A N   1 
ATOM   266 C CA  . GLY A 1 77  ? -15.842 -7.890  6.578   1.00 77.70  ?  74  GLY A CA  1 
ATOM   267 C C   . GLY A 1 77  ? -15.769 -8.160  5.085   1.00 73.44  ?  74  GLY A C   1 
ATOM   268 O O   . GLY A 1 77  ? -16.549 -7.605  4.277   1.00 74.60  ?  74  GLY A O   1 
ATOM   269 N N   . GLY A 1 78  ? -14.814 -9.009  4.711   1.00 62.98  ?  75  GLY A N   1 
ATOM   270 C CA  . GLY A 1 78  ? -14.646 -9.364  3.305   1.00 64.90  ?  75  GLY A CA  1 
ATOM   271 C C   . GLY A 1 78  ? -13.891 -8.361  2.432   1.00 55.14  ?  75  GLY A C   1 
ATOM   272 O O   . GLY A 1 78  ? -13.712 -8.612  1.249   1.00 59.48  ?  75  GLY A O   1 
ATOM   273 N N   . ASN A 1 79  ? -13.503 -7.212  2.986   1.00 53.89  ?  76  ASN A N   1 
ATOM   274 C CA  . ASN A 1 79  ? -12.640 -6.273  2.248   1.00 55.20  ?  76  ASN A CA  1 
ATOM   275 C C   . ASN A 1 79  ? -11.185 -6.253  2.788   1.00 48.19  ?  76  ASN A C   1 
ATOM   276 O O   . ASN A 1 79  ? -10.938 -6.382  3.970   1.00 46.74  ?  76  ASN A O   1 
ATOM   277 C CB  . ASN A 1 79  ? -13.288 -4.864  2.153   1.00 58.46  ?  76  ASN A CB  1 
ATOM   278 C CG  . ASN A 1 79  ? -14.754 -4.927  1.656   1.00 67.25  ?  76  ASN A CG  1 
ATOM   279 O OD1 . ASN A 1 79  ? -15.051 -5.446  0.575   1.00 62.78  ?  76  ASN A OD1 1 
ATOM   280 N ND2 . ASN A 1 79  ? -15.667 -4.409  2.461   1.00 73.29  ?  76  ASN A ND2 1 
ATOM   281 N N   . LEU A 1 80  ? -10.253 -6.113  1.848   1.00 46.79  ?  77  LEU A N   1 
ATOM   282 C CA  . LEU A 1 80  ? -8.814  -5.939  2.090   1.00 44.00  ?  77  LEU A CA  1 
ATOM   283 C C   . LEU A 1 80  ? -8.580  -4.463  2.129   1.00 44.76  ?  77  LEU A C   1 
ATOM   284 O O   . LEU A 1 80  ? -8.886  -3.767  1.140   1.00 46.22  ?  77  LEU A O   1 
ATOM   285 C CB  . LEU A 1 80  ? -8.010  -6.514  0.927   1.00 45.74  ?  77  LEU A CB  1 
ATOM   286 C CG  . LEU A 1 80  ? -6.512  -6.197  0.962   1.00 47.00  ?  77  LEU A CG  1 
ATOM   287 C CD1 . LEU A 1 80  ? -5.877  -6.746  2.238   1.00 49.87  ?  77  LEU A CD1 1 
ATOM   288 C CD2 . LEU A 1 80  ? -5.860  -6.793  -0.257  1.00 47.94  ?  77  LEU A CD2 1 
ATOM   289 N N   . ASN A 1 81  ? -8.012  -4.001  3.246   1.00 41.64  ?  78  ASN A N   1 
ATOM   290 C CA  . ASN A 1 81  ? -7.767  -2.601  3.479   1.00 44.90  ?  78  ASN A CA  1 
ATOM   291 C C   . ASN A 1 81  ? -6.277  -2.427  3.639   1.00 43.05  ?  78  ASN A C   1 
ATOM   292 O O   . ASN A 1 81  ? -5.636  -3.156  4.416   1.00 41.25  ?  78  ASN A O   1 
ATOM   293 C CB  . ASN A 1 81  ? -8.501  -2.097  4.712   1.00 48.52  ?  78  ASN A CB  1 
ATOM   294 C CG  . ASN A 1 81  ? -10.010 -2.122  4.529   1.00 56.66  ?  78  ASN A CG  1 
ATOM   295 O OD1 . ASN A 1 81  ? -10.552 -1.724  3.452   1.00 57.24  ?  78  ASN A OD1 1 
ATOM   296 N ND2 . ASN A 1 81  ? -10.707 -2.598  5.561   1.00 69.15  ?  78  ASN A ND2 1 
ATOM   297 N N   . ILE A 1 82  ? -5.734  -1.532  2.845   1.00 42.32  ?  79  ILE A N   1 
ATOM   298 C CA  . ILE A 1 82  ? -4.330  -1.187  2.904   1.00 44.14  ?  79  ILE A CA  1 
ATOM   299 C C   . ILE A 1 82  ? -4.252  0.266   3.339   1.00 44.03  ?  79  ILE A C   1 
ATOM   300 O O   . ILE A 1 82  ? -4.705  1.150   2.626   1.00 44.73  ?  79  ILE A O   1 
ATOM   301 C CB  . ILE A 1 82  ? -3.653  -1.286  1.524   1.00 46.34  ?  79  ILE A CB  1 
ATOM   302 C CG1 . ILE A 1 82  ? -3.979  -2.577  0.762   1.00 50.25  ?  79  ILE A CG1 1 
ATOM   303 C CG2 . ILE A 1 82  ? -2.126  -0.997  1.653   1.00 49.94  ?  79  ILE A CG2 1 
ATOM   304 C CD1 . ILE A 1 82  ? -3.470  -3.834  1.375   1.00 59.88  ?  79  ILE A CD1 1 
ATOM   305 N N   . THR A 1 83  ? -3.637  0.519   4.484   1.00 44.41  ?  80  THR A N   1 
ATOM   306 C CA  . THR A 1 83  ? -3.604  1.860   5.063   1.00 48.56  ?  80  THR A CA  1 
ATOM   307 C C   . THR A 1 83  ? -2.191  2.322   5.263   1.00 47.20  ?  80  THR A C   1 
ATOM   308 O O   . THR A 1 83  ? -1.387  1.637   5.863   1.00 47.19  ?  80  THR A O   1 
ATOM   309 C CB  . THR A 1 83  ? -4.261  1.868   6.451   1.00 50.63  ?  80  THR A CB  1 
ATOM   310 O OG1 . THR A 1 83  ? -5.552  1.269   6.345   1.00 60.23  ?  80  THR A OG1 1 
ATOM   311 C CG2 . THR A 1 83  ? -4.386  3.285   6.979   1.00 55.45  ?  80  THR A CG2 1 
ATOM   312 N N   . GLY A 1 84  ? -1.899  3.506   4.792   1.00 46.85  ?  81  GLY A N   1 
ATOM   313 C CA  . GLY A 1 84  ? -0.632  4.132   5.028   1.00 43.65  ?  81  GLY A CA  1 
ATOM   314 C C   . GLY A 1 84  ? -0.875  5.317   5.908   1.00 50.18  ?  81  GLY A C   1 
ATOM   315 O O   . GLY A 1 84  ? -1.659  6.234   5.559   1.00 50.67  ?  81  GLY A O   1 
ATOM   316 N N   . LYS A 1 85  ? -0.203  5.307   7.056   1.00 46.19  ?  82  LYS A N   1 
ATOM   317 C CA  . LYS A 1 85  ? -0.324  6.405   7.991   1.00 54.86  ?  82  LYS A CA  1 
ATOM   318 C C   . LYS A 1 85  ? 1.066   6.876   8.311   1.00 57.37  ?  82  LYS A C   1 
ATOM   319 O O   . LYS A 1 85  ? 1.824   6.217   9.034   1.00 51.18  ?  82  LYS A O   1 
ATOM   320 C CB  . LYS A 1 85  ? -1.143  6.083   9.258   1.00 58.91  ?  82  LYS A CB  1 
ATOM   321 C CG  . LYS A 1 85  ? -2.641  6.342   9.028   1.00 71.73  ?  82  LYS A CG  1 
ATOM   322 C CD  . LYS A 1 85  ? -3.469  5.905   10.233  1.00 84.18  ?  82  LYS A CD  1 
ATOM   323 C CE  . LYS A 1 85  ? -4.897  5.487   9.872   1.00 91.33  ?  82  LYS A CE  1 
ATOM   324 N NZ  . LYS A 1 85  ? -5.570  4.801   11.017  1.00 100.23 ?  82  LYS A NZ  1 
ATOM   325 N N   . HIS A 1 86  ? 1.358   8.020   7.701   1.00 68.23  ?  83  HIS A N   1 
ATOM   326 C CA  . HIS A 1 86  ? 2.680   8.566   7.657   1.00 85.82  ?  83  HIS A CA  1 
ATOM   327 C C   . HIS A 1 86  ? 2.954   9.286   8.959   1.00 93.09  ?  83  HIS A C   1 
ATOM   328 O O   . HIS A 1 86  ? 2.141   10.049  9.526   1.00 88.49  ?  83  HIS A O   1 
ATOM   329 C CB  . HIS A 1 86  ? 2.973   9.398   6.366   1.00 88.00  ?  83  HIS A CB  1 
ATOM   330 C CG  . HIS A 1 86  ? 2.499   10.809  6.424   1.00 99.18  ?  83  HIS A CG  1 
ATOM   331 N ND1 . HIS A 1 86  ? 1.172   11.149  6.570   1.00 107.66 ?  83  HIS A ND1 1 
ATOM   332 C CD2 . HIS A 1 86  ? 3.180   11.976  6.358   1.00 107.48 ?  83  HIS A CD2 1 
ATOM   333 C CE1 . HIS A 1 86  ? 1.054   12.462  6.606   1.00 111.95 ?  83  HIS A CE1 1 
ATOM   334 N NE2 . HIS A 1 86  ? 2.259   12.990  6.479   1.00 112.48 ?  83  HIS A NE2 1 
ATOM   335 N N   . THR A 1 87  ? 4.164   9.004   9.384   1.00 104.84 ?  84  THR A N   1 
ATOM   336 C CA  . THR A 1 87  ? 4.612   9.135   10.735  1.00 124.67 ?  84  THR A CA  1 
ATOM   337 C C   . THR A 1 87  ? 4.385   10.507  11.362  1.00 130.82 ?  84  THR A C   1 
ATOM   338 O O   . THR A 1 87  ? 4.293   11.552  10.677  1.00 129.01 ?  84  THR A O   1 
ATOM   339 C CB  . THR A 1 87  ? 6.117   8.775   10.798  1.00 125.25 ?  84  THR A CB  1 
ATOM   340 O OG1 . THR A 1 87  ? 6.280   7.399   10.445  1.00 126.36 ?  84  THR A OG1 1 
ATOM   341 C CG2 . THR A 1 87  ? 6.719   8.991   12.194  1.00 127.58 ?  84  THR A CG2 1 
ATOM   342 N N   . GLU A 1 88  ? 4.281   10.442  12.692  1.00 127.20 ?  85  GLU A N   1 
ATOM   343 C CA  . GLU A 1 88  ? 4.363   11.585  13.583  1.00 128.18 ?  85  GLU A CA  1 
ATOM   344 C C   . GLU A 1 88  ? 5.332   12.605  13.040  1.00 114.08 ?  85  GLU A C   1 
ATOM   345 O O   . GLU A 1 88  ? 6.489   12.299  12.789  1.00 94.23  ?  85  GLU A O   1 
ATOM   346 C CB  . GLU A 1 88  ? 4.830   11.145  14.976  1.00 131.65 ?  85  GLU A CB  1 
ATOM   347 N N   . GLU A 1 89  ? 4.841   13.824  12.872  1.00 115.84 ?  86  GLU A N   1 
ATOM   348 C CA  . GLU A 1 89  ? 5.591   14.823  12.158  1.00 106.64 ?  86  GLU A CA  1 
ATOM   349 C C   . GLU A 1 89  ? 6.959   15.092  12.798  1.00 91.68  ?  86  GLU A C   1 
ATOM   350 O O   . GLU A 1 89  ? 7.307   14.690  13.927  1.00 74.53  ?  86  GLU A O   1 
ATOM   351 C CB  . GLU A 1 89  ? 4.767   16.123  11.928  1.00 115.40 ?  86  GLU A CB  1 
ATOM   352 C CG  . GLU A 1 89  ? 3.754   16.065  10.775  1.00 117.80 ?  86  GLU A CG  1 
ATOM   353 C CD  . GLU A 1 89  ? 4.398   15.779  9.418   1.00 117.08 ?  86  GLU A CD  1 
ATOM   354 O OE1 . GLU A 1 89  ? 5.350   16.529  9.068   1.00 110.68 ?  86  GLU A OE1 1 
ATOM   355 O OE2 . GLU A 1 89  ? 3.958   14.820  8.712   1.00 102.07 -1 86  GLU A OE2 1 
ATOM   356 N N   . THR A 1 90  ? 7.721   15.783  11.987  1.00 85.28  ?  87  THR A N   1 
ATOM   357 C CA  . THR A 1 90  ? 9.082   16.069  12.204  1.00 83.67  ?  87  THR A CA  1 
ATOM   358 C C   . THR A 1 90  ? 9.177   17.602  11.899  1.00 78.62  ?  87  THR A C   1 
ATOM   359 O O   . THR A 1 90  ? 8.502   18.107  10.990  1.00 75.03  ?  87  THR A O   1 
ATOM   360 C CB  . THR A 1 90  ? 9.894   15.189  11.224  1.00 82.91  ?  87  THR A CB  1 
ATOM   361 O OG1 . THR A 1 90  ? 11.269  15.585  11.221  1.00 94.32  ?  87  THR A OG1 1 
ATOM   362 C CG2 . THR A 1 90  ? 9.347   15.285  9.786   1.00 80.82  ?  87  THR A CG2 1 
ATOM   363 N N   . VAL A 1 91  ? 9.965   18.343  12.671  1.00 63.25  ?  88  VAL A N   1 
ATOM   364 C CA  . VAL A 1 91  ? 10.259  19.747  12.331  1.00 53.24  ?  88  VAL A CA  1 
ATOM   365 C C   . VAL A 1 91  ? 11.154  19.832  11.102  1.00 51.29  ?  88  VAL A C   1 
ATOM   366 O O   . VAL A 1 91  ? 12.224  19.237  11.103  1.00 59.36  ?  88  VAL A O   1 
ATOM   367 C CB  . VAL A 1 91  ? 10.928  20.507  13.486  1.00 54.99  ?  88  VAL A CB  1 
ATOM   368 C CG1 . VAL A 1 91  ? 11.349  21.902  12.992  1.00 52.14  ?  88  VAL A CG1 1 
ATOM   369 C CG2 . VAL A 1 91  ? 9.989   20.566  14.709  1.00 58.81  ?  88  VAL A CG2 1 
ATOM   370 N N   . GLU A 1 92  ? 10.740  20.594  10.093  1.00 65.38  ?  89  GLU A N   1 
ATOM   371 C CA  . GLU A 1 92  ? 11.450  20.651  8.843   1.00 60.43  ?  89  GLU A CA  1 
ATOM   372 C C   . GLU A 1 92  ? 11.860  22.056  8.485   1.00 59.03  ?  89  GLU A C   1 
ATOM   373 O O   . GLU A 1 92  ? 11.020  22.950  8.271   1.00 52.61  ?  89  GLU A O   1 
ATOM   374 C CB  . GLU A 1 92  ? 10.611  20.010  7.778   1.00 69.30  ?  89  GLU A CB  1 
ATOM   375 C CG  . GLU A 1 92  ? 10.493  18.530  8.093   1.00 112.99 ?  89  GLU A CG  1 
ATOM   376 C CD  . GLU A 1 92  ? 10.027  17.694  6.942   1.00 115.50 ?  89  GLU A CD  1 
ATOM   377 O OE1 . GLU A 1 92  ? 9.192   18.193  6.169   1.00 125.20 ?  89  GLU A OE1 1 
ATOM   378 O OE2 . GLU A 1 92  ? 10.488  16.540  6.837   1.00 137.76 ?  89  GLU A OE2 1 
ATOM   379 N N   . ASP A 1 93  ? 13.174  22.262  8.447   1.00 50.75  ?  90  ASP A N   1 
ATOM   380 C CA  . ASP A 1 93  ? 13.729  23.537  8.242   1.00 48.89  ?  90  ASP A CA  1 
ATOM   381 C C   . ASP A 1 93  ? 13.586  23.849  6.783   1.00 52.15  ?  90  ASP A C   1 
ATOM   382 O O   . ASP A 1 93  ? 14.233  23.254  5.963   1.00 52.19  ?  90  ASP A O   1 
ATOM   383 C CB  . ASP A 1 93  ? 15.211  23.593  8.726   1.00 47.93  ?  90  ASP A CB  1 
ATOM   384 C CG  . ASP A 1 93  ? 15.776  25.026  8.690   1.00 54.52  ?  90  ASP A CG  1 
ATOM   385 O OD1 . ASP A 1 93  ? 15.151  25.884  8.039   1.00 62.31  ?  90  ASP A OD1 1 
ATOM   386 O OD2 . ASP A 1 93  ? 16.870  25.278  9.227   1.00 65.54  ?  90  ASP A OD2 1 
ATOM   387 N N   . GLN A 1 94  ? 12.758  24.815  6.457   1.00 57.22  ?  91  GLN A N   1 
ATOM   388 C CA  . GLN A 1 94  ? 12.378  25.061  5.064   1.00 67.51  ?  91  GLN A CA  1 
ATOM   389 C C   . GLN A 1 94  ? 13.528  25.675  4.254   1.00 66.66  ?  91  GLN A C   1 
ATOM   390 O O   . GLN A 1 94  ? 13.479  25.669  3.021   1.00 72.47  ?  91  GLN A O   1 
ATOM   391 C CB  . GLN A 1 94  ? 11.097  25.919  4.954   1.00 68.65  ?  91  GLN A CB  1 
ATOM   392 C CG  . GLN A 1 94  ? 9.862   25.378  5.680   1.00 70.94  ?  91  GLN A CG  1 
ATOM   393 C CD  . GLN A 1 94  ? 9.405   24.001  5.182   1.00 76.75  ?  91  GLN A CD  1 
ATOM   394 O OE1 . GLN A 1 94  ? 8.877   23.883  4.075   1.00 97.40  ?  91  GLN A OE1 1 
ATOM   395 N NE2 . GLN A 1 94  ? 9.593   22.960  6.007   1.00 77.49  ?  91  GLN A NE2 1 
ATOM   396 N N   . THR A 1 95  ? 14.545  26.195  4.943   1.00 63.91  ?  92  THR A N   1 
ATOM   397 C CA  . THR A 1 95  ? 15.768  26.605  4.290   1.00 64.81  ?  92  THR A CA  1 
ATOM   398 C C   . THR A 1 95  ? 16.549  25.429  3.635   1.00 70.51  ?  92  THR A C   1 
ATOM   399 O O   . THR A 1 95  ? 17.082  25.593  2.512   1.00 74.43  ?  92  THR A O   1 
ATOM   400 C CB  . THR A 1 95  ? 16.691  27.398  5.251   1.00 71.17  ?  92  THR A CB  1 
ATOM   401 O OG1 . THR A 1 95  ? 17.620  28.179  4.491   1.00 124.08 ?  92  THR A OG1 1 
ATOM   402 C CG2 . THR A 1 95  ? 17.475  26.515  6.182   1.00 61.74  ?  92  THR A CG2 1 
ATOM   403 N N   . HIS A 1 96  ? 16.594  24.271  4.335   1.00 66.96  ?  93  HIS A N   1 
ATOM   404 C CA  . HIS A 1 96  ? 17.214  23.022  3.845   1.00 61.93  ?  93  HIS A CA  1 
ATOM   405 C C   . HIS A 1 96  ? 16.492  22.447  2.658   1.00 66.01  ?  93  HIS A C   1 
ATOM   406 O O   . HIS A 1 96  ? 16.998  21.578  1.987   1.00 78.05  ?  93  HIS A O   1 
ATOM   407 C CB  . HIS A 1 96  ? 17.188  21.911  4.896   1.00 62.81  ?  93  HIS A CB  1 
ATOM   408 C CG  . HIS A 1 96  ? 18.095  22.140  6.059   1.00 63.45  ?  93  HIS A CG  1 
ATOM   409 N ND1 . HIS A 1 96  ? 18.801  23.309  6.250   1.00 71.34  ?  93  HIS A ND1 1 
ATOM   410 C CD2 . HIS A 1 96  ? 18.367  21.357  7.128   1.00 71.66  ?  93  HIS A CD2 1 
ATOM   411 C CE1 . HIS A 1 96  ? 19.501  23.219  7.367   1.00 74.69  ?  93  HIS A CE1 1 
ATOM   412 N NE2 . HIS A 1 96  ? 19.248  22.050  7.926   1.00 75.80  ?  93  HIS A NE2 1 
ATOM   413 N N   . TRP A 1 97  ? 15.258  22.860  2.452   1.00 62.83  ?  94  TRP A N   1 
ATOM   414 C CA  . TRP A 1 97  ? 14.477  22.378  1.345   1.00 59.96  ?  94  TRP A CA  1 
ATOM   415 C C   . TRP A 1 97  ? 14.660  23.391  0.276   1.00 62.93  ?  94  TRP A C   1 
ATOM   416 O O   . TRP A 1 97  ? 14.357  24.566  0.460   1.00 68.48  ?  94  TRP A O   1 
ATOM   417 C CB  . TRP A 1 97  ? 13.010  22.208  1.728   1.00 64.26  ?  94  TRP A CB  1 
ATOM   418 C CG  . TRP A 1 97  ? 12.892  20.992  2.603   1.00 62.93  ?  94  TRP A CG  1 
ATOM   419 C CD1 . TRP A 1 97  ? 13.049  20.919  3.961   1.00 62.42  ?  94  TRP A CD1 1 
ATOM   420 C CD2 . TRP A 1 97  ? 12.725  19.659  2.145   1.00 59.29  ?  94  TRP A CD2 1 
ATOM   421 N NE1 . TRP A 1 97  ? 12.942  19.620  4.389   1.00 60.24  ?  94  TRP A NE1 1 
ATOM   422 C CE2 . TRP A 1 97  ? 12.725  18.823  3.293   1.00 59.47  ?  94  TRP A CE2 1 
ATOM   423 C CE3 . TRP A 1 97  ? 12.548  19.088  0.877   1.00 54.03  ?  94  TRP A CE3 1 
ATOM   424 C CZ2 . TRP A 1 97  ? 12.565  17.448  3.203   1.00 60.22  ?  94  TRP A CZ2 1 
ATOM   425 C CZ3 . TRP A 1 97  ? 12.372  17.745  0.796   1.00 51.49  ?  94  TRP A CZ3 1 
ATOM   426 C CH2 . TRP A 1 97  ? 12.374  16.928  1.949   1.00 61.52  ?  94  TRP A CH2 1 
ATOM   427 N N   . ILE A 1 98  ? 15.254  22.933  -0.808  1.00 50.31  ?  95  ILE A N   1 
ATOM   428 C CA  . ILE A 1 98  ? 15.415  23.725  -2.001  1.00 49.07  ?  95  ILE A CA  1 
ATOM   429 C C   . ILE A 1 98  ? 14.204  23.504  -2.907  1.00 52.29  ?  95  ILE A C   1 
ATOM   430 O O   . ILE A 1 98  ? 13.617  24.472  -3.499  1.00 53.62  ?  95  ILE A O   1 
ATOM   431 C CB  . ILE A 1 98  ? 16.702  23.337  -2.718  1.00 49.63  ?  95  ILE A CB  1 
ATOM   432 C CG1 . ILE A 1 98  ? 17.912  23.718  -1.856  1.00 50.01  ?  95  ILE A CG1 1 
ATOM   433 C CG2 . ILE A 1 98  ? 16.712  24.009  -4.071  1.00 49.05  ?  95  ILE A CG2 1 
ATOM   434 C CD1 . ILE A 1 98  ? 19.271  23.262  -2.401  1.00 51.20  ?  95  ILE A CD1 1 
ATOM   435 N N   . TYR A 1 99  ? 13.795  22.238  -2.992  1.00 45.91  ?  96  TYR A N   1 
ATOM   436 C CA  . TYR A 1 99  ? 12.698  21.845  -3.855  1.00 45.49  ?  96  TYR A CA  1 
ATOM   437 C C   . TYR A 1 99  ? 12.120  20.559  -3.327  1.00 43.30  ?  96  TYR A C   1 
ATOM   438 O O   . TYR A 1 99  ? 12.858  19.656  -2.921  1.00 39.09  ?  96  TYR A O   1 
ATOM   439 C CB  . TYR A 1 99  ? 13.169  21.660  -5.274  1.00 48.01  ?  96  TYR A CB  1 
ATOM   440 C CG  . TYR A 1 99  ? 12.104  21.114  -6.141  1.00 49.58  ?  96  TYR A CG  1 
ATOM   441 C CD1 . TYR A 1 99  ? 10.976  21.873  -6.440  1.00 53.12  ?  96  TYR A CD1 1 
ATOM   442 C CD2 . TYR A 1 99  ? 12.172  19.843  -6.619  1.00 48.81  ?  96  TYR A CD2 1 
ATOM   443 C CE1 . TYR A 1 99  ? 9.953   21.345  -7.186  1.00 55.66  ?  96  TYR A CE1 1 
ATOM   444 C CE2 . TYR A 1 99  ? 11.160  19.327  -7.405  1.00 47.56  ?  96  TYR A CE2 1 
ATOM   445 C CZ  . TYR A 1 99  ? 10.067  20.073  -7.677  1.00 50.34  ?  96  TYR A CZ  1 
ATOM   446 O OH  . TYR A 1 99  ? 9.086   19.546  -8.456  1.00 50.61  ?  96  TYR A OH  1 
ATOM   447 N N   . ARG A 1 100 ? 10.793  20.483  -3.292  1.00 43.21  ?  97  ARG A N   1 
ATOM   448 C CA  . ARG A 1 100 ? 10.152  19.281  -2.737  1.00 43.34  ?  97  ARG A CA  1 
ATOM   449 C C   . ARG A 1 100 ? 9.088   18.839  -3.667  1.00 47.19  ?  97  ARG A C   1 
ATOM   450 O O   . ARG A 1 100 ? 7.963   19.366  -3.678  1.00 48.19  ?  97  ARG A O   1 
ATOM   451 C CB  . ARG A 1 100 ? 9.618   19.550  -1.371  1.00 48.59  ?  97  ARG A CB  1 
ATOM   452 C CG  . ARG A 1 100 ? 8.990   18.359  -0.715  1.00 58.91  ?  97  ARG A CG  1 
ATOM   453 C CD  . ARG A 1 100 ? 8.614   18.673  0.721   1.00 68.03  ?  97  ARG A CD  1 
ATOM   454 N NE  . ARG A 1 100 ? 8.727   17.475  1.556   1.00 74.05  ?  97  ARG A NE  1 
ATOM   455 C CZ  . ARG A 1 100 ? 8.901   17.489  2.869   1.00 78.10  ?  97  ARG A CZ  1 
ATOM   456 N NH1 . ARG A 1 100 ? 8.990   18.645  3.540   1.00 87.03  ?  97  ARG A NH1 1 
ATOM   457 N NH2 . ARG A 1 100 ? 9.006   16.331  3.508   1.00 74.45  ?  97  ARG A NH2 1 
ATOM   458 N N   . GLY A 1 101 ? 9.482   17.904  -4.518  1.00 41.89  ?  98  GLY A N   1 
ATOM   459 C CA  . GLY A 1 101 ? 8.625   17.406  -5.524  1.00 40.08  ?  98  GLY A CA  1 
ATOM   460 C C   . GLY A 1 101 ? 7.986   16.128  -5.096  1.00 40.56  ?  98  GLY A C   1 
ATOM   461 O O   . GLY A 1 101 ? 7.071   15.694  -5.728  1.00 44.93  ?  98  GLY A O   1 
ATOM   462 N N   . ILE A 1 102 ? 8.485   15.513  -4.033  1.00 43.62  ?  99  ILE A N   1 
ATOM   463 C CA  . ILE A 1 102 ? 7.979   14.213  -3.604  1.00 43.23  ?  99  ILE A CA  1 
ATOM   464 C C   . ILE A 1 102 ? 6.994   14.436  -2.452  1.00 47.64  ?  99  ILE A C   1 
ATOM   465 O O   . ILE A 1 102 ? 7.377   14.900  -1.366  1.00 47.93  ?  99  ILE A O   1 
ATOM   466 C CB  . ILE A 1 102 ? 9.111   13.320  -3.095  1.00 40.84  ?  99  ILE A CB  1 
ATOM   467 C CG1 . ILE A 1 102 ? 10.026  12.917  -4.232  1.00 36.87  ?  99  ILE A CG1 1 
ATOM   468 C CG2 . ILE A 1 102 ? 8.555   12.020  -2.523  1.00 46.01  ?  99  ILE A CG2 1 
ATOM   469 C CD1 . ILE A 1 102 ? 11.237  12.099  -3.797  1.00 36.56  ?  99  ILE A CD1 1 
ATOM   470 N N   . ARG A 1 103 ? 5.743   14.124  -2.712  1.00 53.53  ?  100 ARG A N   1 
ATOM   471 C CA  . ARG A 1 103 ? 4.663   14.329  -1.736  1.00 64.07  ?  100 ARG A CA  1 
ATOM   472 C C   . ARG A 1 103 ? 4.306   12.956  -1.143  1.00 56.05  ?  100 ARG A C   1 
ATOM   473 O O   . ARG A 1 103 ? 4.271   11.961  -1.860  1.00 52.66  ?  100 ARG A O   1 
ATOM   474 C CB  . ARG A 1 103 ? 3.437   15.040  -2.398  1.00 70.98  ?  100 ARG A CB  1 
ATOM   475 C CG  . ARG A 1 103 ? 3.780   16.445  -2.943  1.00 78.73  ?  100 ARG A CG  1 
ATOM   476 C CD  . ARG A 1 103 ? 2.637   17.172  -3.643  1.00 84.56  ?  100 ARG A CD  1 
ATOM   477 N N   . LYS A 1 104 ? 4.138   12.903  0.175   1.00 53.95  ?  101 LYS A N   1 
ATOM   478 C CA  . LYS A 1 104 ? 3.811   11.670  0.875   1.00 60.64  ?  101 LYS A CA  1 
ATOM   479 C C   . LYS A 1 104 ? 2.587   11.999  1.784   1.00 59.64  ?  101 LYS A C   1 
ATOM   480 O O   . LYS A 1 104 ? 2.632   12.886  2.640   1.00 60.42  ?  101 LYS A O   1 
ATOM   481 C CB  . LYS A 1 104 ? 5.040   11.173  1.651   1.00 69.15  ?  101 LYS A CB  1 
ATOM   482 C CG  . LYS A 1 104 ? 4.954   9.737   2.187   1.00 69.44  ?  101 LYS A CG  1 
ATOM   483 C CD  . LYS A 1 104 ? 6.187   9.369   3.027   1.00 65.05  ?  101 LYS A CD  1 
ATOM   484 C CE  . LYS A 1 104 ? 5.871   8.425   4.180   1.00 62.77  ?  101 LYS A CE  1 
ATOM   485 N NZ  . LYS A 1 104 ? 7.152   7.831   4.685   1.00 60.25  ?  101 LYS A NZ  1 
ATOM   486 N N   . ALA A 1 105 ? 1.484   11.334  1.497   1.00 54.61  ?  102 ALA A N   1 
ATOM   487 C CA  . ALA A 1 105 ? 0.216   11.577  2.136   1.00 53.88  ?  102 ALA A CA  1 
ATOM   488 C C   . ALA A 1 105 ? -0.409  10.253  2.517   1.00 52.97  ?  102 ALA A C   1 
ATOM   489 O O   . ALA A 1 105 ? -0.303  9.281   1.768   1.00 51.94  ?  102 ALA A O   1 
ATOM   490 C CB  . ALA A 1 105 ? -0.694  12.332  1.175   1.00 60.48  ?  102 ALA A CB  1 
ATOM   491 N N   . ASP A 1 106 ? -1.051  10.231  3.679   1.00 53.37  ?  103 ASP A N   1 
ATOM   492 C CA  . ASP A 1 106 ? -1.737  9.050   4.180   1.00 57.63  ?  103 ASP A CA  1 
ATOM   493 C C   . ASP A 1 106 ? -2.797  8.620   3.175   1.00 59.48  ?  103 ASP A C   1 
ATOM   494 O O   . ASP A 1 106 ? -3.371  9.452   2.450   1.00 53.06  ?  103 ASP A O   1 
ATOM   495 C CB  . ASP A 1 106 ? -2.380  9.362   5.544   1.00 63.33  ?  103 ASP A CB  1 
ATOM   496 C CG  . ASP A 1 106 ? -1.355  9.672   6.624   1.00 61.09  ?  103 ASP A CG  1 
ATOM   497 O OD1 . ASP A 1 106 ? -0.153  9.568   6.306   1.00 59.12  ?  103 ASP A OD1 1 
ATOM   498 O OD2 . ASP A 1 106 ? -1.734  9.965   7.785   1.00 67.08  ?  103 ASP A OD2 1 
ATOM   499 N N   . PHE A 1 107 ? -3.062  7.318   3.107   1.00 54.20  ?  104 PHE A N   1 
ATOM   500 C CA  . PHE A 1 107 ? -4.024  6.805   2.146   1.00 48.83  ?  104 PHE A CA  1 
ATOM   501 C C   . PHE A 1 107 ? -4.722  5.569   2.679   1.00 50.33  ?  104 PHE A C   1 
ATOM   502 O O   . PHE A 1 107 ? -4.312  5.001   3.687   1.00 44.84  ?  104 PHE A O   1 
ATOM   503 C CB  . PHE A 1 107 ? -3.321  6.443   0.847   1.00 49.67  ?  104 PHE A CB  1 
ATOM   504 C CG  . PHE A 1 107 ? -2.322  5.328   0.995   1.00 47.15  ?  104 PHE A CG  1 
ATOM   505 C CD1 . PHE A 1 107 ? -0.989  5.595   1.291   1.00 45.86  ?  104 PHE A CD1 1 
ATOM   506 C CD2 . PHE A 1 107 ? -2.708  4.012   0.797   1.00 45.31  ?  104 PHE A CD2 1 
ATOM   507 C CE1 . PHE A 1 107 ? -0.073  4.557   1.390   1.00 41.98  ?  104 PHE A CE1 1 
ATOM   508 C CE2 . PHE A 1 107 ? -1.796  2.982   0.881   1.00 41.71  ?  104 PHE A CE2 1 
ATOM   509 C CZ  . PHE A 1 107 ? -0.486  3.256   1.230   1.00 42.71  ?  104 PHE A CZ  1 
ATOM   510 N N   . GLN A 1 108 ? -5.788  5.180   2.006   1.00 50.56  ?  105 GLN A N   1 
ATOM   511 C CA  . GLN A 1 108 ? -6.451  3.951   2.273   1.00 57.29  ?  105 GLN A CA  1 
ATOM   512 C C   . GLN A 1 108 ? -7.064  3.451   0.984   1.00 55.82  ?  105 GLN A C   1 
ATOM   513 O O   . GLN A 1 108 ? -7.886  4.131   0.335   1.00 58.33  ?  105 GLN A O   1 
ATOM   514 C CB  . GLN A 1 108 ? -7.504  4.077   3.365   1.00 64.15  ?  105 GLN A CB  1 
ATOM   515 C CG  . GLN A 1 108 ? -7.827  2.708   3.947   1.00 74.59  ?  105 GLN A CG  1 
ATOM   516 C CD  . GLN A 1 108 ? -9.279  2.529   4.283   1.00 76.46  ?  105 GLN A CD  1 
ATOM   517 O OE1 . GLN A 1 108 ? -10.131 2.528   3.387   1.00 79.06  ?  105 GLN A OE1 1 
ATOM   518 N NE2 . GLN A 1 108 ? -9.573  2.379   5.572   1.00 78.80  ?  105 GLN A NE2 1 
ATOM   519 N N   . LEU A 1 109 ? -6.606  2.260   0.609   1.00 45.11  ?  106 LEU A N   1 
ATOM   520 C CA  . LEU A 1 109 ? -7.102  1.546   -0.519  1.00 48.21  ?  106 LEU A CA  1 
ATOM   521 C C   . LEU A 1 109 ? -7.948  0.401   0.028   1.00 46.72  ?  106 LEU A C   1 
ATOM   522 O O   . LEU A 1 109 ? -7.643  -0.117  1.055   1.00 46.43  ?  106 LEU A O   1 
ATOM   523 C CB  . LEU A 1 109 ? -5.944  1.053   -1.374  1.00 48.20  ?  106 LEU A CB  1 
ATOM   524 C CG  . LEU A 1 109 ? -5.063  2.155   -1.946  1.00 52.49  ?  106 LEU A CG  1 
ATOM   525 C CD1 . LEU A 1 109 ? -4.009  1.484   -2.774  1.00 53.15  ?  106 LEU A CD1 1 
ATOM   526 C CD2 . LEU A 1 109 ? -5.850  3.113   -2.843  1.00 51.91  ?  106 LEU A CD2 1 
ATOM   527 N N   . SER A 1 110 ? -9.034  0.061   -0.661  1.00 49.08  ?  107 SER A N   1 
ATOM   528 C CA  . SER A 1 110 ? -9.982  -1.003  -0.237  1.00 47.80  ?  107 SER A CA  1 
ATOM   529 C C   . SER A 1 110 ? -10.309 -1.874  -1.402  1.00 45.68  ?  107 SER A C   1 
ATOM   530 O O   . SER A 1 110 ? -10.575 -1.375  -2.516  1.00 48.70  ?  107 SER A O   1 
ATOM   531 C CB  . SER A 1 110 ? -11.241 -0.370  0.321   1.00 53.80  ?  107 SER A CB  1 
ATOM   532 O OG  . SER A 1 110 ? -11.004 0.017   1.669   1.00 58.67  ?  107 SER A OG  1 
ATOM   533 N N   . PHE A 1 111 ? -10.187 -3.172  -1.224  1.00 45.18  ?  108 PHE A N   1 
ATOM   534 C CA  . PHE A 1 111 ? -10.518 -4.124  -2.319  1.00 46.97  ?  108 PHE A CA  1 
ATOM   535 C C   . PHE A 1 111 ? -11.367 -5.227  -1.791  1.00 50.22  ?  108 PHE A C   1 
ATOM   536 O O   . PHE A 1 111 ? -10.986 -5.909  -0.838  1.00 49.91  ?  108 PHE A O   1 
ATOM   537 C CB  . PHE A 1 111 ? -9.246  -4.697  -2.991  1.00 51.48  ?  108 PHE A CB  1 
ATOM   538 C CG  . PHE A 1 111 ? -8.277  -3.640  -3.456  1.00 50.83  ?  108 PHE A CG  1 
ATOM   539 C CD1 . PHE A 1 111 ? -7.368  -3.076  -2.559  1.00 49.37  ?  108 PHE A CD1 1 
ATOM   540 C CD2 . PHE A 1 111 ? -8.314  -3.175  -4.774  1.00 57.27  ?  108 PHE A CD2 1 
ATOM   541 C CE1 . PHE A 1 111 ? -6.497  -2.082  -2.966  1.00 55.39  ?  108 PHE A CE1 1 
ATOM   542 C CE2 . PHE A 1 111 ? -7.441  -2.184  -5.192  1.00 59.61  ?  108 PHE A CE2 1 
ATOM   543 C CZ  . PHE A 1 111 ? -6.537  -1.621  -4.283  1.00 57.08  ?  108 PHE A CZ  1 
ATOM   544 N N   . SER A 1 112 ? -12.547 -5.404  -2.383  1.00 47.97  ?  109 SER A N   1 
ATOM   545 C CA  . SER A 1 112 ? -13.441 -6.509  -1.977  1.00 48.55  ?  109 SER A CA  1 
ATOM   546 C C   . SER A 1 112 ? -12.757 -7.818  -2.383  1.00 49.79  ?  109 SER A C   1 
ATOM   547 O O   . SER A 1 112 ? -12.186 -7.927  -3.469  1.00 52.59  ?  109 SER A O   1 
ATOM   548 C CB  . SER A 1 112 ? -14.842 -6.390  -2.627  1.00 54.95  ?  109 SER A CB  1 
ATOM   549 O OG  . SER A 1 112 ? -15.836 -6.559  -1.623  1.00 64.07  ?  109 SER A OG  1 
ATOM   550 N N   . LEU A 1 113 ? -12.716 -8.765  -1.465  1.00 45.92  ?  110 LEU A N   1 
ATOM   551 C CA  . LEU A 1 113 ? -12.184 -10.069 -1.750  1.00 45.92  ?  110 LEU A CA  1 
ATOM   552 C C   . LEU A 1 113 ? -13.337 -11.021 -2.157  1.00 53.99  ?  110 LEU A C   1 
ATOM   553 O O   . LEU A 1 113 ? -14.351 -11.132 -1.486  1.00 55.94  ?  110 LEU A O   1 
ATOM   554 C CB  . LEU A 1 113 ? -11.482 -10.627 -0.552  1.00 47.05  ?  110 LEU A CB  1 
ATOM   555 C CG  . LEU A 1 113 ? -10.268 -9.826  -0.040  1.00 48.84  ?  110 LEU A CG  1 
ATOM   556 C CD1 . LEU A 1 113 ? -9.733  -10.478 1.224   1.00 58.70  ?  110 LEU A CD1 1 
ATOM   557 C CD2 . LEU A 1 113 ? -9.180  -9.686  -1.087  1.00 52.08  ?  110 LEU A CD2 1 
ATOM   558 N N   . PRO A 1 114 ? -13.153 -11.741 -3.248  1.00 58.03  ?  111 PRO A N   1 
ATOM   559 C CA  . PRO A 1 114 ? -14.133 -12.785 -3.442  1.00 68.98  ?  111 PRO A CA  1 
ATOM   560 C C   . PRO A 1 114 ? -14.187 -13.785 -2.250  1.00 69.18  ?  111 PRO A C   1 
ATOM   561 O O   . PRO A 1 114 ? -13.176 -14.068 -1.630  1.00 57.28  ?  111 PRO A O   1 
ATOM   562 C CB  . PRO A 1 114 ? -13.655 -13.427 -4.727  1.00 73.12  ?  111 PRO A CB  1 
ATOM   563 C CG  . PRO A 1 114 ? -12.190 -13.148 -4.825  1.00 71.18  ?  111 PRO A CG  1 
ATOM   564 C CD  . PRO A 1 114 ? -11.901 -11.948 -4.006  1.00 61.38  ?  111 PRO A CD  1 
ATOM   565 N N   . GLU A 1 115 ? -15.374 -14.246 -1.872  1.00 81.64  ?  112 GLU A N   1 
ATOM   566 C CA  . GLU A 1 115 ? -15.484 -15.308 -0.865  1.00 91.80  ?  112 GLU A CA  1 
ATOM   567 C C   . GLU A 1 115 ? -15.015 -16.495 -1.686  1.00 91.25  ?  112 GLU A C   1 
ATOM   568 O O   . GLU A 1 115 ? -15.619 -16.761 -2.734  1.00 104.74 ?  112 GLU A O   1 
ATOM   569 C CB  . GLU A 1 115 ? -16.946 -15.484 -0.365  1.00 93.63  ?  112 GLU A CB  1 
ATOM   570 N N   . HIS A 1 116 ? -13.973 -17.223 -1.275  1.00 101.76 ?  113 HIS A N   1 
ATOM   571 C CA  . HIS A 1 116 ? -13.328 -17.156 0.030   1.00 94.47  ?  113 HIS A CA  1 
ATOM   572 C C   . HIS A 1 116 ? -11.839 -16.978 -0.279  1.00 78.97  ?  113 HIS A C   1 
ATOM   573 O O   . HIS A 1 116 ? -11.061 -17.937 -0.389  1.00 70.76  ?  113 HIS A O   1 
ATOM   574 C CB  . HIS A 1 116 ? -13.573 -18.441 0.864   1.00 98.56  ?  113 HIS A CB  1 
ATOM   575 C CG  . HIS A 1 116 ? -14.776 -19.243 0.445   1.00 138.10 ?  113 HIS A CG  1 
ATOM   576 N ND1 . HIS A 1 116 ? -14.755 -20.116 -0.622  1.00 127.21 ?  113 HIS A ND1 1 
ATOM   577 C CD2 . HIS A 1 116 ? -16.025 -19.320 0.965   1.00 163.32 ?  113 HIS A CD2 1 
ATOM   578 C CE1 . HIS A 1 116 ? -15.941 -20.675 -0.759  1.00 140.13 ?  113 HIS A CE1 1 
ATOM   579 N NE2 . HIS A 1 116 ? -16.729 -20.211 0.193   1.00 159.63 ?  113 HIS A NE2 1 
ATOM   580 N N   . ALA A 1 117 ? -11.463 -15.721 -0.458  1.00 73.16  ?  114 ALA A N   1 
ATOM   581 C CA  . ALA A 1 117 ? -10.090 -15.362 -0.807  1.00 68.54  ?  114 ALA A CA  1 
ATOM   582 C C   . ALA A 1 117 ? -9.301  -14.937 0.419   1.00 56.83  ?  114 ALA A C   1 
ATOM   583 O O   . ALA A 1 117 ? -9.855  -14.413 1.394   1.00 66.02  ?  114 ALA A O   1 
ATOM   584 C CB  . ALA A 1 117 ? -10.073 -14.265 -1.868  1.00 73.06  ?  114 ALA A CB  1 
ATOM   585 N N   . LYS A 1 118 ? -7.991  -15.182 0.372   1.00 52.54  ?  115 LYS A N   1 
ATOM   586 C CA  . LYS A 1 118 ? -7.084  -14.866 1.488   1.00 51.27  ?  115 LYS A CA  1 
ATOM   587 C C   . LYS A 1 118 ? -5.896  -14.093 0.944   1.00 44.81  ?  115 LYS A C   1 
ATOM   588 O O   . LYS A 1 118 ? -5.439  -14.351 -0.182  1.00 40.43  ?  115 LYS A O   1 
ATOM   589 C CB  . LYS A 1 118 ? -6.531  -16.136 2.176   1.00 49.75  ?  115 LYS A CB  1 
ATOM   590 N N   . VAL A 1 119 ? -5.368  -13.205 1.782   1.00 41.45  ?  116 VAL A N   1 
ATOM   591 C CA  . VAL A 1 119 ? -4.069  -12.557 1.494   1.00 48.87  ?  116 VAL A CA  1 
ATOM   592 C C   . VAL A 1 119 ? -2.969  -13.464 2.031   1.00 52.23  ?  116 VAL A C   1 
ATOM   593 O O   . VAL A 1 119 ? -2.947  -13.732 3.213   1.00 50.81  ?  116 VAL A O   1 
ATOM   594 C CB  . VAL A 1 119 ? -3.990  -11.048 1.927   1.00 56.60  ?  116 VAL A CB  1 
ATOM   595 C CG1 . VAL A 1 119 ? -5.108  -10.656 2.869   1.00 66.10  ?  116 VAL A CG1 1 
ATOM   596 C CG2 . VAL A 1 119 ? -2.604  -10.679 2.470   1.00 60.78  ?  116 VAL A CG2 1 
ATOM   597 N N   . ASN A 1 120 ? -2.070  -13.922 1.144   1.00 61.12  ?  117 ASN A N   1 
ATOM   598 C CA  . ASN A 1 120 ? -1.020  -14.908 1.494   1.00 69.47  ?  117 ASN A CA  1 
ATOM   599 C C   . ASN A 1 120 ? 0.224   -14.236 2.038   1.00 73.97  ?  117 ASN A C   1 
ATOM   600 O O   . ASN A 1 120 ? 0.705   -14.608 3.108   1.00 90.06  ?  117 ASN A O   1 
ATOM   601 C CB  . ASN A 1 120 ? -0.713  -15.875 0.332   1.00 67.82  ?  117 ASN A CB  1 
ATOM   602 C CG  . ASN A 1 120 ? -1.763  -16.984 0.221   1.00 68.31  ?  117 ASN A CG  1 
ATOM   603 N N   . ASN A 1 121 ? 0.724   -13.232 1.325   1.00 70.30  ?  118 ASN A N   1 
ATOM   604 C CA  . ASN A 1 121 ? 1.777   -12.353 1.867   1.00 73.56  ?  118 ASN A CA  1 
ATOM   605 C C   . ASN A 1 121 ? 1.652   -10.944 1.341   1.00 64.57  ?  118 ASN A C   1 
ATOM   606 O O   . ASN A 1 121 ? 0.972   -10.697 0.275   1.00 54.61  ?  118 ASN A O   1 
ATOM   607 C CB  . ASN A 1 121 ? 3.207   -12.886 1.590   1.00 80.95  ?  118 ASN A CB  1 
ATOM   608 C CG  . ASN A 1 121 ? 3.482   -13.122 0.114   1.00 83.47  ?  118 ASN A CG  1 
ATOM   609 O OD1 . ASN A 1 121 ? 3.281   -12.235 -0.729  1.00 90.75  ?  118 ASN A OD1 1 
ATOM   610 N ND2 . ASN A 1 121 ? 3.946   -14.323 -0.209  1.00 84.57  ?  118 ASN A ND2 1 
ATOM   611 N N   . ALA A 1 122 ? 2.258   -10.025 2.104   1.00 54.28  ?  119 ALA A N   1 
ATOM   612 C CA  . ALA A 1 122 ? 2.491   -8.647  1.626   1.00 47.77  ?  119 ALA A CA  1 
ATOM   613 C C   . ALA A 1 122 ? 3.971   -8.319  1.795   1.00 45.22  ?  119 ALA A C   1 
ATOM   614 O O   . ALA A 1 122 ? 4.502   -8.372  2.872   1.00 48.77  ?  119 ALA A O   1 
ATOM   615 C CB  . ALA A 1 122 ? 1.629   -7.664  2.342   1.00 46.19  ?  119 ALA A CB  1 
ATOM   616 N N   . LYS A 1 123 ? 4.654   -8.056  0.687   1.00 40.72  ?  120 LYS A N   1 
ATOM   617 C CA  . LYS A 1 123 ? 6.102   -7.808  0.685   1.00 38.75  ?  120 LYS A CA  1 
ATOM   618 C C   . LYS A 1 123 ? 6.293   -6.373  0.277   1.00 33.66  ?  120 LYS A C   1 
ATOM   619 O O   . LYS A 1 123 ? 5.720   -5.917  -0.688  1.00 38.78  ?  120 LYS A O   1 
ATOM   620 C CB  . LYS A 1 123 ? 6.763   -8.746  -0.281  1.00 42.56  ?  120 LYS A CB  1 
ATOM   621 C CG  . LYS A 1 123 ? 6.457   -10.221 -0.007  1.00 53.98  ?  120 LYS A CG  1 
ATOM   622 C CD  . LYS A 1 123 ? 7.206   -11.157 -0.950  1.00 64.68  ?  120 LYS A CD  1 
ATOM   623 C CE  . LYS A 1 123 ? 7.272   -12.578 -0.372  1.00 74.49  ?  120 LYS A CE  1 
ATOM   624 N NZ  . LYS A 1 123 ? 7.734   -13.567 -1.387  1.00 82.20  ?  120 LYS A NZ  1 
ATOM   625 N N   . LEU A 1 124 ? 7.135   -5.665  0.983   1.00 34.55  ?  121 LEU A N   1 
ATOM   626 C CA  . LEU A 1 124 ? 7.502   -4.318  0.617   1.00 34.12  ?  121 LEU A CA  1 
ATOM   627 C C   . LEU A 1 124 ? 8.931   -4.396  0.076   1.00 36.30  ?  121 LEU A C   1 
ATOM   628 O O   . LEU A 1 124 ? 9.878   -4.801  0.808   1.00 38.10  ?  121 LEU A O   1 
ATOM   629 C CB  . LEU A 1 124 ? 7.402   -3.455  1.843   1.00 35.92  ?  121 LEU A CB  1 
ATOM   630 C CG  . LEU A 1 124 ? 7.863   -2.017  1.754   1.00 36.18  ?  121 LEU A CG  1 
ATOM   631 C CD1 . LEU A 1 124 ? 6.867   -1.258  0.851   1.00 36.11  ?  121 LEU A CD1 1 
ATOM   632 C CD2 . LEU A 1 124 ? 7.905   -1.393  3.125   1.00 39.21  ?  121 LEU A CD2 1 
ATOM   633 N N   . GLU A 1 125 ? 9.102   -4.037  -1.199  1.00 38.05  ?  122 GLU A N   1 
ATOM   634 C CA  . GLU A 1 125 ? 10.400  -4.078  -1.835  1.00 40.41  ?  122 GLU A CA  1 
ATOM   635 C C   . GLU A 1 125 ? 10.465  -3.109  -2.966  1.00 36.36  ?  122 GLU A C   1 
ATOM   636 O O   . GLU A 1 125 ? 9.514   -2.966  -3.718  1.00 32.17  ?  122 GLU A O   1 
ATOM   637 C CB  . GLU A 1 125 ? 10.679  -5.509  -2.367  1.00 52.69  ?  122 GLU A CB  1 
ATOM   638 C CG  . GLU A 1 125 ? 12.097  -5.730  -2.975  1.00 74.13  ?  122 GLU A CG  1 
ATOM   639 C CD  . GLU A 1 125 ? 13.194  -6.325  -2.041  1.00 84.74  ?  122 GLU A CD  1 
ATOM   640 O OE1 . GLU A 1 125 ? 13.761  -5.637  -1.142  1.00 89.92  ?  122 GLU A OE1 1 
ATOM   641 O OE2 . GLU A 1 125 ? 13.530  -7.515  -2.242  1.00 75.60  ?  122 GLU A OE2 1 
ATOM   642 N N   . GLN A 1 126 ? 11.543  -2.375  -3.059  1.00 32.12  ?  123 GLN A N   1 
ATOM   643 C CA  . GLN A 1 126 ? 11.708  -1.355  -4.109  1.00 34.51  ?  123 GLN A CA  1 
ATOM   644 C C   . GLN A 1 126 ? 10.673  -0.346  -4.261  1.00 31.28  ?  123 GLN A C   1 
ATOM   645 O O   . GLN A 1 126 ? 10.404  0.105   -5.367  1.00 32.63  ?  123 GLN A O   1 
ATOM   646 C CB  . GLN A 1 126 ? 11.972  -2.081  -5.420  1.00 36.12  ?  123 GLN A CB  1 
ATOM   647 C CG  . GLN A 1 126 ? 13.224  -2.940  -5.168  1.00 51.37  ?  123 GLN A CG  1 
ATOM   648 C CD  . GLN A 1 126 ? 14.128  -2.967  -6.351  1.00 61.35  ?  123 GLN A CD  1 
ATOM   649 O OE1 . GLN A 1 126 ? 13.917  -3.772  -7.266  1.00 86.56  ?  123 GLN A OE1 1 
ATOM   650 N NE2 . GLN A 1 126 ? 15.109  -2.062  -6.383  1.00 55.42  ?  123 GLN A NE2 1 
ATOM   651 N N   . GLY A 1 127 ? 10.142  0.114   -3.139  1.00 27.45  ?  124 GLY A N   1 
ATOM   652 C CA  . GLY A 1 127 ? 9.114   1.152   -3.115  1.00 30.65  ?  124 GLY A CA  1 
ATOM   653 C C   . GLY A 1 127 ? 7.754   0.665   -3.580  1.00 28.74  ?  124 GLY A C   1 
ATOM   654 O O   . GLY A 1 127 ? 6.866   1.464   -3.857  1.00 28.36  ?  124 GLY A O   1 
ATOM   655 N N   . LEU A 1 128 ? 7.579   -0.657  -3.598  1.00 28.72  ?  125 LEU A N   1 
ATOM   656 C CA  . LEU A 1 128 ? 6.386   -1.297  -4.037  1.00 30.46  ?  125 LEU A CA  1 
ATOM   657 C C   . LEU A 1 128 ? 5.848   -2.218  -2.942  1.00 30.16  ?  125 LEU A C   1 
ATOM   658 O O   . LEU A 1 128 ? 6.616   -2.860  -2.237  1.00 32.78  ?  125 LEU A O   1 
ATOM   659 C CB  . LEU A 1 128 ? 6.569   -2.121  -5.351  1.00 30.20  ?  125 LEU A CB  1 
ATOM   660 C CG  . LEU A 1 128 ? 7.045   -1.318  -6.562  1.00 31.55  ?  125 LEU A CG  1 
ATOM   661 C CD1 . LEU A 1 128 ? 7.295   -2.263  -7.730  1.00 39.21  ?  125 LEU A CD1 1 
ATOM   662 C CD2 . LEU A 1 128 ? 6.127   -0.176  -6.891  1.00 32.80  ?  125 LEU A CD2 1 
ATOM   663 N N   . LEU A 1 129 ? 4.506   -2.223  -2.785  1.00 31.23  ?  126 LEU A N   1 
ATOM   664 C CA  . LEU A 1 129 ? 3.907   -3.141  -1.832  1.00 30.19  ?  126 LEU A CA  1 
ATOM   665 C C   . LEU A 1 129 ? 3.202   -4.173  -2.680  1.00 31.72  ?  126 LEU A C   1 
ATOM   666 O O   . LEU A 1 129 ? 2.304   -3.811  -3.460  1.00 31.09  ?  126 LEU A O   1 
ATOM   667 C CB  . LEU A 1 129 ? 2.903   -2.399  -0.969  1.00 33.26  ?  126 LEU A CB  1 
ATOM   668 C CG  . LEU A 1 129 ? 2.165   -3.335  0.029   1.00 36.52  ?  126 LEU A CG  1 
ATOM   669 C CD1 . LEU A 1 129 ? 3.069   -4.004  1.071   1.00 44.26  ?  126 LEU A CD1 1 
ATOM   670 C CD2 . LEU A 1 129 ? 1.151   -2.449  0.712   1.00 35.40  ?  126 LEU A CD2 1 
ATOM   671 N N   . LEU A 1 130 ? 3.611   -5.418  -2.562  1.00 31.86  ?  127 LEU A N   1 
ATOM   672 C CA  . LEU A 1 130 ? 3.097   -6.509  -3.320  1.00 34.25  ?  127 LEU A CA  1 
ATOM   673 C C   . LEU A 1 130 ? 2.270   -7.424  -2.435  1.00 34.61  ?  127 LEU A C   1 
ATOM   674 O O   . LEU A 1 130 ? 2.792   -8.041  -1.502  1.00 34.13  ?  127 LEU A O   1 
ATOM   675 C CB  . LEU A 1 130 ? 4.243   -7.324  -3.933  1.00 36.83  ?  127 LEU A CB  1 
ATOM   676 C CG  . LEU A 1 130 ? 4.644   -6.760  -5.315  1.00 46.67  ?  127 LEU A CG  1 
ATOM   677 C CD1 . LEU A 1 130 ? 5.387   -5.452  -5.231  1.00 48.70  ?  127 LEU A CD1 1 
ATOM   678 C CD2 . LEU A 1 130 ? 5.585   -7.753  -5.969  1.00 57.65  ?  127 LEU A CD2 1 
ATOM   679 N N   . VAL A 1 131 ? 0.996   -7.554  -2.769  1.00 32.59  ?  128 VAL A N   1 
ATOM   680 C CA  . VAL A 1 131 ? 0.040   -8.343  -2.011  1.00 33.93  ?  128 VAL A CA  1 
ATOM   681 C C   . VAL A 1 131 ? -0.563  -9.450  -2.875  1.00 34.66  ?  128 VAL A C   1 
ATOM   682 O O   . VAL A 1 131 ? -1.292  -9.185  -3.844  1.00 34.01  ?  128 VAL A O   1 
ATOM   683 C CB  . VAL A 1 131 ? -1.065  -7.446  -1.490  1.00 33.55  ?  128 VAL A CB  1 
ATOM   684 C CG1 . VAL A 1 131 ? -1.968  -8.277  -0.551  1.00 37.60  ?  128 VAL A CG1 1 
ATOM   685 C CG2 . VAL A 1 131 ? -0.432  -6.335  -0.686  1.00 35.32  ?  128 VAL A CG2 1 
ATOM   686 N N   . GLU A 1 132 ? -0.261  -10.699 -2.543  1.00 36.04  ?  129 GLU A N   1 
ATOM   687 C CA  . GLU A 1 132 ? -0.843  -11.845 -3.242  1.00 42.22  ?  129 GLU A CA  1 
ATOM   688 C C   . GLU A 1 132 ? -2.129  -12.226 -2.571  1.00 40.67  ?  129 GLU A C   1 
ATOM   689 O O   . GLU A 1 132 ? -2.191  -12.354 -1.363  1.00 45.59  ?  129 GLU A O   1 
ATOM   690 C CB  . GLU A 1 132 ? 0.083   -13.074 -3.220  1.00 53.84  ?  129 GLU A CB  1 
ATOM   691 C CG  . GLU A 1 132 ? 1.479   -12.732 -3.733  1.00 71.74  ?  129 GLU A CG  1 
ATOM   692 C CD  . GLU A 1 132 ? 2.429   -13.916 -3.760  1.00 89.02  ?  129 GLU A CD  1 
ATOM   693 O OE1 . GLU A 1 132 ? 2.185   -14.910 -3.024  1.00 100.22 ?  129 GLU A OE1 1 
ATOM   694 O OE2 . GLU A 1 132 ? 3.422   -13.832 -4.530  1.00 101.77 ?  129 GLU A OE2 1 
ATOM   695 N N   . ILE A 1 133 ? -3.134  -12.408 -3.397  1.00 39.13  ?  130 ILE A N   1 
ATOM   696 C CA  . ILE A 1 133 ? -4.463  -12.720 -2.958  1.00 39.69  ?  130 ILE A CA  1 
ATOM   697 C C   . ILE A 1 133 ? -4.829  -14.034 -3.676  1.00 41.35  ?  130 ILE A C   1 
ATOM   698 O O   . ILE A 1 133 ? -4.763  -14.133 -4.897  1.00 42.41  ?  130 ILE A O   1 
ATOM   699 C CB  . ILE A 1 133 ? -5.456  -11.624 -3.313  1.00 41.47  ?  130 ILE A CB  1 
ATOM   700 C CG1 . ILE A 1 133 ? -5.093  -10.291 -2.658  1.00 41.92  ?  130 ILE A CG1 1 
ATOM   701 C CG2 . ILE A 1 133 ? -6.874  -12.029 -2.948  1.00 46.00  ?  130 ILE A CG2 1 
ATOM   702 C CD1 . ILE A 1 133 ? -5.523  -9.124  -3.537  1.00 47.07  ?  130 ILE A CD1 1 
ATOM   703 N N   . TYR A 1 134 ? -5.193  -15.029 -2.876  1.00 45.62  ?  131 TYR A N   1 
ATOM   704 C CA  . TYR A 1 134 ? -5.393  -16.420 -3.347  1.00 50.20  ?  131 TYR A CA  1 
ATOM   705 C C   . TYR A 1 134 ? -6.846  -16.848 -3.063  1.00 51.99  ?  131 TYR A C   1 
ATOM   706 O O   . TYR A 1 134 ? -7.368  -16.503 -1.998  1.00 46.02  ?  131 TYR A O   1 
ATOM   707 C CB  . TYR A 1 134 ? -4.395  -17.327 -2.597  1.00 51.45  ?  131 TYR A CB  1 
ATOM   708 C CG  . TYR A 1 134 ? -2.954  -16.940 -2.817  1.00 61.91  ?  131 TYR A CG  1 
ATOM   709 N N   . GLN A 1 135 ? -7.486  -17.573 -3.993  1.00 63.49  ?  132 GLN A N   1 
ATOM   710 C CA  . GLN A 1 135 ? -8.863  -18.124 -3.788  1.00 74.83  ?  132 GLN A CA  1 
ATOM   711 C C   . GLN A 1 135 ? -8.939  -19.393 -2.910  1.00 67.29  ?  132 GLN A C   1 
ATOM   712 O O   . GLN A 1 135 ? -8.452  -20.442 -3.278  1.00 72.30  ?  132 GLN A O   1 
ATOM   713 C CB  . GLN A 1 135 ? -9.500  -18.427 -5.136  1.00 86.77  ?  132 GLN A CB  1 
ATOM   714 C CG  . GLN A 1 135 ? -11.007 -18.607 -5.069  1.00 93.65  ?  132 GLN A CG  1 
ATOM   715 C CD  . GLN A 1 135 ? -11.749 -17.290 -5.104  1.00 94.58  ?  132 GLN A CD  1 
ATOM   716 O OE1 . GLN A 1 135 ? -11.334 -16.366 -5.795  1.00 101.40 ?  132 GLN A OE1 1 
ATOM   717 N NE2 . GLN A 1 135 ? -12.863 -17.205 -4.382  1.00 108.25 ?  132 GLN A NE2 1 
HETATM 718 C C1  . MPD B 2 .   ? -11.577 -9.192  -8.854  1.00 87.76  ?  201 MPD A C1  1 
HETATM 719 C C2  . MPD B 2 .   ? -11.361 -8.741  -7.428  1.00 81.81  ?  201 MPD A C2  1 
HETATM 720 O O2  . MPD B 2 .   ? -12.575 -8.069  -7.033  1.00 75.93  ?  201 MPD A O2  1 
HETATM 721 C CM  . MPD B 2 .   ? -11.031 -9.948  -6.568  1.00 86.47  ?  201 MPD A CM  1 
HETATM 722 C C3  . MPD B 2 .   ? -10.189 -7.775  -7.421  1.00 77.89  ?  201 MPD A C3  1 
HETATM 723 C C4  . MPD B 2 .   ? -9.855  -7.035  -6.124  1.00 62.01  ?  201 MPD A C4  1 
HETATM 724 O O4  . MPD B 2 .   ? -11.049 -6.453  -5.509  1.00 56.54  ?  201 MPD A O4  1 
HETATM 725 C C5  . MPD B 2 .   ? -8.944  -7.891  -5.214  1.00 56.44  ?  201 MPD A C5  1 
HETATM 726 O O   . HOH C 3 .   ? 9.166   14.969  0.009   1.00 49.64  ?  301 HOH A O   1 
HETATM 727 O O   . HOH C 3 .   ? 17.877  24.206  11.127  1.00 46.46  ?  302 HOH A O   1 
HETATM 728 O O   . HOH C 3 .   ? 9.225   21.898  2.708   1.00 69.32  ?  303 HOH A O   1 
HETATM 729 O O   . HOH C 3 .   ? -10.923 -15.892 -8.460  1.00 63.89  ?  304 HOH A O   1 
HETATM 730 O O   . HOH C 3 .   ? -5.187  -1.245  6.757   1.00 50.22  ?  305 HOH A O   1 
HETATM 731 O O   . HOH C 3 .   ? 2.691   6.487   -3.559  1.00 45.05  ?  306 HOH A O   1 
HETATM 732 O O   . HOH C 3 .   ? 0.089   -6.144  -9.679  1.00 38.85  ?  307 HOH A O   1 
HETATM 733 O O   . HOH C 3 .   ? 4.394   -6.066  -9.205  1.00 54.39  ?  308 HOH A O   1 
HETATM 734 O O   . HOH C 3 .   ? -4.976  4.887   -6.856  1.00 52.01  ?  309 HOH A O   1 
HETATM 735 O O   . HOH C 3 .   ? -6.572  -9.252  8.673   1.00 57.04  ?  310 HOH A O   1 
HETATM 736 O O   . HOH C 3 .   ? 9.345   16.920  -8.968  1.00 50.46  ?  311 HOH A O   1 
HETATM 737 O O   . HOH C 3 .   ? 5.668   9.723   -2.430  1.00 49.13  ?  312 HOH A O   1 
HETATM 738 O O   . HOH C 3 .   ? 8.674   1.706   0.384   1.00 42.58  ?  313 HOH A O   1 
HETATM 739 O O   . HOH C 3 .   ? 7.610   9.293   -1.013  1.00 53.23  ?  314 HOH A O   1 
HETATM 740 O O   . HOH C 3 .   ? 3.421   -2.874  9.479   1.00 58.91  ?  315 HOH A O   1 
HETATM 741 O O   . HOH C 3 .   ? 1.505   6.651   -7.097  1.00 51.70  ?  316 HOH A O   1 
HETATM 742 O O   . HOH C 3 .   ? 3.793   7.936   -1.412  1.00 55.73  ?  317 HOH A O   1 
HETATM 743 O O   . HOH C 3 .   ? 10.331  -0.435  -0.418  1.00 36.93  ?  318 HOH A O   1 
HETATM 744 O O   . HOH C 3 .   ? 3.873   6.620   -6.198  1.00 56.27  ?  319 HOH A O   1 
HETATM 745 O O   . HOH C 3 .   ? 14.085  -2.553  -1.717  1.00 54.76  ?  320 HOH A O   1 
HETATM 746 O O   . HOH C 3 .   ? 11.699  17.047  14.571  1.00 67.34  ?  321 HOH A O   1 
HETATM 747 O O   . HOH C 3 .   ? -5.071  -10.413 6.671   1.00 72.21  ?  322 HOH A O   1 
HETATM 748 O O   . HOH C 3 .   ? 4.363   5.027   -9.474  1.00 54.67  ?  323 HOH A O   1 
HETATM 749 O O   . HOH C 3 .   ? 9.089   22.984  -3.187  1.00 56.15  ?  324 HOH A O   1 
HETATM 750 O O   . HOH C 3 .   ? -0.377  -5.123  8.636   1.00 52.49  ?  325 HOH A O   1 
HETATM 751 O O   . HOH C 3 .   ? -1.590  12.989  4.984   1.00 60.28  ?  326 HOH A O   1 
HETATM 752 O O   . HOH C 3 .   ? 8.354   12.660  1.887   1.00 61.39  ?  327 HOH A O   1 
HETATM 753 O O   . HOH C 3 .   ? 9.511   10.422  0.572   1.00 56.10  ?  328 HOH A O   1 
# 
loop_
_atom_site_anisotrop.id 
_atom_site_anisotrop.type_symbol 
_atom_site_anisotrop.pdbx_label_atom_id 
_atom_site_anisotrop.pdbx_label_alt_id 
_atom_site_anisotrop.pdbx_label_comp_id 
_atom_site_anisotrop.pdbx_label_asym_id 
_atom_site_anisotrop.pdbx_label_seq_id 
_atom_site_anisotrop.pdbx_PDB_ins_code 
_atom_site_anisotrop.U[1][1] 
_atom_site_anisotrop.U[2][2] 
_atom_site_anisotrop.U[3][3] 
_atom_site_anisotrop.U[1][2] 
_atom_site_anisotrop.U[1][3] 
_atom_site_anisotrop.U[2][3] 
_atom_site_anisotrop.pdbx_auth_seq_id 
_atom_site_anisotrop.pdbx_auth_comp_id 
_atom_site_anisotrop.pdbx_auth_asym_id 
_atom_site_anisotrop.pdbx_auth_atom_id 
25  N N   . TYR A 47  ? 0.4017 0.4527 0.4682 -0.0029 -0.0208 0.0880  44  TYR A N   
26  C CA  . TYR A 47  ? 0.4284 0.4737 0.4720 -0.0052 -0.0259 0.0779  44  TYR A CA  
27  C C   . TYR A 47  ? 0.4192 0.4829 0.4557 -0.0110 -0.0313 0.0824  44  TYR A C   
28  O O   . TYR A 47  ? 0.4224 0.5059 0.4703 -0.0145 -0.0322 0.0959  44  TYR A O   
29  C CB  . TYR A 47  ? 0.4182 0.4512 0.4565 -0.0053 -0.0237 0.0736  44  TYR A CB  
30  C CG  . TYR A 47  ? 0.4421 0.4864 0.4911 -0.0073 -0.0223 0.0845  44  TYR A CG  
31  C CD1 . TYR A 47  ? 0.4478 0.4944 0.5211 -0.0050 -0.0155 0.0928  44  TYR A CD1 
32  C CD2 . TYR A 47  ? 0.4648 0.5180 0.5018 -0.0121 -0.0272 0.0857  44  TYR A CD2 
33  C CE1 . TYR A 47  ? 0.4697 0.5288 0.5570 -0.0065 -0.0147 0.1043  44  TYR A CE1 
34  C CE2 . TYR A 47  ? 0.4919 0.5576 0.5387 -0.0146 -0.0267 0.0962  44  TYR A CE2 
35  C CZ  . TYR A 47  ? 0.5326 0.6019 0.6052 -0.0115 -0.0210 0.1065  44  TYR A CZ  
36  O OH  . TYR A 47  ? 0.6152 0.6981 0.7009 -0.0137 -0.0208 0.1179  44  TYR A OH  
37  N N   . ASP A 48  ? 0.3817 0.4400 0.4008 -0.0132 -0.0348 0.0712  45  ASP A N   
38  C CA  . ASP A 48  ? 0.3880 0.4611 0.3985 -0.0205 -0.0377 0.0703  45  ASP A CA  
39  C C   . ASP A 48  ? 0.4175 0.4800 0.4172 -0.0217 -0.0385 0.0642  45  ASP A C   
40  O O   . ASP A 48  ? 0.4373 0.4800 0.4320 -0.0171 -0.0384 0.0574  45  ASP A O   
41  C CB  . ASP A 48  ? 0.4361 0.5095 0.4391 -0.0225 -0.0391 0.0586  45  ASP A CB  
42  C CG  . ASP A 48  ? 0.4337 0.5208 0.4443 -0.0240 -0.0385 0.0632  45  ASP A CG  
43  O OD1 . ASP A 48  ? 0.3930 0.4934 0.4154 -0.0252 -0.0382 0.0781  45  ASP A OD1 
44  O OD2 . ASP A 48  ? 0.4436 0.5276 0.4506 -0.0239 -0.0385 0.0522  45  ASP A OD2 
45  N N   . LEU A 49  ? 0.4384 0.5158 0.4332 -0.0293 -0.0396 0.0665  46  LEU A N   
46  C CA  . LEU A 49  ? 0.4508 0.5195 0.4349 -0.0318 -0.0401 0.0598  46  LEU A CA  
47  C C   . LEU A 49  ? 0.4409 0.5221 0.4168 -0.0409 -0.0401 0.0522  46  LEU A C   
48  O O   . LEU A 49  ? 0.4755 0.5818 0.4525 -0.0497 -0.0403 0.0587  46  LEU A O   
49  C CB  . LEU A 49  ? 0.5041 0.5776 0.4926 -0.0326 -0.0392 0.0702  46  LEU A CB  
50  C CG  . LEU A 49  ? 0.5681 0.6313 0.5451 -0.0353 -0.0394 0.0639  46  LEU A CG  
51  C CD1 . LEU A 49  ? 0.6059 0.6427 0.5764 -0.0296 -0.0396 0.0552  46  LEU A CD1 
52  C CD2 . LEU A 49  ? 0.6695 0.7436 0.6540 -0.0371 -0.0382 0.0756  46  LEU A CD2 
53  N N   . GLN A 50  ? 0.4301 0.4960 0.3997 -0.0403 -0.0398 0.0385  47  GLN A N   
54  C CA  . GLN A 50  ? 0.4493 0.5250 0.4141 -0.0499 -0.0375 0.0277  47  GLN A CA  
55  C C   . GLN A 50  ? 0.5010 0.5650 0.4597 -0.0523 -0.0366 0.0209  47  GLN A C   
56  O O   . GLN A 50  ? 0.5106 0.5545 0.4679 -0.0455 -0.0386 0.0225  47  GLN A O   
57  C CB  . GLN A 50  ? 0.5172 0.5855 0.4868 -0.0475 -0.0360 0.0150  47  GLN A CB  
58  C CG  . GLN A 50  ? 0.5396 0.6214 0.5141 -0.0474 -0.0361 0.0190  47  GLN A CG  
59  C CD  . GLN A 50  ? 0.5725 0.6410 0.5539 -0.0411 -0.0356 0.0081  47  GLN A CD  
60  O OE1 . GLN A 50  ? 0.5763 0.6304 0.5612 -0.0315 -0.0383 0.0118  47  GLN A OE1 
61  N NE2 . GLN A 50  ? 0.6270 0.7008 0.6111 -0.0476 -0.0313 -0.0065 47  GLN A NE2 
62  N N   . LYS A 51  ? 0.5188 0.5974 0.4732 -0.0640 -0.0329 0.0130  48  LYS A N   
63  C CA  . LYS A 51  ? 0.5921 0.6622 0.5416 -0.0692 -0.0303 0.0040  48  LYS A CA  
64  C C   . LYS A 51  ? 0.7367 0.8006 0.6931 -0.0726 -0.0248 -0.0149 48  LYS A C   
65  O O   . LYS A 51  ? 0.8560 0.9404 0.8125 -0.0837 -0.0198 -0.0234 48  LYS A O   
66  C CB  . LYS A 51  ? 0.6314 0.7273 0.5732 -0.0819 -0.0290 0.0095  48  LYS A CB  
67  C CG  . LYS A 51  ? 0.7185 0.8099 0.6536 -0.0888 -0.0262 0.0029  48  LYS A CG  
68  C CD  . LYS A 51  ? 0.8157 0.9353 0.7436 -0.1003 -0.0269 0.0130  48  LYS A CD  
69  C CE  . LYS A 51  ? 0.9085 1.0629 0.8343 -0.1150 -0.0250 0.0127  48  LYS A CE  
70  N NZ  . LYS A 51  ? 0.9421 1.1285 0.8606 -0.1304 -0.0257 0.0211  48  LYS A NZ  
71  N N   . ARG A 52  ? 0.9842 1.0216 0.9488 -0.0639 -0.0256 -0.0206 49  ARG A N   
72  C CA  . ARG A 52  ? 1.3103 1.3397 1.2886 -0.0654 -0.0199 -0.0376 49  ARG A CA  
73  C C   . ARG A 52  ? 1.2307 1.2646 1.2089 -0.0779 -0.0120 -0.0509 49  ARG A C   
74  O O   . ARG A 52  ? 1.4830 1.5231 1.4714 -0.0859 -0.0033 -0.0680 49  ARG A O   
75  C CB  . ARG A 52  ? 1.1613 1.1626 1.1522 -0.0526 -0.0245 -0.0363 49  ARG A CB  
76  C CG  . ARG A 52  ? 1.1516 1.1474 1.1424 -0.0416 -0.0319 -0.0249 49  ARG A CG  
77  N N   . ASP A 53  ? 1.3973 1.4278 1.3653 -0.0799 -0.0140 -0.0439 50  ASP A N   
78  C CA  . ASP A 53  ? 1.3965 1.4366 1.3588 -0.0938 -0.0071 -0.0533 50  ASP A CA  
79  C C   . ASP A 53  ? 1.3178 1.3572 1.2661 -0.0926 -0.0128 -0.0386 50  ASP A C   
80  O O   . ASP A 53  ? 1.4438 1.4804 1.3879 -0.0833 -0.0201 -0.0235 50  ASP A O   
81  C CB  . ASP A 53  ? 1.3709 1.3909 1.3496 -0.0948 0.0000  -0.0695 50  ASP A CB  
82  C CG  . ASP A 53  ? 1.4758 1.4647 1.4629 -0.0808 -0.0071 -0.0606 50  ASP A CG  
83  O OD1 . ASP A 53  ? 1.2757 1.2504 1.2786 -0.0706 -0.0097 -0.0605 50  ASP A OD1 
84  O OD2 . ASP A 53  ? 1.4924 1.4733 1.4697 -0.0809 -0.0103 -0.0527 50  ASP A OD2 
85  N N   . ALA A 54  ? 1.4111 1.4534 1.3534 -0.1026 -0.0084 -0.0439 51  ALA A N   
86  C CA  . ALA A 54  ? 1.3080 1.3565 1.2369 -0.1041 -0.0128 -0.0308 51  ALA A CA  
87  C C   . ALA A 54  ? 1.1972 1.2196 1.1252 -0.0917 -0.0195 -0.0200 51  ALA A C   
88  O O   . ALA A 54  ? 1.1924 1.2203 1.1123 -0.0896 -0.0239 -0.0073 51  ALA A O   
89  C CB  . ALA A 54  ? 1.4770 1.5382 1.3988 -0.1198 -0.0061 -0.0402 51  ALA A CB  
90  N N   . ASN A 55  ? 1.2324 1.2286 1.1705 -0.0846 -0.0201 -0.0249 52  ASN A N   
91  C CA  . ASN A 55  ? 1.2355 1.2082 1.1720 -0.0753 -0.0271 -0.0146 52  ASN A CA  
92  C C   . ASN A 55  ? 1.2935 1.2562 1.2356 -0.0633 -0.0336 -0.0067 52  ASN A C   
93  O O   . ASN A 55  ? 1.0703 1.0146 1.0119 -0.0575 -0.0394 0.0008  52  ASN A O   
94  C CB  . ASN A 55  ? 1.1830 1.1339 1.1273 -0.0773 -0.0249 -0.0212 52  ASN A CB  
95  N N   . ASN A 56  ? 1.2810 1.2575 1.2276 -0.0613 -0.0327 -0.0084 53  ASN A N   
96  C CA  . ASN A 56  ? 1.1857 1.1552 1.1380 -0.0511 -0.0378 -0.0029 53  ASN A CA  
97  C C   . ASN A 56  ? 0.9730 0.9622 0.9214 -0.0499 -0.0382 0.0035  53  ASN A C   
98  O O   . ASN A 56  ? 0.9679 0.9783 0.9146 -0.0570 -0.0344 0.0010  53  ASN A O   
99  C CB  . ASN A 56  ? 1.2602 1.2219 1.2299 -0.0481 -0.0361 -0.0130 53  ASN A CB  
100 C CG  . ASN A 56  ? 1.4067 1.3476 1.3883 -0.0477 -0.0359 -0.0174 53  ASN A CG  
101 O OD1 . ASN A 56  ? 1.4859 1.4275 1.4765 -0.0544 -0.0283 -0.0301 53  ASN A OD1 
102 N ND2 . ASN A 56  ? 1.2559 1.1788 1.2389 -0.0411 -0.0438 -0.0068 53  ASN A ND2 
103 N N   . TYR A 57  ? 0.7821 0.7645 0.7299 -0.0420 -0.0427 0.0122  54  TYR A N   
104 C CA  . TYR A 57  ? 0.6789 0.6759 0.6281 -0.0395 -0.0427 0.0181  54  TYR A CA  
105 C C   . TYR A 57  ? 0.5947 0.5810 0.5501 -0.0313 -0.0459 0.0185  54  TYR A C   
106 O O   . TYR A 57  ? 0.5579 0.5272 0.5142 -0.0277 -0.0496 0.0186  54  TYR A O   
107 C CB  . TYR A 57  ? 0.6839 0.6868 0.6278 -0.0397 -0.0429 0.0287  54  TYR A CB  
108 C CG  . TYR A 57  ? 0.7283 0.7431 0.6666 -0.0478 -0.0405 0.0300  54  TYR A CG  
109 C CD1 . TYR A 57  ? 0.8095 0.8124 0.7406 -0.0507 -0.0407 0.0282  54  TYR A CD1 
110 C CD2 . TYR A 57  ? 0.6828 0.7226 0.6232 -0.0537 -0.0386 0.0340  54  TYR A CD2 
111 C CE1 . TYR A 57  ? 0.8245 0.8395 0.7504 -0.0588 -0.0384 0.0288  54  TYR A CE1 
112 C CE2 . TYR A 57  ? 0.7658 0.8198 0.7013 -0.0624 -0.0372 0.0360  54  TYR A CE2 
113 C CZ  . TYR A 57  ? 0.8026 0.8441 0.7309 -0.0648 -0.0366 0.0326  54  TYR A CZ  
114 O OH  . TYR A 57  ? 0.9161 0.9738 0.8396 -0.0742 -0.0349 0.0342  54  TYR A OH  
115 N N   . LEU A 58  ? 0.5143 0.5128 0.4746 -0.0295 -0.0448 0.0196  55  LEU A N   
116 C CA  . LEU A 58  ? 0.4981 0.4898 0.4638 -0.0224 -0.0472 0.0209  55  LEU A CA  
117 C C   . LEU A 58  ? 0.4372 0.4393 0.4038 -0.0208 -0.0458 0.0293  55  LEU A C   
118 O O   . LEU A 58  ? 0.3942 0.4142 0.3639 -0.0240 -0.0434 0.0323  55  LEU A O   
119 C CB  . LEU A 58  ? 0.5617 0.5559 0.5368 -0.0214 -0.0465 0.0119  55  LEU A CB  
120 C CG  . LEU A 58  ? 0.5551 0.5434 0.5357 -0.0143 -0.0494 0.0135  55  LEU A CG  
121 C CD1 . LEU A 58  ? 0.5450 0.5145 0.5265 -0.0102 -0.0550 0.0154  55  LEU A CD1 
122 C CD2 . LEU A 58  ? 0.6009 0.5979 0.5913 -0.0143 -0.0470 0.0051  55  LEU A CD2 
123 N N   . LEU A 59  ? 0.4219 0.4134 0.3872 -0.0169 -0.0469 0.0337  56  LEU A N   
124 C CA  . LEU A 59  ? 0.4223 0.4203 0.3930 -0.0148 -0.0438 0.0401  56  LEU A CA  
125 C C   . LEU A 59  ? 0.3860 0.3801 0.3615 -0.0104 -0.0448 0.0375  56  LEU A C   
126 O O   . LEU A 59  ? 0.4080 0.3894 0.3801 -0.0086 -0.0483 0.0337  56  LEU A O   
127 C CB  . LEU A 59  ? 0.4833 0.4728 0.4506 -0.0156 -0.0422 0.0433  56  LEU A CB  
128 C CG  . LEU A 59  ? 0.4657 0.4578 0.4428 -0.0134 -0.0370 0.0472  56  LEU A CG  
129 C CD1 . LEU A 59  ? 0.4530 0.4622 0.4430 -0.0134 -0.0334 0.0556  56  LEU A CD1 
130 C CD2 . LEU A 59  ? 0.5379 0.5198 0.5096 -0.0164 -0.0343 0.0459  56  LEU A CD2 
131 N N   . THR A 60  ? 0.4082 0.4143 0.3922 -0.0093 -0.0421 0.0406  57  THR A N   
132 C CA  . THR A 60  ? 0.3571 0.3607 0.3462 -0.0056 -0.0420 0.0382  57  THR A CA  
133 C C   . THR A 60  ? 0.3339 0.3406 0.3322 -0.0041 -0.0368 0.0445  57  THR A C   
134 O O   . THR A 60  ? 0.4078 0.4274 0.4156 -0.0051 -0.0340 0.0525  57  THR A O   
135 C CB  . THR A 60  ? 0.4070 0.4226 0.4001 -0.0064 -0.0427 0.0348  57  THR A CB  
136 O OG1 . THR A 60  ? 0.4615 0.4725 0.4506 -0.0079 -0.0454 0.0266  57  THR A OG1 
137 C CG2 . THR A 60  ? 0.4457 0.4599 0.4443 -0.0028 -0.0424 0.0320  57  THR A CG2 
138 N N   . VAL A 61  ? 0.3349 0.3309 0.3326 -0.0028 -0.0353 0.0412  58  VAL A N   
139 C CA  . VAL A 61  ? 0.3446 0.3417 0.3542 -0.0022 -0.0281 0.0443  58  VAL A CA  
140 C C   . VAL A 61  ? 0.3482 0.3449 0.3622 0.0000  -0.0272 0.0408  58  VAL A C   
141 O O   . VAL A 61  ? 0.3735 0.3634 0.3787 -0.0001 -0.0313 0.0344  58  VAL A O   
142 C CB  . VAL A 61  ? 0.3655 0.3525 0.3714 -0.0053 -0.0240 0.0411  58  VAL A CB  
143 C CG1 . VAL A 61  ? 0.3841 0.3724 0.4077 -0.0054 -0.0134 0.0427  58  VAL A CG1 
144 C CG2 . VAL A 61  ? 0.4087 0.3952 0.4078 -0.0078 -0.0257 0.0435  58  VAL A CG2 
145 N N   . SER A 62  ? 0.3513 0.3560 0.3806 0.0014  -0.0221 0.0463  59  SER A N   
146 C CA  . SER A 62  ? 0.3450 0.3500 0.3802 0.0030  -0.0201 0.0436  59  SER A CA  
147 C C   . SER A 62  ? 0.3915 0.3867 0.4302 0.0011  -0.0129 0.0375  59  SER A C   
148 O O   . SER A 62  ? 0.3978 0.3923 0.4507 0.0004  -0.0044 0.0405  59  SER A O   
149 C CB  . SER A 62  ? 0.3665 0.3841 0.4183 0.0040  -0.0171 0.0532  59  SER A CB  
150 O OG  . SER A 62  ? 0.3858 0.4034 0.4418 0.0050  -0.0154 0.0495  59  SER A OG  
151 N N   . VAL A 63  ? 0.3929 0.4040 0.3693 0.0095  -0.0210 0.0427  60  VAL A N   
152 C CA  . VAL A 63  ? 0.4212 0.4029 0.4033 0.0072  -0.0115 0.0348  60  VAL A CA  
153 C C   . VAL A 63  ? 0.4140 0.3851 0.3999 0.0076  -0.0097 0.0191  60  VAL A C   
154 O O   . VAL A 63  ? 0.4351 0.3898 0.4052 0.0030  -0.0177 0.0012  60  VAL A O   
155 C CB  . VAL A 63  ? 0.4252 0.3849 0.3835 -0.0004 -0.0213 0.0236  60  VAL A CB  
156 C CG1 . VAL A 63  ? 0.4938 0.4633 0.4552 -0.0025 -0.0164 0.0383  60  VAL A CG1 
157 C CG2 . VAL A 63  ? 0.4590 0.4120 0.3911 -0.0017 -0.0398 0.0107  60  VAL A CG2 
158 N N   . PRO A 64  ? 0.3866 0.3721 0.3950 0.0127  0.0022  0.0274  61  PRO A N   
159 C CA  . PRO A 64  ? 0.3737 0.3540 0.3839 0.0110  0.0032  0.0100  61  PRO A CA  
160 C C   . PRO A 64  ? 0.4183 0.3791 0.4382 0.0025  0.0188  -0.0039 61  PRO A C   
161 O O   . PRO A 64  ? 0.3941 0.3454 0.4332 0.0007  0.0386  0.0053  61  PRO A O   
162 C CB  . PRO A 64  ? 0.3911 0.3915 0.4236 0.0173  0.0148  0.0253  61  PRO A CB  
163 C CG  . PRO A 64  ? 0.4016 0.4134 0.4540 0.0231  0.0293  0.0539  61  PRO A CG  
164 C CD  . PRO A 64  ? 0.4099 0.4222 0.4395 0.0204  0.0131  0.0534  61  PRO A CD  
165 N N   . GLY A 65  ? 0.4532 0.4125 0.4607 -0.0036 0.0112  -0.0262 62  GLY A N   
166 C CA  . GLY A 65  ? 0.4871 0.4388 0.5001 -0.0164 0.0249  -0.0449 62  GLY A CA  
167 C C   . GLY A 65  ? 0.4790 0.4214 0.4763 -0.0236 0.0199  -0.0500 62  GLY A C   
168 O O   . GLY A 65  ? 0.4889 0.4323 0.4885 -0.0374 0.0308  -0.0683 62  GLY A O   
169 N N   . TRP A 66  ? 0.4633 0.4000 0.4459 -0.0169 0.0061  -0.0352 63  TRP A N   
170 C CA  . TRP A 66  ? 0.4981 0.4256 0.4636 -0.0237 0.0004  -0.0382 63  TRP A CA  
171 C C   . TRP A 66  ? 0.4996 0.4333 0.4374 -0.0241 -0.0207 -0.0484 63  TRP A C   
172 O O   . TRP A 66  ? 0.4988 0.4369 0.4261 -0.0139 -0.0361 -0.0451 63  TRP A O   
173 C CB  . TRP A 66  ? 0.4791 0.3999 0.4398 -0.0182 -0.0044 -0.0192 63  TRP A CB  
174 C CG  . TRP A 66  ? 0.4369 0.3568 0.4258 -0.0168 0.0175  -0.0056 63  TRP A CG  
175 C CD1 . TRP A 66  ? 0.4568 0.3875 0.4691 -0.0076 0.0289  0.0110  63  TRP A CD1 
176 C CD2 . TRP A 66  ? 0.4156 0.3255 0.4145 -0.0234 0.0328  -0.0048 63  TRP A CD2 
177 N NE1 . TRP A 66  ? 0.4597 0.3875 0.4981 -0.0056 0.0510  0.0254  63  TRP A NE1 
178 C CE2 . TRP A 66  ? 0.4441 0.3577 0.4755 -0.0154 0.0542  0.0144  63  TRP A CE2 
179 C CE3 . TRP A 66  ? 0.4983 0.3993 0.4831 -0.0351 0.0314  -0.0179 63  TRP A CE3 
180 C CZ2 . TRP A 66  ? 0.4882 0.3935 0.5408 -0.0173 0.0756  0.0208  63  TRP A CZ2 
181 C CZ3 . TRP A 66  ? 0.5728 0.4663 0.5766 -0.0400 0.0519  -0.0151 63  TRP A CZ3 
182 C CH2 . TRP A 66  ? 0.4974 0.3915 0.5360 -0.0302 0.0743  0.0041  63  TRP A CH2 
183 N N   . LYS A 67  ? 0.5248 0.4625 0.4533 -0.0353 -0.0193 -0.0595 64  LYS A N   
184 C CA  . LYS A 67  ? 0.5434 0.4932 0.4466 -0.0345 -0.0377 -0.0630 64  LYS A CA  
185 C C   . LYS A 67  ? 0.5337 0.4663 0.4158 -0.0321 -0.0489 -0.0500 64  LYS A C   
186 O O   . LYS A 67  ? 0.5763 0.4936 0.4624 -0.0365 -0.0410 -0.0443 64  LYS A O   
187 C CB  . LYS A 67  ? 0.6369 0.6140 0.5407 -0.0502 -0.0303 -0.0823 64  LYS A CB  
188 C CG  . LYS A 67  ? 0.6977 0.6979 0.6184 -0.0558 -0.0201 -0.0997 64  LYS A CG  
189 C CD  . LYS A 67  ? 0.8172 0.8504 0.7393 -0.0777 -0.0086 -0.1236 64  LYS A CD  
190 N N   . GLU A 68  ? 0.5995 0.5355 0.4608 -0.0242 -0.0657 -0.0441 65  GLU A N   
191 C CA  . GLU A 68  ? 0.6780 0.5927 0.5197 -0.0214 -0.0740 -0.0311 65  GLU A CA  
192 C C   . GLU A 68  ? 0.6611 0.5783 0.4974 -0.0361 -0.0673 -0.0342 65  GLU A C   
193 O O   . GLU A 68  ? 0.6807 0.5784 0.5119 -0.0400 -0.0649 -0.0278 65  GLU A O   
194 C CB  . GLU A 68  ? 0.7139 0.6275 0.5386 -0.0077 -0.0885 -0.0206 65  GLU A CB  
195 C CG  . GLU A 68  ? 0.8360 0.7803 0.6500 -0.0083 -0.0949 -0.0191 65  GLU A CG  
196 C CD  . GLU A 68  ? 0.8963 0.8424 0.7005 0.0116  -0.1067 -0.0030 65  GLU A CD  
197 O OE1 . GLU A 68  ? 0.8354 0.7488 0.6385 0.0235  -0.1079 0.0055  65  GLU A OE1 
198 O OE2 . GLU A 68  ? 0.9740 0.9590 0.7740 0.0154  -0.1129 0.0011  65  GLU A OE2 
199 N N   . GLU A 69  ? 0.6901 0.6355 0.5296 -0.0472 -0.0621 -0.0470 66  GLU A N   
200 C CA  . GLU A 69  ? 0.7623 0.7139 0.5978 -0.0646 -0.0532 -0.0539 66  GLU A CA  
201 C C   . GLU A 69  ? 0.7039 0.6368 0.5599 -0.0733 -0.0339 -0.0594 66  GLU A C   
202 O O   . GLU A 69  ? 0.6995 0.6310 0.5529 -0.0856 -0.0264 -0.0630 66  GLU A O   
203 C CB  . GLU A 69  ? 0.8615 0.8571 0.6959 -0.0793 -0.0493 -0.0711 66  GLU A CB  
204 C CG  . GLU A 69  ? 0.8784 0.8910 0.7368 -0.0871 -0.0342 -0.0919 66  GLU A CG  
205 C CD  . GLU A 69  ? 0.9652 0.9975 0.8221 -0.0737 -0.0468 -0.0895 66  GLU A CD  
206 O OE1 . GLU A 69  ? 0.9103 0.9302 0.7536 -0.0538 -0.0648 -0.0695 66  GLU A OE1 
207 O OE2 . GLU A 69  ? 1.1162 1.1757 0.9872 -0.0844 -0.0358 -0.1095 66  GLU A OE2 
208 N N   . GLU A 70  ? 0.5940 0.5165 0.4725 -0.0664 -0.0244 -0.0585 67  GLU A N   
209 C CA  . GLU A 70  ? 0.5591 0.4678 0.4624 -0.0700 -0.0039 -0.0571 67  GLU A CA  
210 C C   . GLU A 70  ? 0.6019 0.4938 0.5003 -0.0603 -0.0107 -0.0377 67  GLU A C   
211 O O   . GLU A 70  ? 0.5893 0.4761 0.5079 -0.0606 0.0047  -0.0309 67  GLU A O   
212 C CB  . GLU A 70  ? 0.5797 0.4900 0.5120 -0.0657 0.0119  -0.0606 67  GLU A CB  
213 C CG  . GLU A 70  ? 0.6182 0.5478 0.5590 -0.0778 0.0224  -0.0837 67  GLU A CG  
214 C CD  . GLU A 70  ? 0.6979 0.6236 0.6692 -0.0740 0.0415  -0.0860 67  GLU A CD  
215 O OE1 . GLU A 70  ? 0.6304 0.5590 0.5981 -0.0608 0.0284  -0.0768 67  GLU A OE1 
216 O OE2 . GLU A 70  ? 0.6875 0.6060 0.6879 -0.0842 0.0714  -0.0965 67  GLU A OE2 
217 N N   . LEU A 71  ? 0.7768 0.5536 0.5776 -0.1991 0.0972  -0.0224 68  LEU A N   
218 C CA  . LEU A 71  ? 0.7069 0.4788 0.5110 -0.1896 0.0955  -0.0132 68  LEU A CA  
219 C C   . LEU A 71  ? 0.7725 0.5517 0.5730 -0.1865 0.0907  -0.0092 68  LEU A C   
220 O O   . LEU A 71  ? 0.7591 0.5508 0.5555 -0.1888 0.0855  -0.0093 68  LEU A O   
221 C CB  . LEU A 71  ? 0.6855 0.4613 0.4940 -0.1854 0.0907  -0.0072 68  LEU A CB  
222 C CG  . LEU A 71  ? 0.6978 0.4685 0.5120 -0.1873 0.0957  -0.0075 68  LEU A CG  
223 C CD1 . LEU A 71  ? 0.6728 0.4545 0.4900 -0.1827 0.0903  -0.0017 68  LEU A CD1 
224 C CD2 . LEU A 71  ? 0.7043 0.4597 0.5226 -0.1826 0.1031  -0.0049 68  LEU A CD2 
225 N N   . GLU A 72  ? 0.7449 0.5179 0.5471 -0.1813 0.0925  -0.0043 69  GLU A N   
226 C CA  . GLU A 72  ? 0.7707 0.5510 0.5712 -0.1797 0.0879  0.0017  69  GLU A CA  
227 C C   . GLU A 72  ? 0.7352 0.5109 0.5403 -0.1746 0.0852  0.0095  69  GLU A C   
228 O O   . GLU A 72  ? 0.6664 0.4351 0.4754 -0.1710 0.0896  0.0102  69  GLU A O   
229 C CB  . GLU A 72  ? 0.8334 0.6185 0.6297 -0.1815 0.0930  -0.0019 69  GLU A CB  
230 C CG  . GLU A 72  ? 1.0105 0.8079 0.8009 -0.1869 0.0904  -0.0072 69  GLU A CG  
231 C CD  . GLU A 72  ? 1.0830 0.8896 0.8673 -0.1883 0.0944  -0.0118 69  GLU A CD  
232 O OE1 . GLU A 72  ? 1.2540 1.0639 1.0388 -0.1844 0.0962  -0.0060 69  GLU A OE1 
233 O OE2 . GLU A 72  ? 1.2244 1.0377 1.0035 -0.1935 0.0952  -0.0211 69  GLU A OE2 
234 N N   . ILE A 73  ? 0.7115 0.4909 0.5164 -0.1743 0.0772  0.0157  70  ILE A N   
235 C CA  . ILE A 73  ? 0.7291 0.5045 0.5378 -0.1717 0.0729  0.0223  70  ILE A CA  
236 C C   . ILE A 73  ? 0.7883 0.5708 0.5969 -0.1750 0.0702  0.0287  70  ILE A C   
237 O O   . ILE A 73  ? 0.8703 0.6588 0.6750 -0.1775 0.0680  0.0295  70  ILE A O   
238 C CB  . ILE A 73  ? 0.8399 0.6092 0.6483 -0.1685 0.0649  0.0234  70  ILE A CB  
239 C CG1 . ILE A 73  ? 0.9644 0.7349 0.7677 -0.1693 0.0586  0.0248  70  ILE A CG1 
240 C CG2 . ILE A 73  ? 0.9088 0.6757 0.7176 -0.1649 0.0681  0.0186  70  ILE A CG2 
241 C CD1 . ILE A 73  ? 1.0458 0.8076 0.8469 -0.1643 0.0505  0.0261  70  ILE A CD1 
242 N N   . GLU A 74  ? 0.7451 0.5299 0.5582 -0.1749 0.0711  0.0342  71  GLU A N   
243 C CA  . GLU A 74  ? 0.8477 0.6417 0.6624 -0.1790 0.0684  0.0425  71  GLU A CA  
244 C C   . GLU A 74  ? 0.8417 0.6363 0.6628 -0.1799 0.0652  0.0490  71  GLU A C   
245 O O   . GLU A 74  ? 0.8348 0.6283 0.6586 -0.1757 0.0688  0.0468  71  GLU A O   
246 C CB  . GLU A 74  ? 0.9535 0.7604 0.7661 -0.1787 0.0764  0.0418  71  GLU A CB  
247 C CG  . GLU A 74  ? 1.0883 0.9004 0.9042 -0.1748 0.0838  0.0432  71  GLU A CG  
248 C CD  . GLU A 74  ? 1.2376 1.0575 1.0483 -0.1714 0.0933  0.0386  71  GLU A CD  
249 O OE1 . GLU A 74  ? 1.2022 1.0341 1.0094 -0.1737 0.0928  0.0405  71  GLU A OE1 
250 O OE2 . GLU A 74  ? 1.3630 1.1768 1.1726 -0.1658 0.1014  0.0333  71  GLU A OE2 
251 N N   . THR A 75  ? 0.7826 0.6704 0.5757 -0.0763 0.0637  0.0163  72  THR A N   
252 C CA  . THR A 75  ? 0.7843 0.6589 0.5878 -0.0828 0.0646  0.0280  72  THR A CA  
253 C C   . THR A 75  ? 0.8168 0.7442 0.6215 -0.0719 0.0686  0.0456  72  THR A C   
254 O O   . THR A 75  ? 0.8566 0.8632 0.6714 -0.0557 0.0750  0.0785  72  THR A O   
255 C CB  . THR A 75  ? 0.8373 0.7009 0.6972 -0.0864 0.0550  0.0346  72  THR A CB  
256 O OG1 . THR A 75  ? 1.0827 0.9731 0.9713 -0.0862 0.0598  0.0709  72  THR A OG1 
257 C CG2 . THR A 75  ? 0.7528 0.6151 0.6020 -0.0764 0.0447  -0.0070 72  THR A CG2 
258 N N   . VAL A 76  ? 0.8322 0.7493 0.6279 -0.0723 0.0661  0.0307  73  VAL A N   
259 C CA  . VAL A 76  ? 0.9122 0.9006 0.7030 -0.0533 0.0677  0.0373  73  VAL A CA  
260 C C   . VAL A 76  ? 0.9518 0.9037 0.7535 -0.0668 0.0689  0.0480  73  VAL A C   
261 O O   . VAL A 76  ? 1.0139 0.9135 0.8072 -0.0763 0.0637  0.0213  73  VAL A O   
262 C CB  . VAL A 76  ? 0.9722 1.0031 0.7622 -0.0261 0.0477  -0.0309 73  VAL A CB  
263 C CG1 . VAL A 76  ? 1.0850 1.1583 0.8815 -0.0075 0.0368  -0.0607 73  VAL A CG1 
264 C CG2 . VAL A 76  ? 0.9939 1.1454 0.7737 0.0136  0.0428  -0.0481 73  VAL A CG2 
265 N N   . GLY A 77  ? 1.0515 1.0516 0.8964 -0.0645 0.0755  0.1036  74  GLY A N   
266 C CA  . GLY A 77  ? 1.0355 1.0083 0.9084 -0.0743 0.0723  0.1111  74  GLY A CA  
267 C C   . GLY A 77  ? 1.0042 0.8912 0.8947 -0.0890 0.0566  0.0663  74  GLY A C   
268 O O   . GLY A 77  ? 1.0333 0.9011 0.8998 -0.0891 0.0533  0.0391  74  GLY A O   
269 N N   . GLY A 78  ? 0.8635 0.7312 0.7980 -0.0906 0.0440  0.0528  75  GLY A N   
270 C CA  . GLY A 78  ? 0.8855 0.7403 0.8398 -0.0788 0.0204  -0.0129 75  GLY A CA  
271 C C   . GLY A 78  ? 0.7849 0.6688 0.6411 -0.0653 0.0331  -0.0353 75  GLY A C   
272 O O   . GLY A 78  ? 0.8193 0.7638 0.6769 -0.0358 0.0178  -0.0816 75  GLY A O   
273 N N   . ASN A 79  ? 0.7798 0.6318 0.6357 -0.1901 0.0554  0.0814  76  ASN A N   
274 C CA  . ASN A 79  ? 0.8018 0.6426 0.6528 -0.1792 0.0612  0.0722  76  ASN A CA  
275 C C   . ASN A 79  ? 0.7223 0.5429 0.5656 -0.1776 0.0620  0.0640  76  ASN A C   
276 O O   . ASN A 79  ? 0.7049 0.5252 0.5456 -0.1804 0.0636  0.0653  76  ASN A O   
277 C CB  . ASN A 79  ? 0.8379 0.6926 0.6905 -0.1686 0.0739  0.0746  76  ASN A CB  
278 C CG  . ASN A 79  ? 0.9380 0.8184 0.7987 -0.1695 0.0730  0.0843  76  ASN A CG  
279 O OD1 . ASN A 79  ? 0.8787 0.7637 0.7429 -0.1726 0.0656  0.0846  76  ASN A OD1 
280 N ND2 . ASN A 79  ? 1.0074 0.9067 0.8706 -0.1665 0.0806  0.0921  76  ASN A ND2 
281 N N   . LEU A 80  ? 0.7101 0.5178 0.5499 -0.1727 0.0606  0.0566  77  LEU A N   
282 C CA  . LEU A 80  ? 0.6818 0.4746 0.5152 -0.1699 0.0617  0.0490  77  LEU A CA  
283 C C   . LEU A 80  ? 0.6914 0.4851 0.5241 -0.1626 0.0735  0.0459  77  LEU A C   
284 O O   . LEU A 80  ? 0.7078 0.5047 0.5434 -0.1562 0.0777  0.0465  77  LEU A O   
285 C CB  . LEU A 80  ? 0.7086 0.4902 0.5391 -0.1674 0.0544  0.0437  77  LEU A CB  
286 C CG  . LEU A 80  ? 0.7297 0.5011 0.5547 -0.1630 0.0564  0.0371  77  LEU A CG  
287 C CD1 . LEU A 80  ? 0.7689 0.5361 0.5899 -0.1678 0.0545  0.0370  77  LEU A CD1 
288 C CD2 . LEU A 80  ? 0.7449 0.5095 0.5671 -0.1585 0.0494  0.0330  77  LEU A CD2 
289 N N   . ASN A 81  ? 0.6543 0.4449 0.4830 -0.1635 0.0786  0.0425  78  ASN A N   
290 C CA  . ASN A 81  ? 0.6972 0.4847 0.5240 -0.1583 0.0897  0.0382  78  ASN A CA  
291 C C   . ASN A 81  ? 0.6788 0.4555 0.5012 -0.1598 0.0892  0.0305  78  ASN A C   
292 O O   . ASN A 81  ? 0.6571 0.4340 0.4760 -0.1648 0.0840  0.0288  78  ASN A O   
293 C CB  . ASN A 81  ? 0.7410 0.5365 0.5660 -0.1582 0.0964  0.0397  78  ASN A CB  
294 C CG  . ASN A 81  ? 0.8373 0.6480 0.6675 -0.1554 0.0982  0.0487  78  ASN A CG  
295 O OD1 . ASN A 81  ? 0.8420 0.6559 0.6766 -0.1498 0.1006  0.0520  78  ASN A OD1 
296 N ND2 . ASN A 81  ? 0.9910 0.8150 0.8213 -0.1590 0.0972  0.0540  78  ASN A ND2 
297 N N   . ILE A 82  ? 0.6715 0.4414 0.4950 -0.1556 0.0944  0.0274  79  ILE A N   
298 C CA  . ILE A 82  ? 0.6978 0.4605 0.5185 -0.1577 0.0950  0.0209  79  ILE A CA  
299 C C   . ILE A 82  ? 0.6994 0.4546 0.5189 -0.1572 0.1060  0.0163  79  ILE A C   
300 O O   . ILE A 82  ? 0.7087 0.4591 0.5316 -0.1515 0.1131  0.0187  79  ILE A O   
301 C CB  . ILE A 82  ? 0.7254 0.4861 0.5489 -0.1536 0.0921  0.0218  79  ILE A CB  
302 C CG1 . ILE A 82  ? 0.7734 0.5383 0.5973 -0.1517 0.0821  0.0255  79  ILE A CG1 
303 C CG2 . ILE A 82  ? 0.7727 0.5305 0.5942 -0.1568 0.0922  0.0167  79  ILE A CG2 
304 C CD1 . ILE A 82  ? 0.8972 0.6612 0.7165 -0.1560 0.0729  0.0243  79  ILE A CD1 
305 N N   . THR A 83  ? 0.7063 0.4600 0.5208 -0.1630 0.1072  0.0094  80  THR A N   
306 C CA  . THR A 83  ? 0.7633 0.5070 0.5747 -0.1637 0.1170  0.0027  80  THR A CA  
307 C C   . THR A 83  ? 0.7483 0.4867 0.5581 -0.1710 0.1169  -0.0051 80  THR A C   
308 O O   . THR A 83  ? 0.7462 0.4936 0.5532 -0.1767 0.1104  -0.0080 80  THR A O   
309 C CB  . THR A 83  ? 0.7896 0.5390 0.5948 -0.1646 0.1192  -0.0006 80  THR A CB  
310 O OG1 . THR A 83  ? 0.9070 0.6665 0.7149 -0.1593 0.1179  0.0084  80  THR A OG1 
311 C CG2 . THR A 83  ? 0.8569 0.5927 0.6569 -0.1632 0.1297  -0.0088 80  THR A CG2 
312 N N   . GLY A 84  ? 0.7479 0.4726 0.5596 -0.1711 0.1245  -0.0077 81  GLY A N   
313 C CA  . GLY A 84  ? 0.7094 0.4287 0.5204 -0.1802 0.1253  -0.0152 81  GLY A CA  
314 C C   . GLY A 84  ? 0.7990 0.5031 0.6043 -0.1832 0.1337  -0.0248 81  GLY A C   
315 O O   . GLY A 84  ? 0.8105 0.4985 0.6162 -0.1766 0.1428  -0.0233 81  GLY A O   
316 N N   . LYS A 85  ? 0.6747 0.4827 0.5973 -0.1612 0.1424  -0.0899 82  LYS A N   
317 C CA  . LYS A 85  ? 0.7767 0.5956 0.7119 -0.1711 0.1535  -0.1049 82  LYS A CA  
318 C C   . LYS A 85  ? 0.8142 0.6224 0.7429 -0.1635 0.1433  -0.0946 82  LYS A C   
319 O O   . LYS A 85  ? 0.7568 0.5418 0.6458 -0.1733 0.1348  -0.0865 82  LYS A O   
320 C CB  . LYS A 85  ? 0.8377 0.6551 0.7454 -0.2011 0.1671  -0.1216 82  LYS A CB  
321 C CG  . LYS A 85  ? 0.9817 0.8241 0.9196 -0.2068 0.1830  -0.1420 82  LYS A CG  
322 C CD  . LYS A 85  ? 1.1492 0.9926 1.0567 -0.2396 0.1977  -0.1597 82  LYS A CD  
323 C CE  . LYS A 85  ? 1.2300 1.0893 1.1507 -0.2473 0.2096  -0.1743 82  LYS A CE  
324 N NZ  . LYS A 85  ? 1.3574 1.2138 1.2369 -0.2829 0.2219  -0.1876 82  LYS A NZ  
325 N N   . HIS A 86  ? 0.9325 0.7575 0.9024 -0.1459 0.1426  -0.0946 83  HIS A N   
326 C CA  . HIS A 86  ? 1.1562 0.9755 1.1292 -0.1337 0.1323  -0.0836 83  HIS A CA  
327 C C   . HIS A 86  ? 1.2510 1.0688 1.2172 -0.1472 0.1389  -0.0947 83  HIS A C   
328 O O   . HIS A 86  ? 1.1804 1.0146 1.1671 -0.1572 0.1524  -0.1138 83  HIS A O   
329 C CB  . HIS A 86  ? 1.1641 1.0001 1.1793 -0.1111 0.1263  -0.0756 83  HIS A CB  
330 C CG  . HIS A 86  ? 1.2848 1.1403 1.3431 -0.1084 0.1334  -0.0876 83  HIS A CG  
331 N ND1 . HIS A 86  ? 1.3790 1.2496 1.4617 -0.1159 0.1448  -0.1056 83  HIS A ND1 
332 C CD2 . HIS A 86  ? 1.3788 1.2413 1.4636 -0.0990 0.1291  -0.0855 83  HIS A CD2 
333 C CE1 . HIS A 86  ? 1.4144 1.3000 1.5390 -0.1106 0.1463  -0.1147 83  HIS A CE1 
334 N NE2 . HIS A 86  ? 1.4228 1.3028 1.5481 -0.1006 0.1367  -0.1017 83  HIS A NE2 
335 N N   . THR A 87  ? 1.4152 1.2138 1.3544 -0.1466 0.1277  -0.0831 84  THR A N   
336 C CA  . THR A 87  ? 1.6794 1.4661 1.5911 -0.1638 0.1294  -0.0883 84  THR A CA  
337 C C   . THR A 87  ? 1.7412 1.5472 1.6820 -0.1680 0.1417  -0.1055 84  THR A C   
338 O O   . THR A 87  ? 1.6965 1.5218 1.6835 -0.1518 0.1437  -0.1088 84  THR A O   
339 C CB  . THR A 87  ? 1.7014 1.4662 1.5914 -0.1553 0.1115  -0.0714 84  THR A CB  
340 O OG1 . THR A 87  ? 1.7315 1.4763 1.5931 -0.1553 0.0991  -0.0593 84  THR A OG1 
341 C CG2 . THR A 87  ? 1.7450 1.4956 1.6066 -0.1723 0.1106  -0.0748 84  THR A CG2 
342 N N   . GLU A 88  ? 1.7071 1.5070 1.6187 -0.1919 0.1489  -0.1163 85  GLU A N   
343 C CA  . GLU A 88  ? 1.7098 1.5230 1.6374 -0.1999 0.1586  -0.1327 85  GLU A CA  
344 C C   . GLU A 88  ? 1.5181 1.3364 1.4800 -0.1763 0.1503  -0.1248 85  GLU A C   
345 O O   . GLU A 88  ? 1.2778 1.0788 1.2237 -0.1654 0.1356  -0.1064 85  GLU A O   
346 C CB  . GLU A 88  ? 1.7770 1.5716 1.6535 -0.2254 0.1580  -0.1337 85  GLU A CB  
347 N N   . GLU A 89  ? 1.5159 1.3583 1.5269 -0.1694 0.1588  -0.1400 86  GLU A N   
348 C CA  . GLU A 89  ? 1.3848 1.2336 1.4332 -0.1471 0.1500  -0.1313 86  GLU A CA  
349 C C   . GLU A 89  ? 1.2066 1.0412 1.2353 -0.1463 0.1421  -0.1226 86  GLU A C   
350 O O   . GLU A 89  ? 1.0067 0.8281 0.9966 -0.1639 0.1437  -0.1257 86  GLU A O   
351 C CB  . GLU A 89  ? 1.4671 1.3421 1.5751 -0.1413 0.1576  -0.1500 86  GLU A CB  
352 C CG  . GLU A 89  ? 1.4827 1.3700 1.6231 -0.1311 0.1571  -0.1500 86  GLU A CG  
353 C CD  . GLU A 89  ? 1.4758 1.3550 1.6174 -0.1114 0.1418  -0.1237 86  GLU A CD  
354 O OE1 . GLU A 89  ? 1.3898 1.2682 1.5470 -0.0988 0.1321  -0.1124 86  GLU A OE1 
355 O OE2 . GLU A 89  ? 1.2920 1.1673 1.4188 -0.1098 0.1401  -0.1154 86  GLU A OE2 
356 N N   . THR A 90  ? 1.1151 0.9531 1.1718 -0.1260 0.1322  -0.1108 87  THR A N   
357 C CA  . THR A 90  ? 1.1016 0.9288 1.1485 -0.1191 0.1224  -0.0997 87  THR A CA  
358 C C   . THR A 90  ? 1.0143 0.8597 1.1132 -0.1074 0.1229  -0.1053 87  THR A C   
359 O O   . THR A 90  ? 0.9511 0.8112 1.0884 -0.0978 0.1227  -0.1062 87  THR A O   
360 C CB  . THR A 90  ? 1.1020 0.9163 1.1318 -0.1055 0.1082  -0.0778 87  THR A CB  
361 O OG1 . THR A 90  ? 1.2487 1.0566 1.2783 -0.0957 0.0979  -0.0677 87  THR A OG1 
362 C CG2 . THR A 90  ? 1.0604 0.8891 1.1211 -0.0915 0.1063  -0.0712 87  THR A CG2 
363 N N   . VAL A 91  ? 0.8195 0.6633 0.9205 -0.1090 0.1222  -0.1091 88  VAL A N   
364 C CA  . VAL A 91  ? 0.6724 0.5297 0.8206 -0.0968 0.1190  -0.1109 88  VAL A CA  
365 C C   . VAL A 91  ? 0.6457 0.5002 0.8026 -0.0788 0.1050  -0.0881 88  VAL A C   
366 O O   . VAL A 91  ? 0.7626 0.6035 0.8892 -0.0759 0.0975  -0.0752 88  VAL A O   
367 C CB  . VAL A 91  ? 0.6952 0.5515 0.8427 -0.1033 0.1217  -0.1212 88  VAL A CB  
368 C CG1 . VAL A 91  ? 0.6390 0.5065 0.8354 -0.0889 0.1151  -0.1191 88  VAL A CG1 
369 C CG2 . VAL A 91  ? 0.7421 0.6072 0.8850 -0.1241 0.1376  -0.1475 88  VAL A CG2 
370 N N   . GLU A 92  ? 0.8058 0.6736 1.0046 -0.0684 0.1005  -0.0845 89  GLU A N   
371 C CA  . GLU A 92  ? 0.7407 0.6093 0.9460 -0.0554 0.0882  -0.0635 89  GLU A CA  
372 C C   . GLU A 92  ? 0.7066 0.5839 0.9524 -0.0478 0.0805  -0.0596 89  GLU A C   
373 O O   . GLU A 92  ? 0.6078 0.4954 0.8955 -0.0466 0.0795  -0.0673 89  GLU A O   
374 C CB  . GLU A 92  ? 0.8506 0.7240 1.0585 -0.0527 0.0870  -0.0571 89  GLU A CB  
375 C CG  . GLU A 92  ? 1.4228 1.2843 1.5860 -0.0595 0.0919  -0.0574 89  GLU A CG  
376 C CD  . GLU A 92  ? 1.4554 1.3198 1.6132 -0.0550 0.0887  -0.0474 89  GLU A CD  
377 O OE1 . GLU A 92  ? 1.5636 1.4401 1.7531 -0.0516 0.0876  -0.0474 89  GLU A OE1 
378 O OE2 . GLU A 92  ? 1.7522 1.6062 1.8758 -0.0552 0.0860  -0.0404 89  GLU A OE2 
379 N N   . ASP A 93  ? 0.6069 0.4793 0.8418 -0.0432 0.0738  -0.0483 90  ASP A N   
380 C CA  . ASP A 93  ? 0.5708 0.4488 0.8377 -0.0378 0.0662  -0.0437 90  ASP A CA  
381 C C   . ASP A 93  ? 0.6021 0.4887 0.8904 -0.0320 0.0555  -0.0271 90  ASP A C   
382 O O   . ASP A 93  ? 0.6093 0.4964 0.8771 -0.0292 0.0508  -0.0124 90  ASP A O   
383 C CB  . ASP A 93  ? 0.5682 0.4388 0.8141 -0.0360 0.0631  -0.0380 90  ASP A CB  
384 C CG  . ASP A 93  ? 0.6383 0.5144 0.9188 -0.0320 0.0560  -0.0353 90  ASP A CG  
385 O OD1 . ASP A 93  ? 0.7213 0.6058 1.0401 -0.0298 0.0499  -0.0328 90  ASP A OD1 
386 O OD2 . ASP A 93  ? 0.7827 0.6542 1.0532 -0.0310 0.0544  -0.0341 90  ASP A OD2 
387 N N   . GLN A 94  ? 0.6498 0.5435 0.9808 -0.0310 0.0504  -0.0304 91  GLN A N   
388 C CA  . GLN A 94  ? 0.7716 0.6715 1.1218 -0.0284 0.0386  -0.0145 91  GLN A CA  
389 C C   . GLN A 94  ? 0.7593 0.6617 1.1117 -0.0265 0.0261  0.0060  91  GLN A C   
390 O O   . GLN A 94  ? 0.8302 0.7381 1.1851 -0.0275 0.0165  0.0228  91  GLN A O   
391 C CB  . GLN A 94  ? 0.7680 0.6730 1.1674 -0.0283 0.0332  -0.0244 91  GLN A CB  
392 C CG  . GLN A 94  ? 0.7952 0.7024 1.1977 -0.0319 0.0464  -0.0474 91  GLN A CG  
393 C CD  . GLN A 94  ? 0.8806 0.7869 1.2486 -0.0338 0.0528  -0.0427 91  GLN A CD  
394 O OE1 . GLN A 94  ? 1.1374 1.0475 1.5157 -0.0317 0.0446  -0.0314 91  GLN A OE1 
395 N NE2 . GLN A 94  ? 0.9055 0.8059 1.2326 -0.0385 0.0663  -0.0510 91  GLN A NE2 
396 N N   . THR A 95  ? 0.7264 0.6254 1.0764 -0.0256 0.0264  0.0043  92  THR A N   
397 C CA  . THR A 95  ? 0.7384 0.6408 1.0832 -0.0255 0.0174  0.0216  92  THR A CA  
398 C C   . THR A 95  ? 0.8227 0.7289 1.1272 -0.0257 0.0203  0.0314  92  THR A C   
399 O O   . THR A 95  ? 0.8696 0.7853 1.1730 -0.0286 0.0119  0.0477  92  THR A O   
400 C CB  . THR A 95  ? 0.8181 0.7161 1.1697 -0.0241 0.0178  0.0156  92  THR A CB  
401 O OG1 . THR A 95  ? 1.4835 1.3865 1.8443 -0.0255 0.0061  0.0328  92  THR A OG1 
402 C CG2 . THR A 95  ? 0.7132 0.6048 1.0276 -0.0232 0.0285  0.0069  92  THR A CG2 
403 N N   . HIS A 96  ? 0.7903 0.6900 1.0639 -0.0243 0.0309  0.0206  93  HIS A N   
404 C CA  . HIS A 96  ? 0.7372 0.6391 0.9767 -0.0233 0.0330  0.0252  93  HIS A CA  
405 C C   . HIS A 96  ? 0.7865 0.6973 1.0242 -0.0249 0.0311  0.0332  93  HIS A C   
406 O O   . HIS A 96  ? 0.9436 0.8611 1.1605 -0.0247 0.0311  0.0377  93  HIS A O   
407 C CB  . HIS A 96  ? 0.7626 0.6512 0.9725 -0.0226 0.0415  0.0122  93  HIS A CB  
408 C CG  . HIS A 96  ? 0.7772 0.6558 0.9778 -0.0221 0.0428  0.0050  93  HIS A CG  
409 N ND1 . HIS A 96  ? 0.8694 0.7513 1.0897 -0.0210 0.0387  0.0074  93  HIS A ND1 
410 C CD2 . HIS A 96  ? 0.8951 0.7592 1.0683 -0.0236 0.0466  -0.0044 93  HIS A CD2 
411 C CE1 . HIS A 96  ? 0.9202 0.7914 1.1259 -0.0210 0.0409  -0.0007 93  HIS A CE1 
412 N NE2 . HIS A 96  ? 0.9480 0.8077 1.1242 -0.0232 0.0451  -0.0076 93  HIS A NE2 
413 N N   . TRP A 97  ? 0.7386 0.6496 0.9988 -0.0266 0.0298  0.0324  94  TRP A N   
414 C CA  . TRP A 97  ? 0.6997 0.6184 0.9600 -0.0285 0.0270  0.0401  94  TRP A CA  
415 C C   . TRP A 97  ? 0.7266 0.6552 1.0089 -0.0327 0.0140  0.0568  94  TRP A C   
416 O O   . TRP A 97  ? 0.7876 0.7128 1.1013 -0.0335 0.0063  0.0583  94  TRP A O   
417 C CB  . TRP A 97  ? 0.7515 0.6650 1.0248 -0.0284 0.0319  0.0288  94  TRP A CB  
418 C CG  . TRP A 97  ? 0.7481 0.6525 0.9904 -0.0280 0.0439  0.0156  94  TRP A CG  
419 C CD1 . TRP A 97  ? 0.7485 0.6422 0.9808 -0.0290 0.0517  0.0017  94  TRP A CD1 
420 C CD2 . TRP A 97  ? 0.7109 0.6157 0.9259 -0.0278 0.0475  0.0168  94  TRP A CD2 
421 N NE1 . TRP A 97  ? 0.7349 0.6201 0.9338 -0.0309 0.0586  -0.0045 94  TRP A NE1 
422 C CE2 . TRP A 97  ? 0.7263 0.6176 0.9157 -0.0293 0.0560  0.0043  94  TRP A CE2 
423 C CE3 . TRP A 97  ? 0.6428 0.5579 0.8522 -0.0279 0.0437  0.0271  94  TRP A CE3 
424 C CZ2 . TRP A 97  ? 0.7469 0.6332 0.9077 -0.0298 0.0593  0.0025  94  TRP A CZ2 
425 C CZ3 . TRP A 97  ? 0.6203 0.5325 0.8034 -0.0273 0.0487  0.0232  94  TRP A CZ3 
426 C CH2 . TRP A 97  ? 0.7602 0.6572 0.9201 -0.0278 0.0557  0.0113  94  TRP A CH2 
427 N N   . ILE A 98  ? 0.5685 0.5095 0.8334 -0.0367 0.0110  0.0686  95  ILE A N   
428 C CA  . ILE A 98  ? 0.5450 0.4970 0.8224 -0.0453 -0.0018 0.0870  95  ILE A CA  
429 C C   . ILE A 98  ? 0.5821 0.5373 0.8672 -0.0490 -0.0072 0.0936  95  ILE A C   
430 O O   . ILE A 98  ? 0.5905 0.5445 0.9021 -0.0547 -0.0217 0.1059  95  ILE A O   
431 C CB  . ILE A 98  ? 0.5547 0.5228 0.8083 -0.0509 -0.0009 0.0938  95  ILE A CB  
432 C CG1 . ILE A 98  ? 0.5613 0.5262 0.8125 -0.0474 0.0021  0.0879  95  ILE A CG1 
433 C CG2 . ILE A 98  ? 0.5405 0.5220 0.8010 -0.0643 -0.0136 0.1137  95  ILE A CG2 
434 C CD1 . ILE A 98  ? 0.5774 0.5599 0.8079 -0.0515 0.0047  0.0890  95  ILE A CD1 
435 N N   . TYR A 99  ? 0.5076 0.4650 0.7716 -0.0457 0.0025  0.0858  96  TYR A N   
436 C CA  . TYR A 99  ? 0.4998 0.4613 0.7670 -0.0488 -0.0010 0.0908  96  TYR A CA  
437 C C   . TYR A 99  ? 0.4797 0.4360 0.7292 -0.0421 0.0121  0.0756  96  TYR A C   
438 O O   . TYR A 99  ? 0.4350 0.3913 0.6589 -0.0385 0.0211  0.0676  96  TYR A O   
439 C CB  . TYR A 99  ? 0.5307 0.5102 0.7832 -0.0592 -0.0072 0.1064  96  TYR A CB  
440 C CG  . TYR A 99  ? 0.5493 0.5337 0.8008 -0.0624 -0.0098 0.1107  96  TYR A CG  
441 C CD1 . TYR A 99  ? 0.5870 0.5641 0.8671 -0.0648 -0.0225 0.1182  96  TYR A CD1 
442 C CD2 . TYR A 99  ? 0.5444 0.5397 0.7704 -0.0621 -0.0011 0.1058  96  TYR A CD2 
443 C CE1 . TYR A 99  ? 0.6182 0.5984 0.8982 -0.0670 -0.0251 0.1210  96  TYR A CE1 
444 C CE2 . TYR A 99  ? 0.5273 0.5270 0.7526 -0.0650 -0.0032 0.1092  96  TYR A CE2 
445 C CZ  . TYR A 99  ? 0.5565 0.5485 0.8075 -0.0674 -0.0149 0.1171  96  TYR A CZ  
446 O OH  . TYR A 99  ? 0.5588 0.5553 0.8090 -0.0701 -0.0175 0.1203  96  TYR A OH  
447 N N   . ARG A 100 ? 0.4753 0.4262 0.7400 -0.0406 0.0120  0.0709  97  ARG A N   
448 C CA  . ARG A 100 ? 0.4847 0.4296 0.7323 -0.0362 0.0244  0.0564  97  ARG A CA  
449 C C   . ARG A 100 ? 0.5301 0.4810 0.7816 -0.0383 0.0214  0.0607  97  ARG A C   
450 O O   . ARG A 100 ? 0.5347 0.4822 0.8138 -0.0385 0.0168  0.0583  97  ARG A O   
451 C CB  . ARG A 100 ? 0.5515 0.4835 0.8112 -0.0328 0.0315  0.0399  97  ARG A CB  
452 C CG  . ARG A 100 ? 0.6915 0.6164 0.9304 -0.0317 0.0439  0.0257  97  ARG A CG  
453 C CD  . ARG A 100 ? 0.8078 0.7224 1.0545 -0.0324 0.0523  0.0082  97  ARG A CD  
454 N NE  . ARG A 100 ? 0.8990 0.8038 1.1106 -0.0341 0.0630  -0.0017 97  ARG A NE  
455 C CZ  . ARG A 100 ? 0.9571 0.8517 1.1587 -0.0375 0.0704  -0.0142 97  ARG A CZ  
456 N NH1 . ARG A 100 ? 1.0618 0.9570 1.2877 -0.0381 0.0703  -0.0209 97  ARG A NH1 
457 N NH2 . ARG A 100 ? 0.9261 0.8097 1.0927 -0.0412 0.0767  -0.0197 97  ARG A NH2 
458 N N   . GLY A 101 ? 0.4677 0.4292 0.6945 -0.0405 0.0230  0.0662  98  GLY A N   
459 C CA  . GLY A 101 ? 0.4422 0.4118 0.6687 -0.0435 0.0201  0.0715  98  GLY A CA  
460 C C   . GLY A 101 ? 0.4558 0.4196 0.6656 -0.0389 0.0314  0.0580  98  GLY A C   
461 O O   . GLY A 101 ? 0.5090 0.4768 0.7212 -0.0402 0.0305  0.0593  98  GLY A O   
462 N N   . ILE A 102 ? 0.5039 0.4575 0.6957 -0.0346 0.0408  0.0461  99  ILE A N   
463 C CA  . ILE A 102 ? 0.5083 0.4541 0.6799 -0.0324 0.0497  0.0349  99  ILE A CA  
464 C C   . ILE A 102 ? 0.5652 0.4973 0.7473 -0.0328 0.0564  0.0221  99  ILE A C   
465 O O   . ILE A 102 ? 0.5716 0.4943 0.7548 -0.0328 0.0597  0.0151  99  ILE A O   
466 C CB  . ILE A 102 ? 0.4891 0.4295 0.6331 -0.0296 0.0531  0.0295  99  ILE A CB  
467 C CG1 . ILE A 102 ? 0.4358 0.3939 0.5711 -0.0297 0.0485  0.0365  99  ILE A CG1 
468 C CG2 . ILE A 102 ? 0.5658 0.4934 0.6890 -0.0289 0.0595  0.0190  99  ILE A CG2 
469 C CD1 . ILE A 102 ? 0.4397 0.3942 0.5552 -0.0258 0.0492  0.0292  99  ILE A CD1 
470 N N   . ARG A 103 ? 0.6365 0.5697 0.8274 -0.0341 0.0587  0.0178  100 ARG A N   
471 C CA  . ARG A 103 ? 0.7680 0.6935 0.9728 -0.0365 0.0661  0.0026  100 ARG A CA  
472 C C   . ARG A 103 ? 0.6797 0.5959 0.8539 -0.0394 0.0764  -0.0074 100 ARG A C   
473 O O   . ARG A 103 ? 0.6417 0.5603 0.7986 -0.0382 0.0755  -0.0026 100 ARG A O   
474 C CB  . ARG A 103 ? 0.8404 0.7741 1.0823 -0.0367 0.0603  0.0028  100 ARG A CB  
475 C CG  . ARG A 103 ? 0.9263 0.8655 1.1995 -0.0355 0.0462  0.0145  100 ARG A CG  
476 C CD  . ARG A 103 ? 0.9853 0.9296 1.2978 -0.0358 0.0352  0.0164  100 ARG A CD  
477 N N   . LYS A 104 ? 0.6595 0.5649 0.8254 -0.0446 0.0851  -0.0210 101 LYS A N   
478 C CA  . LYS A 104 ? 0.7587 0.6523 0.8929 -0.0510 0.0932  -0.0296 101 LYS A CA  
479 C C   . LYS A 104 ? 0.7411 0.6352 0.8897 -0.0600 0.1040  -0.0480 101 LYS A C   
480 O O   . LYS A 104 ? 0.7459 0.6406 0.9090 -0.0636 0.1078  -0.0577 101 LYS A O   
481 C CB  . LYS A 104 ? 0.8820 0.7610 0.9842 -0.0523 0.0917  -0.0274 101 LYS A CB  
482 C CG  . LYS A 104 ? 0.9036 0.7663 0.9684 -0.0590 0.0940  -0.0308 101 LYS A CG  
483 C CD  . LYS A 104 ? 0.8628 0.7085 0.9000 -0.0607 0.0888  -0.0285 101 LYS A CD  
484 C CE  . LYS A 104 ? 0.8524 0.6774 0.8552 -0.0743 0.0919  -0.0355 101 LYS A CE  
485 N NZ  . LYS A 104 ? 0.8354 0.6419 0.8118 -0.0736 0.0809  -0.0297 101 LYS A NZ  
486 N N   . ALA A 105 ? 0.6763 0.5736 0.8248 -0.0636 0.1088  -0.0537 102 ALA A N   
487 C CA  . ALA A 105 ? 0.6594 0.5622 0.8256 -0.0724 0.1194  -0.0732 102 ALA A CA  
488 C C   . ALA A 105 ? 0.6614 0.5562 0.7950 -0.0828 0.1279  -0.0795 102 ALA A C   
489 O O   . ALA A 105 ? 0.6561 0.5464 0.7706 -0.0788 0.1230  -0.0685 102 ALA A O   
490 C CB  . ALA A 105 ? 0.7227 0.6410 0.9343 -0.0655 0.1142  -0.0742 102 ALA A CB  
491 N N   . ASP A 106 ? 0.6686 0.5627 0.7964 -0.0975 0.1403  -0.0982 103 ASP A N   
492 C CA  . ASP A 106 ? 0.7359 0.6223 0.8315 -0.1118 0.1490  -0.1057 103 ASP A CA  
493 C C   . ASP A 106 ? 0.7503 0.6467 0.8629 -0.1073 0.1493  -0.1064 103 ASP A C   
494 O O   . ASP A 106 ? 0.6492 0.5613 0.8052 -0.0980 0.1465  -0.1097 103 ASP A O   
495 C CB  . ASP A 106 ? 0.8070 0.6980 0.9012 -0.1311 0.1639  -0.1291 103 ASP A CB  
496 C CG  . ASP A 106 ? 0.7898 0.6698 0.8613 -0.1385 0.1639  -0.1285 103 ASP A CG  
497 O OD1 . ASP A 106 ? 0.7740 0.6413 0.8310 -0.1276 0.1518  -0.1097 103 ASP A OD1 
498 O OD2 . ASP A 106 ? 0.8656 0.7502 0.9326 -0.1561 0.1760  -0.1474 103 ASP A OD2 
499 N N   . PHE A 107 ? 0.6979 0.5839 0.7773 -0.1137 0.1505  -0.1028 104 PHE A N   
500 C CA  . PHE A 107 ? 0.6228 0.5172 0.7150 -0.1095 0.1505  -0.1028 104 PHE A CA  
501 C C   . PHE A 107 ? 0.6561 0.5413 0.7149 -0.1256 0.1588  -0.1099 104 PHE A C   
502 O O   . PHE A 107 ? 0.6045 0.4734 0.6254 -0.1398 0.1611  -0.1104 104 PHE A O   
503 C CB  . PHE A 107 ? 0.6346 0.5275 0.7249 -0.0933 0.1368  -0.0820 104 PHE A CB  
504 C CG  . PHE A 107 ? 0.6235 0.4970 0.6710 -0.0941 0.1303  -0.0700 104 PHE A CG  
505 C CD1 . PHE A 107 ? 0.6140 0.4786 0.6498 -0.0896 0.1229  -0.0610 104 PHE A CD1 
506 C CD2 . PHE A 107 ? 0.6114 0.4759 0.6341 -0.0987 0.1298  -0.0682 104 PHE A CD2 
507 C CE1 . PHE A 107 ? 0.5818 0.4289 0.5842 -0.0891 0.1142  -0.0517 104 PHE A CE1 
508 C CE2 . PHE A 107 ? 0.5831 0.4292 0.5726 -0.0982 0.1204  -0.0582 104 PHE A CE2 
509 C CZ  . PHE A 107 ? 0.6019 0.4389 0.5818 -0.0938 0.1124  -0.0508 104 PHE A CZ  
510 N N   . GLN A 108 ? 0.7937 0.5087 0.6185 -0.1342 0.1478  0.0200  105 GLN A N   
511 C CA  . GLN A 108 ? 0.8729 0.6063 0.6976 -0.1348 0.1393  0.0233  105 GLN A CA  
512 C C   . GLN A 108 ? 0.8477 0.5939 0.6790 -0.1284 0.1360  0.0331  105 GLN A C   
513 O O   . GLN A 108 ? 0.8779 0.6258 0.7123 -0.1187 0.1435  0.0400  105 GLN A O   
514 C CB  . GLN A 108 ? 0.9598 0.6979 0.7795 -0.1319 0.1432  0.0225  105 GLN A CB  
515 C CG  . GLN A 108 ? 1.0863 0.8420 0.9056 -0.1374 0.1329  0.0247  105 GLN A CG  
516 C CD  . GLN A 108 ? 1.1044 0.8759 0.9247 -0.1318 0.1351  0.0321  105 GLN A CD  
517 O OE1 . GLN A 108 ? 1.1325 0.9131 0.9582 -0.1253 0.1363  0.0407  105 GLN A OE1 
518 N NE2 . GLN A 108 ? 1.1338 0.9115 0.9486 -0.1339 0.1356  0.0295  105 GLN A NE2 
519 N N   . LEU A 109 ? 0.7086 0.4638 0.5413 -0.1332 0.1246  0.0334  106 LEU A N   
520 C CA  . LEU A 109 ? 0.7421 0.5102 0.5794 -0.1292 0.1188  0.0400  106 LEU A CA  
521 C C   . LEU A 109 ? 0.7195 0.4995 0.5560 -0.1336 0.1106  0.0419  106 LEU A C   
522 O O   . LEU A 109 ? 0.7178 0.4954 0.5507 -0.1404 0.1068  0.0380  106 LEU A O   
523 C CB  . LEU A 109 ? 0.7421 0.5091 0.5802 -0.1305 0.1121  0.0380  106 LEU A CB  
524 C CG  . LEU A 109 ? 0.7987 0.5567 0.6389 -0.1276 0.1199  0.0381  106 LEU A CG  
525 C CD1 . LEU A 109 ? 0.8051 0.5682 0.6459 -0.1278 0.1122  0.0374  106 LEU A CD1 
526 C CD2 . LEU A 109 ? 0.7887 0.5492 0.6341 -0.1172 0.1293  0.0465  106 LEU A CD2 
527 N N   . SER A 110 ? 0.7432 0.5376 0.5840 -0.1298 0.1084  0.0489  107 SER A N   
528 C CA  . SER A 110 ? 0.7221 0.5298 0.5642 -0.1355 0.1007  0.0526  107 SER A CA  
529 C C   . SER A 110 ? 0.6907 0.5083 0.5362 -0.1362 0.0913  0.0552  107 SER A C   
530 O O   . SER A 110 ? 0.7254 0.5509 0.5740 -0.1283 0.0945  0.0584  107 SER A O   
531 C CB  . SER A 110 ? 0.7934 0.6132 0.6373 -0.1311 0.1088  0.0589  107 SER A CB  
532 O OG  . SER A 110 ? 0.8594 0.6714 0.6982 -0.1331 0.1139  0.0548  107 SER A OG  
533 N N   . PHE A 111 ? 0.6855 0.5014 0.5295 -0.1448 0.0797  0.0532  108 PHE A N   
534 C CA  . PHE A 111 ? 0.7053 0.5282 0.5511 -0.1468 0.0692  0.0535  108 PHE A CA  
535 C C   . PHE A 111 ? 0.7437 0.5726 0.5915 -0.1575 0.0605  0.0569  108 PHE A C   
536 O O   . PHE A 111 ? 0.7441 0.5628 0.5892 -0.1647 0.0564  0.0557  108 PHE A O   
537 C CB  . PHE A 111 ? 0.7688 0.5778 0.6092 -0.1455 0.0623  0.0458  108 PHE A CB  
538 C CG  . PHE A 111 ? 0.7626 0.5667 0.6019 -0.1366 0.0707  0.0437  108 PHE A CG  
539 C CD1 . PHE A 111 ? 0.7488 0.5413 0.5856 -0.1377 0.0766  0.0408  108 PHE A CD1 
540 C CD2 . PHE A 111 ? 0.8404 0.6537 0.6819 -0.1278 0.0728  0.0454  108 PHE A CD2 
541 C CE1 . PHE A 111 ? 0.8264 0.6144 0.6635 -0.1319 0.0841  0.0396  108 PHE A CE1 
542 C CE2 . PHE A 111 ? 0.8711 0.6808 0.7131 -0.1205 0.0810  0.0456  108 PHE A CE2 
543 C CZ  . PHE A 111 ? 0.8441 0.6401 0.6844 -0.1233 0.0867  0.0429  108 PHE A CZ  
544 N N   . SER A 112 ? 0.5850 0.5683 0.6692 -0.0066 -0.0659 0.0154  109 SER A N   
545 C CA  . SER A 112 ? 0.5760 0.5819 0.6867 -0.0057 -0.0562 0.0182  109 SER A CA  
546 C C   . SER A 112 ? 0.6118 0.6049 0.6749 -0.0143 -0.0507 0.0291  109 SER A C   
547 O O   . SER A 112 ? 0.6726 0.6315 0.6939 -0.0228 -0.0632 0.0347  109 SER A O   
548 C CB  . SER A 112 ? 0.6421 0.6394 0.8064 -0.0074 -0.0831 0.0232  109 SER A CB  
549 O OG  . SER A 112 ? 0.7224 0.7623 0.9497 0.0005  -0.0643 0.0145  109 SER A OG  
550 N N   . LEU A 113 ? 0.5527 0.5722 0.6195 -0.0131 -0.0307 0.0304  110 LEU A N   
551 C CA  . LEU A 113 ? 0.5658 0.5745 0.6042 -0.0194 -0.0296 0.0388  110 LEU A CA  
552 C C   . LEU A 113 ? 0.6598 0.6656 0.7258 -0.0247 -0.0444 0.0494  110 LEU A C   
553 O O   . LEU A 113 ? 0.6600 0.6936 0.7719 -0.0239 -0.0391 0.0527  110 LEU A O   
554 C CB  . LEU A 113 ? 0.5754 0.6070 0.6052 -0.0186 -0.0095 0.0391  110 LEU A CB  
555 C CG  . LEU A 113 ? 0.6056 0.6380 0.6121 -0.0142 0.0006  0.0303  110 LEU A CG  
556 C CD1 . LEU A 113 ? 0.7276 0.7773 0.7254 -0.0166 0.0122  0.0342  110 LEU A CD1 
557 C CD2 . LEU A 113 ? 0.6649 0.6695 0.6441 -0.0162 -0.0048 0.0282  110 LEU A CD2 
558 N N   . PRO A 114 ? 0.7318 0.7032 0.7699 -0.0309 -0.0616 0.0533  111 PRO A N   
559 C CA  . PRO A 114 ? 0.8617 0.8311 0.9281 -0.0359 -0.0772 0.0639  111 PRO A CA  
560 C C   . PRO A 114 ? 0.8447 0.8481 0.9354 -0.0370 -0.0604 0.0723  111 PRO A C   
561 O O   . PRO A 114 ? 0.6991 0.7105 0.7666 -0.0360 -0.0449 0.0701  111 PRO A O   
562 C CB  . PRO A 114 ? 0.9457 0.8685 0.9638 -0.0419 -0.0950 0.0611  111 PRO A CB  
563 C CG  . PRO A 114 ? 0.9388 0.8549 0.9106 -0.0398 -0.0750 0.0494  111 PRO A CG  
564 C CD  . PRO A 114 ? 0.8016 0.7447 0.7859 -0.0337 -0.0586 0.0468  111 PRO A CD  
565 N N   . GLU A 115 ? 0.9788 1.0029 1.1199 -0.0414 -0.0646 0.0841  112 GLU A N   
566 C CA  . GLU A 115 ? 1.0930 1.1436 1.2514 -0.0487 -0.0530 0.0982  112 GLU A CA  
567 C C   . GLU A 115 ? 1.1053 1.1193 1.2423 -0.0521 -0.0769 0.1020  112 GLU A C   
568 O O   . GLU A 115 ? 1.2832 1.2683 1.4281 -0.0538 -0.1034 0.1028  112 GLU A O   
569 C CB  . GLU A 115 ? 1.0827 1.1667 1.3078 -0.0553 -0.0491 0.1110  112 GLU A CB  
570 N N   . HIS A 116 ? 1.2476 1.2579 1.3609 -0.0533 -0.0721 0.1027  113 HIS A N   
571 C CA  . HIS A 116 ? 1.1492 1.1866 1.2535 -0.0559 -0.0510 0.1076  113 HIS A CA  
572 C C   . HIS A 116 ? 0.9723 0.9883 1.0398 -0.0482 -0.0488 0.0920  113 HIS A C   
573 O O   . HIS A 116 ? 0.8741 0.8737 0.9404 -0.0490 -0.0596 0.0920  113 HIS A O   
574 C CB  . HIS A 116 ? 1.1899 1.2392 1.3154 -0.0698 -0.0581 0.1308  113 HIS A CB  
575 C CG  . HIS A 116 ? 1.6768 1.7250 1.8452 -0.0776 -0.0768 0.1460  113 HIS A CG  
576 N ND1 . HIS A 116 ? 1.5493 1.5604 1.7233 -0.0756 -0.1071 0.1434  113 HIS A ND1 
577 C CD2 . HIS A 116 ? 1.9718 2.0507 2.1829 -0.0881 -0.0696 0.1631  113 HIS A CD2 
578 C CE1 . HIS A 116 ? 1.6966 1.7126 1.9151 -0.0844 -0.1233 0.1601  113 HIS A CE1 
579 N NE2 . HIS A 116 ? 1.9195 1.9792 2.1662 -0.0924 -0.0997 0.1734  113 HIS A NE2 
580 N N   . ALA A 117 ? 0.9052 0.9221 0.9523 -0.0406 -0.0358 0.0778  114 ALA A N   
581 C CA  . ALA A 117 ? 0.8610 0.8621 0.8810 -0.0344 -0.0300 0.0636  114 ALA A CA  
582 C C   . ALA A 117 ? 0.7084 0.7283 0.7222 -0.0341 -0.0178 0.0651  114 ALA A C   
583 O O   . ALA A 117 ? 0.8168 0.8599 0.8315 -0.0369 -0.0078 0.0704  114 ALA A O   
584 C CB  . ALA A 117 ? 0.9311 0.9151 0.9297 -0.0301 -0.0284 0.0506  114 ALA A CB  
585 N N   . LYS A 118 ? 0.6595 0.6679 0.6688 -0.0314 -0.0186 0.0587  115 LYS A N   
586 C CA  . LYS A 118 ? 0.6418 0.6593 0.6469 -0.0325 -0.0158 0.0615  115 LYS A CA  
587 C C   . LYS A 118 ? 0.5643 0.5721 0.5659 -0.0250 -0.0087 0.0462  115 LYS A C   
588 O O   . LYS A 118 ? 0.5123 0.5053 0.5185 -0.0216 -0.0055 0.0348  115 LYS A O   
589 C CB  . LYS A 118 ? 0.6183 0.6309 0.6407 -0.0397 -0.0328 0.0747  115 LYS A CB  
590 N N   . VAL A 119 ? 0.5220 0.5375 0.5151 -0.0242 -0.0059 0.0457  116 VAL A N   
591 C CA  . VAL A 119 ? 0.6157 0.6241 0.6170 -0.0195 -0.0024 0.0357  116 VAL A CA  
592 C C   . VAL A 119 ? 0.6503 0.6534 0.6808 -0.0214 -0.0159 0.0402  116 VAL A C   
593 O O   . VAL A 119 ? 0.6339 0.6378 0.6586 -0.0280 -0.0307 0.0530  116 VAL A O   
594 C CB  . VAL A 119 ? 0.7173 0.7309 0.7023 -0.0168 0.0019  0.0310  116 VAL A CB  
595 C CG1 . VAL A 119 ? 0.8403 0.8664 0.8047 -0.0184 0.0030  0.0341  116 VAL A CG1 
596 C CG2 . VAL A 119 ? 0.7668 0.7756 0.7667 -0.0161 -0.0055 0.0299  116 VAL A CG2 
597 N N   . ASN A 120 ? 0.7546 0.7504 0.8169 -0.0171 -0.0108 0.0288  117 ASN A N   
598 C CA  . ASN A 120 ? 0.8460 0.8360 0.9573 -0.0169 -0.0260 0.0295  117 ASN A CA  
599 C C   . ASN A 120 ? 0.8937 0.8847 1.0321 -0.0158 -0.0319 0.0288  117 ASN A C   
600 O O   . ASN A 120 ? 1.0938 1.0778 1.2500 -0.0208 -0.0589 0.0417  117 ASN A O   
601 C CB  . ASN A 120 ? 0.8168 0.7997 0.9603 -0.0114 -0.0164 0.0121  117 ASN A CB  
602 C CG  . ASN A 120 ? 0.8287 0.8034 0.9632 -0.0142 -0.0291 0.0186  117 ASN A CG  
603 N N   . ASN A 121 ? 0.9387 0.8426 0.8894 -0.0258 -0.0935 0.0584  118 ASN A N   
604 C CA  . ASN A 121 ? 0.9780 0.8879 0.9290 -0.0252 -0.0971 0.0609  118 ASN A CA  
605 C C   . ASN A 121 ? 0.8626 0.7822 0.8085 -0.0232 -0.0882 0.0527  118 ASN A C   
606 O O   . ASN A 121 ? 0.7348 0.6580 0.6819 -0.0202 -0.0802 0.0459  118 ASN A O   
607 C CB  . ASN A 121 ? 1.0648 0.9729 1.0378 -0.0185 -0.1034 0.0632  118 ASN A CB  
608 C CG  . ASN A 121 ? 1.0911 0.9998 1.0805 -0.0105 -0.0965 0.0521  118 ASN A CG  
609 O OD1 . ASN A 121 ? 1.1820 1.0990 1.1669 -0.0086 -0.0885 0.0435  118 ASN A OD1 
610 N ND2 . ASN A 121 ? 1.1007 1.0016 1.1109 -0.0071 -0.0991 0.0524  118 ASN A ND2 
611 N N   . ALA A 122 ? 0.7323 0.6572 0.6729 -0.0264 -0.0895 0.0542  119 ALA A N   
612 C CA  . ALA A 122 ? 0.6467 0.5799 0.5883 -0.0235 -0.0817 0.0472  119 ALA A CA  
613 C C   . ALA A 122 ? 0.6104 0.5474 0.5602 -0.0209 -0.0866 0.0480  119 ALA A C   
614 O O   . ALA A 122 ? 0.6568 0.5948 0.6014 -0.0270 -0.0933 0.0539  119 ALA A O   
615 C CB  . ALA A 122 ? 0.6296 0.5664 0.5585 -0.0309 -0.0746 0.0449  119 ALA A CB  
616 N N   . LYS A 123 ? 0.5481 0.4884 0.5107 -0.0128 -0.0837 0.0426  120 LYS A N   
617 C CA  . LYS A 123 ? 0.5181 0.4626 0.4913 -0.0094 -0.0880 0.0424  120 LYS A CA  
618 C C   . LYS A 123 ? 0.4516 0.4037 0.4233 -0.0083 -0.0798 0.0360  120 LYS A C   
619 O O   . LYS A 123 ? 0.5149 0.4700 0.4885 -0.0053 -0.0722 0.0315  120 LYS A O   
620 C CB  . LYS A 123 ? 0.5611 0.5032 0.5528 -0.0020 -0.0902 0.0400  120 LYS A CB  
621 C CG  . LYS A 123 ? 0.7066 0.6393 0.7048 -0.0024 -0.0965 0.0457  120 LYS A CG  
622 C CD  . LYS A 123 ? 0.8351 0.7651 0.8573 0.0044  -0.0966 0.0408  120 LYS A CD  
623 C CE  . LYS A 123 ? 0.9583 0.8778 0.9941 0.0043  -0.1047 0.0496  120 LYS A CE  
624 N NZ  . LYS A 123 ? 1.0485 0.9638 1.1108 0.0100  -0.1010 0.0417  120 LYS A NZ  
625 N N   . LEU A 124 ? 0.4620 0.4187 0.4318 -0.0114 -0.0814 0.0363  121 LEU A N   
626 C CA  . LEU A 124 ? 0.4539 0.4170 0.4255 -0.0103 -0.0736 0.0302  121 LEU A CA  
627 C C   . LEU A 124 ? 0.4756 0.4430 0.4604 -0.0044 -0.0777 0.0285  121 LEU A C   
628 O O   . LEU A 124 ? 0.4969 0.4658 0.4846 -0.0063 -0.0864 0.0328  121 LEU A O   
629 C CB  . LEU A 124 ? 0.4796 0.4454 0.4397 -0.0200 -0.0707 0.0295  121 LEU A CB  
630 C CG  . LEU A 124 ? 0.4801 0.4515 0.4432 -0.0209 -0.0620 0.0228  121 LEU A CG  
631 C CD1 . LEU A 124 ? 0.4774 0.4479 0.4466 -0.0168 -0.0509 0.0197  121 LEU A CD1 
632 C CD2 . LEU A 124 ? 0.5209 0.4961 0.4726 -0.0334 -0.0595 0.0204  121 LEU A CD2 
633 N N   . GLU A 125 ? 0.4936 0.4646 0.4874 0.0016  -0.0721 0.0230  122 GLU A N   
634 C CA  . GLU A 125 ? 0.5175 0.4934 0.5244 0.0065  -0.0742 0.0194  122 GLU A CA  
635 C C   . GLU A 125 ? 0.4626 0.4454 0.4731 0.0088  -0.0659 0.0138  122 GLU A C   
636 O O   . GLU A 125 ? 0.4099 0.3941 0.4182 0.0089  -0.0605 0.0138  122 GLU A O   
637 C CB  . GLU A 125 ? 0.6699 0.6422 0.6898 0.0110  -0.0794 0.0190  122 GLU A CB  
638 C CG  . GLU A 125 ? 0.9334 0.9109 0.9720 0.0160  -0.0813 0.0139  122 GLU A CG  
639 C CD  . GLU A 125 ? 1.0639 1.0409 1.1145 0.0170  -0.0916 0.0200  122 GLU A CD  
640 O OE1 . GLU A 125 ? 1.1300 1.1118 1.1747 0.0135  -0.0955 0.0242  122 GLU A OE1 
641 O OE2 . GLU A 125 ? 0.9435 0.9164 1.0125 0.0209  -0.0958 0.0207  122 GLU A OE2 
642 N N   . GLN A 126 ? 0.4053 0.3939 0.4210 0.0098  -0.0650 0.0106  123 GLN A N   
643 C CA  . GLN A 126 ? 0.4318 0.4279 0.4514 0.0110  -0.0574 0.0069  123 GLN A CA  
644 C C   . GLN A 126 ? 0.3922 0.3888 0.4071 0.0087  -0.0496 0.0096  123 GLN A C   
645 O O   . GLN A 126 ? 0.4057 0.4091 0.4250 0.0095  -0.0450 0.0103  123 GLN A O   
646 C CB  . GLN A 126 ? 0.4476 0.4488 0.4760 0.0138  -0.0572 0.0023  123 GLN A CB  
647 C CG  . GLN A 126 ? 0.6369 0.6374 0.6771 0.0169  -0.0637 -0.0013 123 GLN A CG  
648 C CD  . GLN A 126 ? 0.7564 0.7659 0.8086 0.0184  -0.0604 -0.0098 123 GLN A CD  
649 O OE1 . GLN A 126 ? 1.0727 1.0848 1.1311 0.0181  -0.0581 -0.0151 123 GLN A OE1 
650 N NE2 . GLN A 126 ? 0.6782 0.6940 0.7333 0.0186  -0.0591 -0.0123 123 GLN A NE2 
655 N N   . LEU A 128 ? 0.3674 0.3544 0.3695 0.0039  -0.0446 0.0191  125 LEU A N   
656 C CA  . LEU A 128 ? 0.3902 0.3770 0.3898 0.0037  -0.0444 0.0227  125 LEU A CA  
657 C C   . LEU A 128 ? 0.3929 0.3703 0.3825 0.0007  -0.0490 0.0236  125 LEU A C   
658 O O   . LEU A 128 ? 0.4286 0.4015 0.4151 0.0001  -0.0555 0.0226  125 LEU A O   
659 C CB  . LEU A 128 ? 0.3836 0.3770 0.3868 0.0055  -0.0470 0.0211  125 LEU A CB  
660 C CG  . LEU A 128 ? 0.3939 0.3998 0.4050 0.0060  -0.0432 0.0210  125 LEU A CG  
661 C CD1 . LEU A 128 ? 0.4877 0.5016 0.5004 0.0046  -0.0447 0.0164  125 LEU A CD1 
662 C CD2 . LEU A 128 ? 0.4061 0.4181 0.4217 0.0046  -0.0372 0.0289  125 LEU A CD2 
663 N N   . LEU A 129 ? 0.4082 0.3840 0.3941 -0.0017 -0.0454 0.0268  126 LEU A N   
664 C CA  . LEU A 129 ? 0.4011 0.3691 0.3767 -0.0056 -0.0494 0.0280  126 LEU A CA  
665 C C   . LEU A 129 ? 0.4204 0.3889 0.3958 -0.0041 -0.0516 0.0296  126 LEU A C   
666 O O   . LEU A 129 ? 0.4090 0.3842 0.3878 -0.0040 -0.0466 0.0319  126 LEU A O   
667 C CB  . LEU A 129 ? 0.4419 0.4079 0.4137 -0.0109 -0.0426 0.0282  126 LEU A CB  
668 C CG  . LEU A 129 ? 0.4897 0.4490 0.4489 -0.0169 -0.0463 0.0297  126 LEU A CG  
669 C CD1 . LEU A 129 ? 0.5921 0.5472 0.5421 -0.0213 -0.0551 0.0305  126 LEU A CD1 
670 C CD2 . LEU A 129 ? 0.4754 0.4350 0.4343 -0.0226 -0.0366 0.0274  126 LEU A CD2 
671 N N   . LEU A 130 ? 0.4246 0.3875 0.3985 -0.0036 -0.0584 0.0290  127 LEU A N   
672 C CA  . LEU A 130 ? 0.4546 0.4170 0.4295 -0.0034 -0.0595 0.0280  127 LEU A CA  
673 C C   . LEU A 130 ? 0.4652 0.4183 0.4314 -0.0072 -0.0630 0.0314  127 LEU A C   
674 O O   . LEU A 130 ? 0.4624 0.4075 0.4269 -0.0085 -0.0696 0.0341  127 LEU A O   
675 C CB  . LEU A 130 ? 0.4838 0.4459 0.4694 0.0001  -0.0631 0.0232  127 LEU A CB  
676 C CG  . LEU A 130 ? 0.6019 0.5768 0.5945 0.0014  -0.0580 0.0183  127 LEU A CG  
677 C CD1 . LEU A 130 ? 0.6251 0.6051 0.6201 0.0034  -0.0562 0.0190  127 LEU A CD1 
678 C CD2 . LEU A 130 ? 0.7369 0.7117 0.7415 0.0030  -0.0592 0.0105  127 LEU A CD2 
679 N N   . VAL A 131 ? 0.4403 0.3958 0.4019 -0.0098 -0.0591 0.0324  128 VAL A N   
680 C CA  . VAL A 131 ? 0.4630 0.4107 0.4153 -0.0144 -0.0611 0.0354  128 VAL A CA  
681 C C   . VAL A 131 ? 0.4718 0.4196 0.4255 -0.0153 -0.0606 0.0331  128 VAL A C   
682 O O   . VAL A 131 ? 0.4597 0.4180 0.4143 -0.0162 -0.0557 0.0321  128 VAL A O   
683 C CB  . VAL A 131 ? 0.4592 0.4099 0.4054 -0.0182 -0.0554 0.0374  128 VAL A CB  
684 C CG1 . VAL A 131 ? 0.5170 0.4597 0.4518 -0.0244 -0.0576 0.0397  128 VAL A CG1 
685 C CG2 . VAL A 131 ? 0.4815 0.4325 0.4278 -0.0189 -0.0535 0.0367  128 VAL A CG2 
686 N N   . GLU A 132 ? 0.4919 0.4295 0.4476 -0.0158 -0.0658 0.0330  129 GLU A N   
687 C CA  . GLU A 132 ? 0.5701 0.5059 0.5281 -0.0180 -0.0642 0.0294  129 GLU A CA  
688 C C   . GLU A 132 ? 0.5561 0.4872 0.5021 -0.0234 -0.0643 0.0336  129 GLU A C   
689 O O   . GLU A 132 ? 0.6235 0.5460 0.5626 -0.0259 -0.0689 0.0393  129 GLU A O   
690 C CB  . GLU A 132 ? 0.7162 0.6414 0.6877 -0.0158 -0.0684 0.0270  129 GLU A CB  
691 C CG  . GLU A 132 ? 0.9368 0.8661 0.9225 -0.0104 -0.0686 0.0224  129 GLU A CG  
692 C CD  . GLU A 132 ? 1.1522 1.0719 1.1582 -0.0074 -0.0716 0.0199  129 GLU A CD  
693 O OE1 . GLU A 132 ? 1.2970 1.2044 1.3064 -0.0088 -0.0764 0.0257  129 GLU A OE1 
694 O OE2 . GLU A 132 ? 1.3070 1.2319 1.3277 -0.0041 -0.0689 0.0122  129 GLU A OE2 
695 N N   . ILE A 133 ? 0.5349 0.4737 0.4781 -0.0267 -0.0592 0.0306  130 ILE A N   
696 C CA  . ILE A 133 ? 0.5461 0.4831 0.4787 -0.0320 -0.0579 0.0335  130 ILE A CA  
697 C C   . ILE A 133 ? 0.5669 0.5017 0.5023 -0.0357 -0.0563 0.0280  130 ILE A C   
698 O O   . ILE A 133 ? 0.5748 0.5206 0.5158 -0.0368 -0.0519 0.0215  130 ILE A O   
699 C CB  . ILE A 133 ? 0.5649 0.5162 0.4942 -0.0334 -0.0526 0.0357  130 ILE A CB  
700 C CG1 . ILE A 133 ? 0.5697 0.5225 0.5004 -0.0303 -0.0517 0.0390  130 ILE A CG1 
701 C CG2 . ILE A 133 ? 0.6254 0.5763 0.5459 -0.0392 -0.0507 0.0378  130 ILE A CG2 
702 C CD1 . ILE A 133 ? 0.6268 0.5961 0.5656 -0.0286 -0.0463 0.0411  130 ILE A CD1 
703 N N   . TYR A 134 ? 0.6269 0.5480 0.5583 -0.0389 -0.0595 0.0306  131 TYR A N   
704 C CA  . TYR A 134 ? 0.6851 0.5994 0.6225 -0.0423 -0.0577 0.0250  131 TYR A CA  
705 C C   . TYR A 134 ? 0.7122 0.6260 0.6368 -0.0495 -0.0558 0.0269  131 TYR A C   
706 O O   . TYR A 134 ? 0.6416 0.5515 0.5552 -0.0513 -0.0589 0.0342  131 TYR A O   
707 C CB  . TYR A 134 ? 0.7029 0.5994 0.6525 -0.0394 -0.0641 0.0286  131 TYR A CB  
708 C CG  . TYR A 134 ? 0.8303 0.7277 0.7943 -0.0323 -0.0663 0.0271  131 TYR A CG  
709 N N   . GLN A 135 ? 0.8558 0.7750 0.7815 -0.0548 -0.0502 0.0193  132 GLN A N   
710 C CA  . GLN A 135 ? 1.0033 0.9222 0.9176 -0.0623 -0.0480 0.0201  132 GLN A CA  
711 C C   . GLN A 135 ? 0.9142 0.8127 0.8298 -0.0651 -0.0513 0.0228  132 GLN A C   
712 O O   . GLN A 135 ? 0.9763 0.8652 0.9053 -0.0657 -0.0496 0.0171  132 GLN A O   
713 C CB  . GLN A 135 ? 1.1489 1.0840 1.0637 -0.0689 -0.0406 0.0110  132 GLN A CB  
714 C CG  . GLN A 135 ? 1.2379 1.1800 1.1403 -0.0766 -0.0382 0.0128  132 GLN A CG  
715 C CD  . GLN A 135 ? 1.2458 1.2058 1.1420 -0.0757 -0.0383 0.0200  132 GLN A CD  
716 O OE1 . GLN A 135 ? 1.3254 1.3001 1.2271 -0.0725 -0.0376 0.0212  132 GLN A OE1 
717 N NE2 . GLN A 135 ? 1.4219 1.3814 1.3094 -0.0788 -0.0385 0.0251  132 GLN A NE2 
# 
loop_
_pdbx_poly_seq_scheme.asym_id 
_pdbx_poly_seq_scheme.entity_id 
_pdbx_poly_seq_scheme.seq_id 
_pdbx_poly_seq_scheme.mon_id 
_pdbx_poly_seq_scheme.ndb_seq_num 
_pdbx_poly_seq_scheme.pdb_seq_num 
_pdbx_poly_seq_scheme.auth_seq_num 
_pdbx_poly_seq_scheme.pdb_mon_id 
_pdbx_poly_seq_scheme.auth_mon_id 
_pdbx_poly_seq_scheme.pdb_strand_id 
_pdbx_poly_seq_scheme.pdb_ins_code 
_pdbx_poly_seq_scheme.hetero 
A 1 1   MET 1   -2  ?   ?   ?   A . n 
A 1 2   ARG 2   -1  ?   ?   ?   A . n 
A 1 3   GLY 3   0   ?   ?   ?   A . n 
A 1 4   SER 4   1   ?   ?   ?   A . n 
A 1 5   HIS 5   2   ?   ?   ?   A . n 
A 1 6   HIS 6   3   ?   ?   ?   A . n 
A 1 7   HIS 7   4   ?   ?   ?   A . n 
A 1 8   HIS 8   5   ?   ?   ?   A . n 
A 1 9   HIS 9   6   ?   ?   ?   A . n 
A 1 10  HIS 10  7   ?   ?   ?   A . n 
A 1 11  GLY 11  8   ?   ?   ?   A . n 
A 1 12  MET 12  9   ?   ?   ?   A . n 
A 1 13  ALA 13  10  ?   ?   ?   A . n 
A 1 14  SER 14  11  ?   ?   ?   A . n 
A 1 15  VAL 15  12  ?   ?   ?   A . n 
A 1 16  PHE 16  13  ?   ?   ?   A . n 
A 1 17  ALA 17  14  ?   ?   ?   A . n 
A 1 18  ASP 18  15  ?   ?   ?   A . n 
A 1 19  SER 19  16  ?   ?   ?   A . n 
A 1 20  LEU 20  17  ?   ?   ?   A . n 
A 1 21  PHE 21  18  ?   ?   ?   A . n 
A 1 22  SER 22  19  ?   ?   ?   A . n 
A 1 23  ASP 23  20  ?   ?   ?   A . n 
A 1 24  ARG 24  21  ?   ?   ?   A . n 
A 1 25  PHE 25  22  ?   ?   ?   A . n 
A 1 26  ASN 26  23  ?   ?   ?   A . n 
A 1 27  ARG 27  24  ?   ?   ?   A . n 
A 1 28  ILE 28  25  ?   ?   ?   A . n 
A 1 29  ASP 29  26  ?   ?   ?   A . n 
A 1 30  ARG 30  27  ?   ?   ?   A . n 
A 1 31  LEU 31  28  ?   ?   ?   A . n 
A 1 32  PHE 32  29  ?   ?   ?   A . n 
A 1 33  SER 33  30  ?   ?   ?   A . n 
A 1 34  GLN 34  31  ?   ?   ?   A . n 
A 1 35  LEU 35  32  ?   ?   ?   A . n 
A 1 36  THR 36  33  ?   ?   ?   A . n 
A 1 37  GLY 37  34  ?   ?   ?   A . n 
A 1 38  ASP 38  35  ?   ?   ?   A . n 
A 1 39  THR 39  36  ?   ?   ?   A . n 
A 1 40  PRO 40  37  ?   ?   ?   A . n 
A 1 41  VAL 41  38  ?   ?   ?   A . n 
A 1 42  ALA 42  39  ?   ?   ?   A . n 
A 1 43  ALA 43  40  40  ALA ALA A . n 
A 1 44  THR 44  41  41  THR THR A . n 
A 1 45  PRO 45  42  42  PRO PRO A . n 
A 1 46  ALA 46  43  43  ALA ALA A . n 
A 1 47  TYR 47  44  44  TYR TYR A . n 
A 1 48  ASP 48  45  45  ASP ASP A . n 
A 1 49  LEU 49  46  46  LEU LEU A . n 
A 1 50  GLN 50  47  47  GLN GLN A . n 
A 1 51  LYS 51  48  48  LYS LYS A . n 
A 1 52  ARG 52  49  49  ARG ARG A . n 
A 1 53  ASP 53  50  50  ASP ASP A . n 
A 1 54  ALA 54  51  51  ALA ALA A . n 
A 1 55  ASN 55  52  52  ASN ASN A . n 
A 1 56  ASN 56  53  53  ASN ASN A . n 
A 1 57  TYR 57  54  54  TYR TYR A . n 
A 1 58  LEU 58  55  55  LEU LEU A . n 
A 1 59  LEU 59  56  56  LEU LEU A . n 
A 1 60  THR 60  57  57  THR THR A . n 
A 1 61  VAL 61  58  58  VAL VAL A . n 
A 1 62  SER 62  59  59  SER SER A . n 
A 1 63  VAL 63  60  60  VAL VAL A . n 
A 1 64  PRO 64  61  61  PRO PRO A . n 
A 1 65  GLY 65  62  62  GLY GLY A . n 
A 1 66  TRP 66  63  63  TRP TRP A . n 
A 1 67  LYS 67  64  64  LYS LYS A . n 
A 1 68  GLU 68  65  65  GLU GLU A . n 
A 1 69  GLU 69  66  66  GLU GLU A . n 
A 1 70  GLU 70  67  67  GLU GLU A . n 
A 1 71  LEU 71  68  68  LEU LEU A . n 
A 1 72  GLU 72  69  69  GLU GLU A . n 
A 1 73  ILE 73  70  70  ILE ILE A . n 
A 1 74  GLU 74  71  71  GLU GLU A . n 
A 1 75  THR 75  72  72  THR THR A . n 
A 1 76  VAL 76  73  73  VAL VAL A . n 
A 1 77  GLY 77  74  74  GLY GLY A . n 
A 1 78  GLY 78  75  75  GLY GLY A . n 
A 1 79  ASN 79  76  76  ASN ASN A . n 
A 1 80  LEU 80  77  77  LEU LEU A . n 
A 1 81  ASN 81  78  78  ASN ASN A . n 
A 1 82  ILE 82  79  79  ILE ILE A . n 
A 1 83  THR 83  80  80  THR THR A . n 
A 1 84  GLY 84  81  81  GLY GLY A . n 
A 1 85  LYS 85  82  82  LYS LYS A . n 
A 1 86  HIS 86  83  83  HIS HIS A . n 
A 1 87  THR 87  84  84  THR THR A . n 
A 1 88  GLU 88  85  85  GLU GLU A . n 
A 1 89  GLU 89  86  86  GLU GLU A . n 
A 1 90  THR 90  87  87  THR THR A . n 
A 1 91  VAL 91  88  88  VAL VAL A . n 
A 1 92  GLU 92  89  89  GLU GLU A . n 
A 1 93  ASP 93  90  90  ASP ASP A . n 
A 1 94  GLN 94  91  91  GLN GLN A . n 
A 1 95  THR 95  92  92  THR THR A . n 
A 1 96  HIS 96  93  93  HIS HIS A . n 
A 1 97  TRP 97  94  94  TRP TRP A . n 
A 1 98  ILE 98  95  95  ILE ILE A . n 
A 1 99  TYR 99  96  96  TYR TYR A . n 
A 1 100 ARG 100 97  97  ARG ARG A . n 
A 1 101 GLY 101 98  98  GLY GLY A . n 
A 1 102 ILE 102 99  99  ILE ILE A . n 
A 1 103 ARG 103 100 100 ARG ARG A . n 
A 1 104 LYS 104 101 101 LYS LYS A . n 
A 1 105 ALA 105 102 102 ALA ALA A . n 
A 1 106 ASP 106 103 103 ASP ASP A . n 
A 1 107 PHE 107 104 104 PHE PHE A . n 
A 1 108 GLN 108 105 105 GLN GLN A . n 
A 1 109 LEU 109 106 106 LEU LEU A . n 
A 1 110 SER 110 107 107 SER SER A . n 
A 1 111 PHE 111 108 108 PHE PHE A . n 
A 1 112 SER 112 109 109 SER SER A . n 
A 1 113 LEU 113 110 110 LEU LEU A . n 
A 1 114 PRO 114 111 111 PRO PRO A . n 
A 1 115 GLU 115 112 112 GLU GLU A . n 
A 1 116 HIS 116 113 113 HIS HIS A . n 
A 1 117 ALA 117 114 114 ALA ALA A . n 
A 1 118 LYS 118 115 115 LYS LYS A . n 
A 1 119 VAL 119 116 116 VAL VAL A . n 
A 1 120 ASN 120 117 117 ASN ASN A . n 
A 1 121 ASN 121 118 118 ASN ASN A . n 
A 1 122 ALA 122 119 119 ALA ALA A . n 
A 1 123 LYS 123 120 120 LYS LYS A . n 
A 1 124 LEU 124 121 121 LEU LEU A . n 
A 1 125 GLU 125 122 122 GLU GLU A . n 
A 1 126 GLN 126 123 123 GLN GLN A . n 
A 1 127 GLY 127 124 124 GLY GLY A . n 
A 1 128 LEU 128 125 125 LEU LEU A . n 
A 1 129 LEU 129 126 126 LEU LEU A . n 
A 1 130 LEU 130 127 127 LEU LEU A . n 
A 1 131 VAL 131 128 128 VAL VAL A . n 
A 1 132 GLU 132 129 129 GLU GLU A . n 
A 1 133 ILE 133 130 130 ILE ILE A . n 
A 1 134 TYR 134 131 131 TYR TYR A . n 
A 1 135 GLN 135 132 132 GLN GLN A . n 
A 1 136 GLU 136 133 ?   ?   ?   A . n 
A 1 137 ILE 137 134 ?   ?   ?   A . n 
A 1 138 PRO 138 135 ?   ?   ?   A . n 
A 1 139 GLU 139 136 ?   ?   ?   A . n 
A 1 140 SER 140 137 ?   ?   ?   A . n 
A 1 141 GLU 141 138 ?   ?   ?   A . n 
A 1 142 LYS 142 139 ?   ?   ?   A . n 
A 1 143 PRO 143 140 ?   ?   ?   A . n 
A 1 144 LYS 144 141 ?   ?   ?   A . n 
A 1 145 LYS 145 142 ?   ?   ?   A . n 
A 1 146 ILE 146 143 ?   ?   ?   A . n 
A 1 147 ALA 147 144 ?   ?   ?   A . n 
A 1 148 ILE 148 145 ?   ?   ?   A . n 
A 1 149 GLU 149 146 ?   ?   ?   A . n 
A 1 150 SER 150 147 ?   ?   ?   A . n 
# 
loop_
_pdbx_nonpoly_scheme.asym_id 
_pdbx_nonpoly_scheme.entity_id 
_pdbx_nonpoly_scheme.mon_id 
_pdbx_nonpoly_scheme.ndb_seq_num 
_pdbx_nonpoly_scheme.pdb_seq_num 
_pdbx_nonpoly_scheme.auth_seq_num 
_pdbx_nonpoly_scheme.pdb_mon_id 
_pdbx_nonpoly_scheme.auth_mon_id 
_pdbx_nonpoly_scheme.pdb_strand_id 
_pdbx_nonpoly_scheme.pdb_ins_code 
B 2 MPD 1  201 1  MPD MPD A . 
C 3 HOH 1  301 12 HOH HOH A . 
C 3 HOH 2  302 3  HOH HOH A . 
C 3 HOH 3  303 27 HOH HOH A . 
C 3 HOH 4  304 1  HOH HOH A . 
C 3 HOH 5  305 20 HOH HOH A . 
C 3 HOH 6  306 18 HOH HOH A . 
C 3 HOH 7  307 5  HOH HOH A . 
C 3 HOH 8  308 16 HOH HOH A . 
C 3 HOH 9  309 21 HOH HOH A . 
C 3 HOH 10 310 17 HOH HOH A . 
C 3 HOH 11 311 10 HOH HOH A . 
C 3 HOH 12 312 19 HOH HOH A . 
C 3 HOH 13 313 9  HOH HOH A . 
C 3 HOH 14 314 11 HOH HOH A . 
C 3 HOH 15 315 23 HOH HOH A . 
C 3 HOH 16 316 8  HOH HOH A . 
C 3 HOH 17 317 4  HOH HOH A . 
C 3 HOH 18 318 2  HOH HOH A . 
C 3 HOH 19 319 6  HOH HOH A . 
C 3 HOH 20 320 7  HOH HOH A . 
C 3 HOH 21 321 28 HOH HOH A . 
C 3 HOH 22 322 24 HOH HOH A . 
C 3 HOH 23 323 14 HOH HOH A . 
C 3 HOH 24 324 15 HOH HOH A . 
C 3 HOH 25 325 25 HOH HOH A . 
C 3 HOH 26 326 26 HOH HOH A . 
C 3 HOH 27 327 22 HOH HOH A . 
C 3 HOH 28 328 13 HOH HOH A . 
# 
_pdbx_struct_assembly.id                   1 
_pdbx_struct_assembly.details              author_and_software_defined_assembly 
_pdbx_struct_assembly.method_details       PISA 
_pdbx_struct_assembly.oligomeric_details   dimeric 
_pdbx_struct_assembly.oligomeric_count     2 
# 
_pdbx_struct_assembly_gen.assembly_id       1 
_pdbx_struct_assembly_gen.oper_expression   1,2 
_pdbx_struct_assembly_gen.asym_id_list      A,B,C 
# 
loop_
_pdbx_struct_assembly_prop.biol_id 
_pdbx_struct_assembly_prop.type 
_pdbx_struct_assembly_prop.value 
_pdbx_struct_assembly_prop.details 
1 'ABSA (A^2)' 2790  ? 
1 MORE         -30   ? 
1 'SSA (A^2)'  11180 ? 
# 
loop_
_pdbx_struct_oper_list.id 
_pdbx_struct_oper_list.type 
_pdbx_struct_oper_list.name 
_pdbx_struct_oper_list.symmetry_operation 
_pdbx_struct_oper_list.matrix[1][1] 
_pdbx_struct_oper_list.matrix[1][2] 
_pdbx_struct_oper_list.matrix[1][3] 
_pdbx_struct_oper_list.vector[1] 
_pdbx_struct_oper_list.matrix[2][1] 
_pdbx_struct_oper_list.matrix[2][2] 
_pdbx_struct_oper_list.matrix[2][3] 
_pdbx_struct_oper_list.vector[2] 
_pdbx_struct_oper_list.matrix[3][1] 
_pdbx_struct_oper_list.matrix[3][2] 
_pdbx_struct_oper_list.matrix[3][3] 
_pdbx_struct_oper_list.vector[3] 
1 'identity operation'         1_555 x,y,z        1.0000000000  0.0000000000  0.0000000000 0.0000000000  0.0000000000  1.0000000000  0.0000000000  0.0000000000 0.0000000000 0.0000000000  1.0000000000  0.0000000000   
2 'crystal symmetry operation' 7_467 y-1,x+1,-z+2 -0.2678005438 -0.7846616539 0.5590965548 17.0960586978 -0.7846616539 -0.1591172242 -0.5991559044 8.5750175693 0.5590965548 -0.5991559044 -0.5730822320 -10.3546290245 
# 
loop_
_pdbx_audit_revision_history.ordinal 
_pdbx_audit_revision_history.data_content_type 
_pdbx_audit_revision_history.major_revision 
_pdbx_audit_revision_history.minor_revision 
_pdbx_audit_revision_history.revision_date 
1 'Structure model' 1 0 2016-04-20 
2 'Structure model' 1 1 2023-11-08 
# 
_pdbx_audit_revision_details.ordinal             1 
_pdbx_audit_revision_details.revision_ordinal    1 
_pdbx_audit_revision_details.data_content_type   'Structure model' 
_pdbx_audit_revision_details.provider            repository 
_pdbx_audit_revision_details.type                'Initial release' 
_pdbx_audit_revision_details.description         ? 
_pdbx_audit_revision_details.details             ? 
# 
loop_
_pdbx_audit_revision_group.ordinal 
_pdbx_audit_revision_group.revision_ordinal 
_pdbx_audit_revision_group.data_content_type 
_pdbx_audit_revision_group.group 
1 2 'Structure model' 'Data collection'        
2 2 'Structure model' 'Database references'    
3 2 'Structure model' 'Derived calculations'   
4 2 'Structure model' 'Refinement description' 
# 
loop_
_pdbx_audit_revision_category.ordinal 
_pdbx_audit_revision_category.revision_ordinal 
_pdbx_audit_revision_category.data_content_type 
_pdbx_audit_revision_category.category 
1 2 'Structure model' chem_comp_atom                
2 2 'Structure model' chem_comp_bond                
3 2 'Structure model' database_2                    
4 2 'Structure model' pdbx_initial_refinement_model 
5 2 'Structure model' pdbx_struct_oper_list         
# 
loop_
_pdbx_audit_revision_item.ordinal 
_pdbx_audit_revision_item.revision_ordinal 
_pdbx_audit_revision_item.data_content_type 
_pdbx_audit_revision_item.item 
1 2 'Structure model' '_database_2.pdbx_DOI'                      
2 2 'Structure model' '_database_2.pdbx_database_accession'       
3 2 'Structure model' '_pdbx_struct_oper_list.symmetry_operation' 
# 
loop_
_pdbx_refine_tls.id 
_pdbx_refine_tls.pdbx_refine_id 
_pdbx_refine_tls.details 
_pdbx_refine_tls.method 
_pdbx_refine_tls.origin_x 
_pdbx_refine_tls.origin_y 
_pdbx_refine_tls.origin_z 
_pdbx_refine_tls.T[1][1] 
_pdbx_refine_tls.T[1][1]_esd 
_pdbx_refine_tls.T[1][2] 
_pdbx_refine_tls.T[1][2]_esd 
_pdbx_refine_tls.T[1][3] 
_pdbx_refine_tls.T[1][3]_esd 
_pdbx_refine_tls.T[2][2] 
_pdbx_refine_tls.T[2][2]_esd 
_pdbx_refine_tls.T[2][3] 
_pdbx_refine_tls.T[2][3]_esd 
_pdbx_refine_tls.T[3][3] 
_pdbx_refine_tls.T[3][3]_esd 
_pdbx_refine_tls.L[1][1] 
_pdbx_refine_tls.L[1][1]_esd 
_pdbx_refine_tls.L[1][2] 
_pdbx_refine_tls.L[1][2]_esd 
_pdbx_refine_tls.L[1][3] 
_pdbx_refine_tls.L[1][3]_esd 
_pdbx_refine_tls.L[2][2] 
_pdbx_refine_tls.L[2][2]_esd 
_pdbx_refine_tls.L[2][3] 
_pdbx_refine_tls.L[2][3]_esd 
_pdbx_refine_tls.L[3][3] 
_pdbx_refine_tls.L[3][3]_esd 
_pdbx_refine_tls.S[1][1] 
_pdbx_refine_tls.S[1][1]_esd 
_pdbx_refine_tls.S[1][2] 
_pdbx_refine_tls.S[1][2]_esd 
_pdbx_refine_tls.S[1][3] 
_pdbx_refine_tls.S[1][3]_esd 
_pdbx_refine_tls.S[2][1] 
_pdbx_refine_tls.S[2][1]_esd 
_pdbx_refine_tls.S[2][2] 
_pdbx_refine_tls.S[2][2]_esd 
_pdbx_refine_tls.S[2][3] 
_pdbx_refine_tls.S[2][3]_esd 
_pdbx_refine_tls.S[3][1] 
_pdbx_refine_tls.S[3][1]_esd 
_pdbx_refine_tls.S[3][2] 
_pdbx_refine_tls.S[3][2]_esd 
_pdbx_refine_tls.S[3][3] 
_pdbx_refine_tls.S[3][3]_esd 
1 'X-RAY DIFFRACTION' ? refined -0.1704  -8.2562  -5.6782 0.1214 ? -0.0127 ? -0.0516 ? 0.0991 ? 0.0273  ? 0.0897 ? 2.8716  ? 1.6603   ? -0.5817 ? 1.0773 ? -0.0873 ? 0.6574 ? 0.0103  ? 0.1895  ? -0.1295 ? 0.0970  ? 0.0817  ? -0.1338 ? 0.1590  ? -0.0734 ? -0.0920 ? 
2 'X-RAY DIFFRACTION' ? refined -5.4812  -1.7453  3.0136  0.3416 ? -0.1572 ? 0.0926  ? 0.1109 ? 0.0264  ? 0.1638 ? 2.1195  ? -0.5211  ? -0.1349 ? 0.3448 ? -0.6231 ? 2.4343 ? 0.2091  ? -0.1161 ? 0.0996  ? 0.0814  ? 0.0154  ? 0.0607  ? -0.0929 ? -0.1409 ? -0.2245 ? 
3 'X-RAY DIFFRACTION' ? refined 7.9432   16.1122  4.0715  0.1632 ? -0.0476 ? 0.0850  ? 0.0447 ? -0.0325 ? 0.3313 ? 2.3387  ? 1.6467   ? 1.3033  ? 1.6333 ? 1.2144  ? 0.9143 ? 0.0694  ? -0.0619 ? 0.5646  ? 0.2618  ? -0.2486 ? 0.3340  ? 0.1792  ? -0.1103 ? 0.1793  ? 
4 'X-RAY DIFFRACTION' ? refined 6.4049   3.1235   4.0668  0.1576 ? -0.0281 ? -0.0164 ? 0.0769 ? -0.0391 ? 0.0924 ? 5.3061  ? 1.0705   ? -2.9557 ? 0.4494 ? 0.0012  ? 3.1797 ? 0.4624  ? -0.2098 ? 0.5074  ? 0.2100  ? 0.0080  ? 0.0340  ? 0.0521  ? 0.2501  ? -0.4704 ? 
5 'X-RAY DIFFRACTION' ? refined -12.0453 -7.6907  6.2900  0.2439 ? -0.0782 ? 0.0672  ? 0.1525 ? 0.0468  ? 0.0563 ? 43.9486 ? -12.2267 ? 8.2246  ? 3.4021 ? -2.2890 ? 1.5405 ? -0.2140 ? -1.4482 ? -0.9174 ? 0.0446  ? 0.3927  ? 0.2512  ? -0.0199 ? -0.2761 ? -0.1788 ? 
6 'X-RAY DIFFRACTION' ? refined -10.1353 -13.3164 -0.4674 0.0591 ? -0.0278 ? -0.0129 ? 0.0763 ? 0.0532  ? 0.0665 ? 5.1345  ? 2.2072   ? 2.7689  ? 8.2354 ? 0.1374  ? 1.6583 ? 0.1253  ? -0.3718 ? -0.2545 ? -0.1930 ? 0.0756  ? 0.4364  ? 0.0984  ? -0.2110 ? -0.2009 ? 
# 
loop_
_pdbx_refine_tls_group.id 
_pdbx_refine_tls_group.pdbx_refine_id 
_pdbx_refine_tls_group.refine_tls_id 
_pdbx_refine_tls_group.beg_label_asym_id 
_pdbx_refine_tls_group.beg_label_seq_id 
_pdbx_refine_tls_group.beg_auth_asym_id 
_pdbx_refine_tls_group.beg_auth_seq_id 
_pdbx_refine_tls_group.end_label_asym_id 
_pdbx_refine_tls_group.end_label_seq_id 
_pdbx_refine_tls_group.end_auth_asym_id 
_pdbx_refine_tls_group.end_auth_seq_id 
_pdbx_refine_tls_group.selection 
_pdbx_refine_tls_group.selection_details 
1  'X-RAY DIFFRACTION' 1 ? ? A 44  ? ? A 51  ? ? 
2  'X-RAY DIFFRACTION' 1 ? ? A 52  ? ? A 59  ? ? 
3  'X-RAY DIFFRACTION' 1 ? ? A 118 ? ? A 123 ? ? 
4  'X-RAY DIFFRACTION' 1 ? ? A 125 ? ? A 132 ? ? 
5  'X-RAY DIFFRACTION' 2 ? ? A 68  ? ? A 71  ? ? 
6  'X-RAY DIFFRACTION' 2 ? ? A 76  ? ? A 81  ? ? 
7  'X-RAY DIFFRACTION' 2 ? ? A 105 ? ? A 108 ? ? 
8  'X-RAY DIFFRACTION' 3 ? ? A 82  ? ? A 104 ? ? 
9  'X-RAY DIFFRACTION' 4 ? ? A 60  ? ? A 67  ? ? 
10 'X-RAY DIFFRACTION' 5 ? ? A 72  ? ? A 75  ? ? 
11 'X-RAY DIFFRACTION' 6 ? ? A 109 ? ? A 117 ? ? 
# 
loop_
_software.citation_id 
_software.classification 
_software.compiler_name 
_software.compiler_version 
_software.contact_author 
_software.contact_author_email 
_software.date 
_software.description 
_software.dependencies 
_software.hardware 
_software.language 
_software.location 
_software.mods 
_software.name 
_software.os 
_software.os_version 
_software.type 
_software.version 
_software.pdbx_ordinal 
? refinement       ? ? ? ? ? ? ? ? ? ? ? REFMAC ? ? ? 5.8.0049 1 
? 'data reduction' ? ? ? ? ? ? ? ? ? ? ? MOSFLM ? ? ? 7.0.9    2 
? 'data scaling'   ? ? ? ? ? ? ? ? ? ? ? SCALA  ? ? ? .        3 
? phasing          ? ? ? ? ? ? ? ? ? ? ? PHASER ? ? ? 2.5.1    4 
# 
_pdbx_validate_close_contact.id               1 
_pdbx_validate_close_contact.PDB_model_num    1 
_pdbx_validate_close_contact.auth_atom_id_1   ND1 
_pdbx_validate_close_contact.auth_asym_id_1   A 
_pdbx_validate_close_contact.auth_comp_id_1   HIS 
_pdbx_validate_close_contact.auth_seq_id_1    83 
_pdbx_validate_close_contact.PDB_ins_code_1   ? 
_pdbx_validate_close_contact.label_alt_id_1   ? 
_pdbx_validate_close_contact.auth_atom_id_2   OD1 
_pdbx_validate_close_contact.auth_asym_id_2   A 
_pdbx_validate_close_contact.auth_comp_id_2   ASP 
_pdbx_validate_close_contact.auth_seq_id_2    103 
_pdbx_validate_close_contact.PDB_ins_code_2   ? 
_pdbx_validate_close_contact.label_alt_id_2   ? 
_pdbx_validate_close_contact.dist             2.08 
# 
loop_
_pdbx_validate_torsion.id 
_pdbx_validate_torsion.PDB_model_num 
_pdbx_validate_torsion.auth_comp_id 
_pdbx_validate_torsion.auth_asym_id 
_pdbx_validate_torsion.auth_seq_id 
_pdbx_validate_torsion.PDB_ins_code 
_pdbx_validate_torsion.label_alt_id 
_pdbx_validate_torsion.phi 
_pdbx_validate_torsion.psi 
1 1 ASP A 50 ? ? -166.07 -167.13 
2 1 GLU A 85 ? ? -34.04  124.24  
# 
loop_
_pdbx_unobs_or_zero_occ_atoms.id 
_pdbx_unobs_or_zero_occ_atoms.PDB_model_num 
_pdbx_unobs_or_zero_occ_atoms.polymer_flag 
_pdbx_unobs_or_zero_occ_atoms.occupancy_flag 
_pdbx_unobs_or_zero_occ_atoms.auth_asym_id 
_pdbx_unobs_or_zero_occ_atoms.auth_comp_id 
_pdbx_unobs_or_zero_occ_atoms.auth_seq_id 
_pdbx_unobs_or_zero_occ_atoms.PDB_ins_code 
_pdbx_unobs_or_zero_occ_atoms.auth_atom_id 
_pdbx_unobs_or_zero_occ_atoms.label_alt_id 
_pdbx_unobs_or_zero_occ_atoms.label_asym_id 
_pdbx_unobs_or_zero_occ_atoms.label_comp_id 
_pdbx_unobs_or_zero_occ_atoms.label_seq_id 
_pdbx_unobs_or_zero_occ_atoms.label_atom_id 
1  1 Y 1 A ARG 49  ? CD  ? A ARG 52  CD  
2  1 Y 1 A ARG 49  ? NE  ? A ARG 52  NE  
3  1 Y 1 A ARG 49  ? CZ  ? A ARG 52  CZ  
4  1 Y 1 A ARG 49  ? NH1 ? A ARG 52  NH1 
5  1 Y 1 A ARG 49  ? NH2 ? A ARG 52  NH2 
6  1 Y 1 A ASN 52  ? CG  ? A ASN 55  CG  
7  1 Y 1 A ASN 52  ? OD1 ? A ASN 55  OD1 
8  1 Y 1 A ASN 52  ? ND2 ? A ASN 55  ND2 
9  1 Y 1 A LYS 64  ? CE  ? A LYS 67  CE  
10 1 Y 1 A LYS 64  ? NZ  ? A LYS 67  NZ  
11 1 Y 1 A GLU 85  ? CG  ? A GLU 88  CG  
12 1 Y 1 A GLU 85  ? CD  ? A GLU 88  CD  
13 1 Y 1 A GLU 85  ? OE1 ? A GLU 88  OE1 
14 1 Y 1 A GLU 85  ? OE2 ? A GLU 88  OE2 
15 1 Y 1 A ARG 100 ? NE  ? A ARG 103 NE  
16 1 Y 1 A ARG 100 ? CZ  ? A ARG 103 CZ  
17 1 Y 1 A ARG 100 ? NH1 ? A ARG 103 NH1 
18 1 Y 1 A ARG 100 ? NH2 ? A ARG 103 NH2 
19 1 Y 1 A GLU 112 ? CG  ? A GLU 115 CG  
20 1 Y 1 A GLU 112 ? CD  ? A GLU 115 CD  
21 1 Y 1 A GLU 112 ? OE1 ? A GLU 115 OE1 
22 1 Y 1 A GLU 112 ? OE2 ? A GLU 115 OE2 
23 1 Y 1 A LYS 115 ? CG  ? A LYS 118 CG  
24 1 Y 1 A LYS 115 ? CD  ? A LYS 118 CD  
25 1 Y 1 A LYS 115 ? CE  ? A LYS 118 CE  
26 1 Y 1 A LYS 115 ? NZ  ? A LYS 118 NZ  
27 1 Y 1 A ASN 117 ? OD1 ? A ASN 120 OD1 
28 1 Y 1 A ASN 117 ? ND2 ? A ASN 120 ND2 
29 1 Y 1 A TYR 131 ? CD1 ? A TYR 134 CD1 
30 1 Y 1 A TYR 131 ? CD2 ? A TYR 134 CD2 
31 1 Y 1 A TYR 131 ? CE1 ? A TYR 134 CE1 
32 1 Y 1 A TYR 131 ? CE2 ? A TYR 134 CE2 
33 1 Y 1 A TYR 131 ? CZ  ? A TYR 134 CZ  
34 1 Y 1 A TYR 131 ? OH  ? A TYR 134 OH  
# 
loop_
_pdbx_unobs_or_zero_occ_residues.id 
_pdbx_unobs_or_zero_occ_residues.PDB_model_num 
_pdbx_unobs_or_zero_occ_residues.polymer_flag 
_pdbx_unobs_or_zero_occ_residues.occupancy_flag 
_pdbx_unobs_or_zero_occ_residues.auth_asym_id 
_pdbx_unobs_or_zero_occ_residues.auth_comp_id 
_pdbx_unobs_or_zero_occ_residues.auth_seq_id 
_pdbx_unobs_or_zero_occ_residues.PDB_ins_code 
_pdbx_unobs_or_zero_occ_residues.label_asym_id 
_pdbx_unobs_or_zero_occ_residues.label_comp_id 
_pdbx_unobs_or_zero_occ_residues.label_seq_id 
1  1 Y 1 A MET -2  ? A MET 1   
2  1 Y 1 A ARG -1  ? A ARG 2   
3  1 Y 1 A GLY 0   ? A GLY 3   
4  1 Y 1 A SER 1   ? A SER 4   
5  1 Y 1 A HIS 2   ? A HIS 5   
6  1 Y 1 A HIS 3   ? A HIS 6   
7  1 Y 1 A HIS 4   ? A HIS 7   
8  1 Y 1 A HIS 5   ? A HIS 8   
9  1 Y 1 A HIS 6   ? A HIS 9   
10 1 Y 1 A HIS 7   ? A HIS 10  
11 1 Y 1 A GLY 8   ? A GLY 11  
12 1 Y 1 A MET 9   ? A MET 12  
13 1 Y 1 A ALA 10  ? A ALA 13  
14 1 Y 1 A SER 11  ? A SER 14  
15 1 Y 1 A VAL 12  ? A VAL 15  
16 1 Y 1 A PHE 13  ? A PHE 16  
17 1 Y 1 A ALA 14  ? A ALA 17  
18 1 Y 1 A ASP 15  ? A ASP 18  
19 1 Y 1 A SER 16  ? A SER 19  
20 1 Y 1 A LEU 17  ? A LEU 20  
21 1 Y 1 A PHE 18  ? A PHE 21  
22 1 Y 1 A SER 19  ? A SER 22  
23 1 Y 1 A ASP 20  ? A ASP 23  
24 1 Y 1 A ARG 21  ? A ARG 24  
25 1 Y 1 A PHE 22  ? A PHE 25  
26 1 Y 1 A ASN 23  ? A ASN 26  
27 1 Y 1 A ARG 24  ? A ARG 27  
28 1 Y 1 A ILE 25  ? A ILE 28  
29 1 Y 1 A ASP 26  ? A ASP 29  
30 1 Y 1 A ARG 27  ? A ARG 30  
31 1 Y 1 A LEU 28  ? A LEU 31  
32 1 Y 1 A PHE 29  ? A PHE 32  
33 1 Y 1 A SER 30  ? A SER 33  
34 1 Y 1 A GLN 31  ? A GLN 34  
35 1 Y 1 A LEU 32  ? A LEU 35  
36 1 Y 1 A THR 33  ? A THR 36  
37 1 Y 1 A GLY 34  ? A GLY 37  
38 1 Y 1 A ASP 35  ? A ASP 38  
39 1 Y 1 A THR 36  ? A THR 39  
40 1 Y 1 A PRO 37  ? A PRO 40  
41 1 Y 1 A VAL 38  ? A VAL 41  
42 1 Y 1 A ALA 39  ? A ALA 42  
43 1 Y 1 A GLU 133 ? A GLU 136 
44 1 Y 1 A ILE 134 ? A ILE 137 
45 1 Y 1 A PRO 135 ? A PRO 138 
46 1 Y 1 A GLU 136 ? A GLU 139 
47 1 Y 1 A SER 137 ? A SER 140 
48 1 Y 1 A GLU 138 ? A GLU 141 
49 1 Y 1 A LYS 139 ? A LYS 142 
50 1 Y 1 A PRO 140 ? A PRO 143 
51 1 Y 1 A LYS 141 ? A LYS 144 
52 1 Y 1 A LYS 142 ? A LYS 145 
53 1 Y 1 A ILE 143 ? A ILE 146 
54 1 Y 1 A ALA 144 ? A ALA 147 
55 1 Y 1 A ILE 145 ? A ILE 148 
56 1 Y 1 A GLU 146 ? A GLU 149 
57 1 Y 1 A SER 147 ? A SER 150 
# 
loop_
_chem_comp_atom.comp_id 
_chem_comp_atom.atom_id 
_chem_comp_atom.type_symbol 
_chem_comp_atom.pdbx_aromatic_flag 
_chem_comp_atom.pdbx_stereo_config 
_chem_comp_atom.pdbx_ordinal 
ALA N    N N N 1   
ALA CA   C N S 2   
ALA C    C N N 3   
ALA O    O N N 4   
ALA CB   C N N 5   
ALA OXT  O N N 6   
ALA H    H N N 7   
ALA H2   H N N 8   
ALA HA   H N N 9   
ALA HB1  H N N 10  
ALA HB2  H N N 11  
ALA HB3  H N N 12  
ALA HXT  H N N 13  
ARG N    N N N 14  
ARG CA   C N S 15  
ARG C    C N N 16  
ARG O    O N N 17  
ARG CB   C N N 18  
ARG CG   C N N 19  
ARG CD   C N N 20  
ARG NE   N N N 21  
ARG CZ   C N N 22  
ARG NH1  N N N 23  
ARG NH2  N N N 24  
ARG OXT  O N N 25  
ARG H    H N N 26  
ARG H2   H N N 27  
ARG HA   H N N 28  
ARG HB2  H N N 29  
ARG HB3  H N N 30  
ARG HG2  H N N 31  
ARG HG3  H N N 32  
ARG HD2  H N N 33  
ARG HD3  H N N 34  
ARG HE   H N N 35  
ARG HH11 H N N 36  
ARG HH12 H N N 37  
ARG HH21 H N N 38  
ARG HH22 H N N 39  
ARG HXT  H N N 40  
ASN N    N N N 41  
ASN CA   C N S 42  
ASN C    C N N 43  
ASN O    O N N 44  
ASN CB   C N N 45  
ASN CG   C N N 46  
ASN OD1  O N N 47  
ASN ND2  N N N 48  
ASN OXT  O N N 49  
ASN H    H N N 50  
ASN H2   H N N 51  
ASN HA   H N N 52  
ASN HB2  H N N 53  
ASN HB3  H N N 54  
ASN HD21 H N N 55  
ASN HD22 H N N 56  
ASN HXT  H N N 57  
ASP N    N N N 58  
ASP CA   C N S 59  
ASP C    C N N 60  
ASP O    O N N 61  
ASP CB   C N N 62  
ASP CG   C N N 63  
ASP OD1  O N N 64  
ASP OD2  O N N 65  
ASP OXT  O N N 66  
ASP H    H N N 67  
ASP H2   H N N 68  
ASP HA   H N N 69  
ASP HB2  H N N 70  
ASP HB3  H N N 71  
ASP HD2  H N N 72  
ASP HXT  H N N 73  
GLN N    N N N 74  
GLN CA   C N S 75  
GLN C    C N N 76  
GLN O    O N N 77  
GLN CB   C N N 78  
GLN CG   C N N 79  
GLN CD   C N N 80  
GLN OE1  O N N 81  
GLN NE2  N N N 82  
GLN OXT  O N N 83  
GLN H    H N N 84  
GLN H2   H N N 85  
GLN HA   H N N 86  
GLN HB2  H N N 87  
GLN HB3  H N N 88  
GLN HG2  H N N 89  
GLN HG3  H N N 90  
GLN HE21 H N N 91  
GLN HE22 H N N 92  
GLN HXT  H N N 93  
GLU N    N N N 94  
GLU CA   C N S 95  
GLU C    C N N 96  
GLU O    O N N 97  
GLU CB   C N N 98  
GLU CG   C N N 99  
GLU CD   C N N 100 
GLU OE1  O N N 101 
GLU OE2  O N N 102 
GLU OXT  O N N 103 
GLU H    H N N 104 
GLU H2   H N N 105 
GLU HA   H N N 106 
GLU HB2  H N N 107 
GLU HB3  H N N 108 
GLU HG2  H N N 109 
GLU HG3  H N N 110 
GLU HE2  H N N 111 
GLU HXT  H N N 112 
GLY N    N N N 113 
GLY CA   C N N 114 
GLY C    C N N 115 
GLY O    O N N 116 
GLY OXT  O N N 117 
GLY H    H N N 118 
GLY H2   H N N 119 
GLY HA2  H N N 120 
GLY HA3  H N N 121 
GLY HXT  H N N 122 
HIS N    N N N 123 
HIS CA   C N S 124 
HIS C    C N N 125 
HIS O    O N N 126 
HIS CB   C N N 127 
HIS CG   C Y N 128 
HIS ND1  N Y N 129 
HIS CD2  C Y N 130 
HIS CE1  C Y N 131 
HIS NE2  N Y N 132 
HIS OXT  O N N 133 
HIS H    H N N 134 
HIS H2   H N N 135 
HIS HA   H N N 136 
HIS HB2  H N N 137 
HIS HB3  H N N 138 
HIS HD1  H N N 139 
HIS HD2  H N N 140 
HIS HE1  H N N 141 
HIS HE2  H N N 142 
HIS HXT  H N N 143 
HOH O    O N N 144 
HOH H1   H N N 145 
HOH H2   H N N 146 
ILE N    N N N 147 
ILE CA   C N S 148 
ILE C    C N N 149 
ILE O    O N N 150 
ILE CB   C N S 151 
ILE CG1  C N N 152 
ILE CG2  C N N 153 
ILE CD1  C N N 154 
ILE OXT  O N N 155 
ILE H    H N N 156 
ILE H2   H N N 157 
ILE HA   H N N 158 
ILE HB   H N N 159 
ILE HG12 H N N 160 
ILE HG13 H N N 161 
ILE HG21 H N N 162 
ILE HG22 H N N 163 
ILE HG23 H N N 164 
ILE HD11 H N N 165 
ILE HD12 H N N 166 
ILE HD13 H N N 167 
ILE HXT  H N N 168 
LEU N    N N N 169 
LEU CA   C N S 170 
LEU C    C N N 171 
LEU O    O N N 172 
LEU CB   C N N 173 
LEU CG   C N N 174 
LEU CD1  C N N 175 
LEU CD2  C N N 176 
LEU OXT  O N N 177 
LEU H    H N N 178 
LEU H2   H N N 179 
LEU HA   H N N 180 
LEU HB2  H N N 181 
LEU HB3  H N N 182 
LEU HG   H N N 183 
LEU HD11 H N N 184 
LEU HD12 H N N 185 
LEU HD13 H N N 186 
LEU HD21 H N N 187 
LEU HD22 H N N 188 
LEU HD23 H N N 189 
LEU HXT  H N N 190 
LYS N    N N N 191 
LYS CA   C N S 192 
LYS C    C N N 193 
LYS O    O N N 194 
LYS CB   C N N 195 
LYS CG   C N N 196 
LYS CD   C N N 197 
LYS CE   C N N 198 
LYS NZ   N N N 199 
LYS OXT  O N N 200 
LYS H    H N N 201 
LYS H2   H N N 202 
LYS HA   H N N 203 
LYS HB2  H N N 204 
LYS HB3  H N N 205 
LYS HG2  H N N 206 
LYS HG3  H N N 207 
LYS HD2  H N N 208 
LYS HD3  H N N 209 
LYS HE2  H N N 210 
LYS HE3  H N N 211 
LYS HZ1  H N N 212 
LYS HZ2  H N N 213 
LYS HZ3  H N N 214 
LYS HXT  H N N 215 
MET N    N N N 216 
MET CA   C N S 217 
MET C    C N N 218 
MET O    O N N 219 
MET CB   C N N 220 
MET CG   C N N 221 
MET SD   S N N 222 
MET CE   C N N 223 
MET OXT  O N N 224 
MET H    H N N 225 
MET H2   H N N 226 
MET HA   H N N 227 
MET HB2  H N N 228 
MET HB3  H N N 229 
MET HG2  H N N 230 
MET HG3  H N N 231 
MET HE1  H N N 232 
MET HE2  H N N 233 
MET HE3  H N N 234 
MET HXT  H N N 235 
MPD C1   C N N 236 
MPD C2   C N N 237 
MPD O2   O N N 238 
MPD CM   C N N 239 
MPD C3   C N N 240 
MPD C4   C N S 241 
MPD O4   O N N 242 
MPD C5   C N N 243 
MPD H11  H N N 244 
MPD H12  H N N 245 
MPD H13  H N N 246 
MPD HO2  H N N 247 
MPD HM1  H N N 248 
MPD HM2  H N N 249 
MPD HM3  H N N 250 
MPD H31  H N N 251 
MPD H32  H N N 252 
MPD H4   H N N 253 
MPD HO4  H N N 254 
MPD H51  H N N 255 
MPD H52  H N N 256 
MPD H53  H N N 257 
PHE N    N N N 258 
PHE CA   C N S 259 
PHE C    C N N 260 
PHE O    O N N 261 
PHE CB   C N N 262 
PHE CG   C Y N 263 
PHE CD1  C Y N 264 
PHE CD2  C Y N 265 
PHE CE1  C Y N 266 
PHE CE2  C Y N 267 
PHE CZ   C Y N 268 
PHE OXT  O N N 269 
PHE H    H N N 270 
PHE H2   H N N 271 
PHE HA   H N N 272 
PHE HB2  H N N 273 
PHE HB3  H N N 274 
PHE HD1  H N N 275 
PHE HD2  H N N 276 
PHE HE1  H N N 277 
PHE HE2  H N N 278 
PHE HZ   H N N 279 
PHE HXT  H N N 280 
PRO N    N N N 281 
PRO CA   C N S 282 
PRO C    C N N 283 
PRO O    O N N 284 
PRO CB   C N N 285 
PRO CG   C N N 286 
PRO CD   C N N 287 
PRO OXT  O N N 288 
PRO H    H N N 289 
PRO HA   H N N 290 
PRO HB2  H N N 291 
PRO HB3  H N N 292 
PRO HG2  H N N 293 
PRO HG3  H N N 294 
PRO HD2  H N N 295 
PRO HD3  H N N 296 
PRO HXT  H N N 297 
SER N    N N N 298 
SER CA   C N S 299 
SER C    C N N 300 
SER O    O N N 301 
SER CB   C N N 302 
SER OG   O N N 303 
SER OXT  O N N 304 
SER H    H N N 305 
SER H2   H N N 306 
SER HA   H N N 307 
SER HB2  H N N 308 
SER HB3  H N N 309 
SER HG   H N N 310 
SER HXT  H N N 311 
THR N    N N N 312 
THR CA   C N S 313 
THR C    C N N 314 
THR O    O N N 315 
THR CB   C N R 316 
THR OG1  O N N 317 
THR CG2  C N N 318 
THR OXT  O N N 319 
THR H    H N N 320 
THR H2   H N N 321 
THR HA   H N N 322 
THR HB   H N N 323 
THR HG1  H N N 324 
THR HG21 H N N 325 
THR HG22 H N N 326 
THR HG23 H N N 327 
THR HXT  H N N 328 
TRP N    N N N 329 
TRP CA   C N S 330 
TRP C    C N N 331 
TRP O    O N N 332 
TRP CB   C N N 333 
TRP CG   C Y N 334 
TRP CD1  C Y N 335 
TRP CD2  C Y N 336 
TRP NE1  N Y N 337 
TRP CE2  C Y N 338 
TRP CE3  C Y N 339 
TRP CZ2  C Y N 340 
TRP CZ3  C Y N 341 
TRP CH2  C Y N 342 
TRP OXT  O N N 343 
TRP H    H N N 344 
TRP H2   H N N 345 
TRP HA   H N N 346 
TRP HB2  H N N 347 
TRP HB3  H N N 348 
TRP HD1  H N N 349 
TRP HE1  H N N 350 
TRP HE3  H N N 351 
TRP HZ2  H N N 352 
TRP HZ3  H N N 353 
TRP HH2  H N N 354 
TRP HXT  H N N 355 
TYR N    N N N 356 
TYR CA   C N S 357 
TYR C    C N N 358 
TYR O    O N N 359 
TYR CB   C N N 360 
TYR CG   C Y N 361 
TYR CD1  C Y N 362 
TYR CD2  C Y N 363 
TYR CE1  C Y N 364 
TYR CE2  C Y N 365 
TYR CZ   C Y N 366 
TYR OH   O N N 367 
TYR OXT  O N N 368 
TYR H    H N N 369 
TYR H2   H N N 370 
TYR HA   H N N 371 
TYR HB2  H N N 372 
TYR HB3  H N N 373 
TYR HD1  H N N 374 
TYR HD2  H N N 375 
TYR HE1  H N N 376 
TYR HE2  H N N 377 
TYR HH   H N N 378 
TYR HXT  H N N 379 
VAL N    N N N 380 
VAL CA   C N S 381 
VAL C    C N N 382 
VAL O    O N N 383 
VAL CB   C N N 384 
VAL CG1  C N N 385 
VAL CG2  C N N 386 
VAL OXT  O N N 387 
VAL H    H N N 388 
VAL H2   H N N 389 
VAL HA   H N N 390 
VAL HB   H N N 391 
VAL HG11 H N N 392 
VAL HG12 H N N 393 
VAL HG13 H N N 394 
VAL HG21 H N N 395 
VAL HG22 H N N 396 
VAL HG23 H N N 397 
VAL HXT  H N N 398 
# 
loop_
_chem_comp_bond.comp_id 
_chem_comp_bond.atom_id_1 
_chem_comp_bond.atom_id_2 
_chem_comp_bond.value_order 
_chem_comp_bond.pdbx_aromatic_flag 
_chem_comp_bond.pdbx_stereo_config 
_chem_comp_bond.pdbx_ordinal 
ALA N   CA   sing N N 1   
ALA N   H    sing N N 2   
ALA N   H2   sing N N 3   
ALA CA  C    sing N N 4   
ALA CA  CB   sing N N 5   
ALA CA  HA   sing N N 6   
ALA C   O    doub N N 7   
ALA C   OXT  sing N N 8   
ALA CB  HB1  sing N N 9   
ALA CB  HB2  sing N N 10  
ALA CB  HB3  sing N N 11  
ALA OXT HXT  sing N N 12  
ARG N   CA   sing N N 13  
ARG N   H    sing N N 14  
ARG N   H2   sing N N 15  
ARG CA  C    sing N N 16  
ARG CA  CB   sing N N 17  
ARG CA  HA   sing N N 18  
ARG C   O    doub N N 19  
ARG C   OXT  sing N N 20  
ARG CB  CG   sing N N 21  
ARG CB  HB2  sing N N 22  
ARG CB  HB3  sing N N 23  
ARG CG  CD   sing N N 24  
ARG CG  HG2  sing N N 25  
ARG CG  HG3  sing N N 26  
ARG CD  NE   sing N N 27  
ARG CD  HD2  sing N N 28  
ARG CD  HD3  sing N N 29  
ARG NE  CZ   sing N N 30  
ARG NE  HE   sing N N 31  
ARG CZ  NH1  sing N N 32  
ARG CZ  NH2  doub N N 33  
ARG NH1 HH11 sing N N 34  
ARG NH1 HH12 sing N N 35  
ARG NH2 HH21 sing N N 36  
ARG NH2 HH22 sing N N 37  
ARG OXT HXT  sing N N 38  
ASN N   CA   sing N N 39  
ASN N   H    sing N N 40  
ASN N   H2   sing N N 41  
ASN CA  C    sing N N 42  
ASN CA  CB   sing N N 43  
ASN CA  HA   sing N N 44  
ASN C   O    doub N N 45  
ASN C   OXT  sing N N 46  
ASN CB  CG   sing N N 47  
ASN CB  HB2  sing N N 48  
ASN CB  HB3  sing N N 49  
ASN CG  OD1  doub N N 50  
ASN CG  ND2  sing N N 51  
ASN ND2 HD21 sing N N 52  
ASN ND2 HD22 sing N N 53  
ASN OXT HXT  sing N N 54  
ASP N   CA   sing N N 55  
ASP N   H    sing N N 56  
ASP N   H2   sing N N 57  
ASP CA  C    sing N N 58  
ASP CA  CB   sing N N 59  
ASP CA  HA   sing N N 60  
ASP C   O    doub N N 61  
ASP C   OXT  sing N N 62  
ASP CB  CG   sing N N 63  
ASP CB  HB2  sing N N 64  
ASP CB  HB3  sing N N 65  
ASP CG  OD1  doub N N 66  
ASP CG  OD2  sing N N 67  
ASP OD2 HD2  sing N N 68  
ASP OXT HXT  sing N N 69  
GLN N   CA   sing N N 70  
GLN N   H    sing N N 71  
GLN N   H2   sing N N 72  
GLN CA  C    sing N N 73  
GLN CA  CB   sing N N 74  
GLN CA  HA   sing N N 75  
GLN C   O    doub N N 76  
GLN C   OXT  sing N N 77  
GLN CB  CG   sing N N 78  
GLN CB  HB2  sing N N 79  
GLN CB  HB3  sing N N 80  
GLN CG  CD   sing N N 81  
GLN CG  HG2  sing N N 82  
GLN CG  HG3  sing N N 83  
GLN CD  OE1  doub N N 84  
GLN CD  NE2  sing N N 85  
GLN NE2 HE21 sing N N 86  
GLN NE2 HE22 sing N N 87  
GLN OXT HXT  sing N N 88  
GLU N   CA   sing N N 89  
GLU N   H    sing N N 90  
GLU N   H2   sing N N 91  
GLU CA  C    sing N N 92  
GLU CA  CB   sing N N 93  
GLU CA  HA   sing N N 94  
GLU C   O    doub N N 95  
GLU C   OXT  sing N N 96  
GLU CB  CG   sing N N 97  
GLU CB  HB2  sing N N 98  
GLU CB  HB3  sing N N 99  
GLU CG  CD   sing N N 100 
GLU CG  HG2  sing N N 101 
GLU CG  HG3  sing N N 102 
GLU CD  OE1  doub N N 103 
GLU CD  OE2  sing N N 104 
GLU OE2 HE2  sing N N 105 
GLU OXT HXT  sing N N 106 
GLY N   CA   sing N N 107 
GLY N   H    sing N N 108 
GLY N   H2   sing N N 109 
GLY CA  C    sing N N 110 
GLY CA  HA2  sing N N 111 
GLY CA  HA3  sing N N 112 
GLY C   O    doub N N 113 
GLY C   OXT  sing N N 114 
GLY OXT HXT  sing N N 115 
HIS N   CA   sing N N 116 
HIS N   H    sing N N 117 
HIS N   H2   sing N N 118 
HIS CA  C    sing N N 119 
HIS CA  CB   sing N N 120 
HIS CA  HA   sing N N 121 
HIS C   O    doub N N 122 
HIS C   OXT  sing N N 123 
HIS CB  CG   sing N N 124 
HIS CB  HB2  sing N N 125 
HIS CB  HB3  sing N N 126 
HIS CG  ND1  sing Y N 127 
HIS CG  CD2  doub Y N 128 
HIS ND1 CE1  doub Y N 129 
HIS ND1 HD1  sing N N 130 
HIS CD2 NE2  sing Y N 131 
HIS CD2 HD2  sing N N 132 
HIS CE1 NE2  sing Y N 133 
HIS CE1 HE1  sing N N 134 
HIS NE2 HE2  sing N N 135 
HIS OXT HXT  sing N N 136 
HOH O   H1   sing N N 137 
HOH O   H2   sing N N 138 
ILE N   CA   sing N N 139 
ILE N   H    sing N N 140 
ILE N   H2   sing N N 141 
ILE CA  C    sing N N 142 
ILE CA  CB   sing N N 143 
ILE CA  HA   sing N N 144 
ILE C   O    doub N N 145 
ILE C   OXT  sing N N 146 
ILE CB  CG1  sing N N 147 
ILE CB  CG2  sing N N 148 
ILE CB  HB   sing N N 149 
ILE CG1 CD1  sing N N 150 
ILE CG1 HG12 sing N N 151 
ILE CG1 HG13 sing N N 152 
ILE CG2 HG21 sing N N 153 
ILE CG2 HG22 sing N N 154 
ILE CG2 HG23 sing N N 155 
ILE CD1 HD11 sing N N 156 
ILE CD1 HD12 sing N N 157 
ILE CD1 HD13 sing N N 158 
ILE OXT HXT  sing N N 159 
LEU N   CA   sing N N 160 
LEU N   H    sing N N 161 
LEU N   H2   sing N N 162 
LEU CA  C    sing N N 163 
LEU CA  CB   sing N N 164 
LEU CA  HA   sing N N 165 
LEU C   O    doub N N 166 
LEU C   OXT  sing N N 167 
LEU CB  CG   sing N N 168 
LEU CB  HB2  sing N N 169 
LEU CB  HB3  sing N N 170 
LEU CG  CD1  sing N N 171 
LEU CG  CD2  sing N N 172 
LEU CG  HG   sing N N 173 
LEU CD1 HD11 sing N N 174 
LEU CD1 HD12 sing N N 175 
LEU CD1 HD13 sing N N 176 
LEU CD2 HD21 sing N N 177 
LEU CD2 HD22 sing N N 178 
LEU CD2 HD23 sing N N 179 
LEU OXT HXT  sing N N 180 
LYS N   CA   sing N N 181 
LYS N   H    sing N N 182 
LYS N   H2   sing N N 183 
LYS CA  C    sing N N 184 
LYS CA  CB   sing N N 185 
LYS CA  HA   sing N N 186 
LYS C   O    doub N N 187 
LYS C   OXT  sing N N 188 
LYS CB  CG   sing N N 189 
LYS CB  HB2  sing N N 190 
LYS CB  HB3  sing N N 191 
LYS CG  CD   sing N N 192 
LYS CG  HG2  sing N N 193 
LYS CG  HG3  sing N N 194 
LYS CD  CE   sing N N 195 
LYS CD  HD2  sing N N 196 
LYS CD  HD3  sing N N 197 
LYS CE  NZ   sing N N 198 
LYS CE  HE2  sing N N 199 
LYS CE  HE3  sing N N 200 
LYS NZ  HZ1  sing N N 201 
LYS NZ  HZ2  sing N N 202 
LYS NZ  HZ3  sing N N 203 
LYS OXT HXT  sing N N 204 
MET N   CA   sing N N 205 
MET N   H    sing N N 206 
MET N   H2   sing N N 207 
MET CA  C    sing N N 208 
MET CA  CB   sing N N 209 
MET CA  HA   sing N N 210 
MET C   O    doub N N 211 
MET C   OXT  sing N N 212 
MET CB  CG   sing N N 213 
MET CB  HB2  sing N N 214 
MET CB  HB3  sing N N 215 
MET CG  SD   sing N N 216 
MET CG  HG2  sing N N 217 
MET CG  HG3  sing N N 218 
MET SD  CE   sing N N 219 
MET CE  HE1  sing N N 220 
MET CE  HE2  sing N N 221 
MET CE  HE3  sing N N 222 
MET OXT HXT  sing N N 223 
MPD C1  C2   sing N N 224 
MPD C1  H11  sing N N 225 
MPD C1  H12  sing N N 226 
MPD C1  H13  sing N N 227 
MPD C2  O2   sing N N 228 
MPD C2  CM   sing N N 229 
MPD C2  C3   sing N N 230 
MPD O2  HO2  sing N N 231 
MPD CM  HM1  sing N N 232 
MPD CM  HM2  sing N N 233 
MPD CM  HM3  sing N N 234 
MPD C3  C4   sing N N 235 
MPD C3  H31  sing N N 236 
MPD C3  H32  sing N N 237 
MPD C4  O4   sing N N 238 
MPD C4  C5   sing N N 239 
MPD C4  H4   sing N N 240 
MPD O4  HO4  sing N N 241 
MPD C5  H51  sing N N 242 
MPD C5  H52  sing N N 243 
MPD C5  H53  sing N N 244 
PHE N   CA   sing N N 245 
PHE N   H    sing N N 246 
PHE N   H2   sing N N 247 
PHE CA  C    sing N N 248 
PHE CA  CB   sing N N 249 
PHE CA  HA   sing N N 250 
PHE C   O    doub N N 251 
PHE C   OXT  sing N N 252 
PHE CB  CG   sing N N 253 
PHE CB  HB2  sing N N 254 
PHE CB  HB3  sing N N 255 
PHE CG  CD1  doub Y N 256 
PHE CG  CD2  sing Y N 257 
PHE CD1 CE1  sing Y N 258 
PHE CD1 HD1  sing N N 259 
PHE CD2 CE2  doub Y N 260 
PHE CD2 HD2  sing N N 261 
PHE CE1 CZ   doub Y N 262 
PHE CE1 HE1  sing N N 263 
PHE CE2 CZ   sing Y N 264 
PHE CE2 HE2  sing N N 265 
PHE CZ  HZ   sing N N 266 
PHE OXT HXT  sing N N 267 
PRO N   CA   sing N N 268 
PRO N   CD   sing N N 269 
PRO N   H    sing N N 270 
PRO CA  C    sing N N 271 
PRO CA  CB   sing N N 272 
PRO CA  HA   sing N N 273 
PRO C   O    doub N N 274 
PRO C   OXT  sing N N 275 
PRO CB  CG   sing N N 276 
PRO CB  HB2  sing N N 277 
PRO CB  HB3  sing N N 278 
PRO CG  CD   sing N N 279 
PRO CG  HG2  sing N N 280 
PRO CG  HG3  sing N N 281 
PRO CD  HD2  sing N N 282 
PRO CD  HD3  sing N N 283 
PRO OXT HXT  sing N N 284 
SER N   CA   sing N N 285 
SER N   H    sing N N 286 
SER N   H2   sing N N 287 
SER CA  C    sing N N 288 
SER CA  CB   sing N N 289 
SER CA  HA   sing N N 290 
SER C   O    doub N N 291 
SER C   OXT  sing N N 292 
SER CB  OG   sing N N 293 
SER CB  HB2  sing N N 294 
SER CB  HB3  sing N N 295 
SER OG  HG   sing N N 296 
SER OXT HXT  sing N N 297 
THR N   CA   sing N N 298 
THR N   H    sing N N 299 
THR N   H2   sing N N 300 
THR CA  C    sing N N 301 
THR CA  CB   sing N N 302 
THR CA  HA   sing N N 303 
THR C   O    doub N N 304 
THR C   OXT  sing N N 305 
THR CB  OG1  sing N N 306 
THR CB  CG2  sing N N 307 
THR CB  HB   sing N N 308 
THR OG1 HG1  sing N N 309 
THR CG2 HG21 sing N N 310 
THR CG2 HG22 sing N N 311 
THR CG2 HG23 sing N N 312 
THR OXT HXT  sing N N 313 
TRP N   CA   sing N N 314 
TRP N   H    sing N N 315 
TRP N   H2   sing N N 316 
TRP CA  C    sing N N 317 
TRP CA  CB   sing N N 318 
TRP CA  HA   sing N N 319 
TRP C   O    doub N N 320 
TRP C   OXT  sing N N 321 
TRP CB  CG   sing N N 322 
TRP CB  HB2  sing N N 323 
TRP CB  HB3  sing N N 324 
TRP CG  CD1  doub Y N 325 
TRP CG  CD2  sing Y N 326 
TRP CD1 NE1  sing Y N 327 
TRP CD1 HD1  sing N N 328 
TRP CD2 CE2  doub Y N 329 
TRP CD2 CE3  sing Y N 330 
TRP NE1 CE2  sing Y N 331 
TRP NE1 HE1  sing N N 332 
TRP CE2 CZ2  sing Y N 333 
TRP CE3 CZ3  doub Y N 334 
TRP CE3 HE3  sing N N 335 
TRP CZ2 CH2  doub Y N 336 
TRP CZ2 HZ2  sing N N 337 
TRP CZ3 CH2  sing Y N 338 
TRP CZ3 HZ3  sing N N 339 
TRP CH2 HH2  sing N N 340 
TRP OXT HXT  sing N N 341 
TYR N   CA   sing N N 342 
TYR N   H    sing N N 343 
TYR N   H2   sing N N 344 
TYR CA  C    sing N N 345 
TYR CA  CB   sing N N 346 
TYR CA  HA   sing N N 347 
TYR C   O    doub N N 348 
TYR C   OXT  sing N N 349 
TYR CB  CG   sing N N 350 
TYR CB  HB2  sing N N 351 
TYR CB  HB3  sing N N 352 
TYR CG  CD1  doub Y N 353 
TYR CG  CD2  sing Y N 354 
TYR CD1 CE1  sing Y N 355 
TYR CD1 HD1  sing N N 356 
TYR CD2 CE2  doub Y N 357 
TYR CD2 HD2  sing N N 358 
TYR CE1 CZ   doub Y N 359 
TYR CE1 HE1  sing N N 360 
TYR CE2 CZ   sing Y N 361 
TYR CE2 HE2  sing N N 362 
TYR CZ  OH   sing N N 363 
TYR OH  HH   sing N N 364 
TYR OXT HXT  sing N N 365 
VAL N   CA   sing N N 366 
VAL N   H    sing N N 367 
VAL N   H2   sing N N 368 
VAL CA  C    sing N N 369 
VAL CA  CB   sing N N 370 
VAL CA  HA   sing N N 371 
VAL C   O    doub N N 372 
VAL C   OXT  sing N N 373 
VAL CB  CG1  sing N N 374 
VAL CB  CG2  sing N N 375 
VAL CB  HB   sing N N 376 
VAL CG1 HG11 sing N N 377 
VAL CG1 HG12 sing N N 378 
VAL CG1 HG13 sing N N 379 
VAL CG2 HG21 sing N N 380 
VAL CG2 HG22 sing N N 381 
VAL CG2 HG23 sing N N 382 
VAL OXT HXT  sing N N 383 
# 
loop_
_pdbx_entity_nonpoly.entity_id 
_pdbx_entity_nonpoly.name 
_pdbx_entity_nonpoly.comp_id 
2 '(4S)-2-METHYL-2,4-PENTANEDIOL' MPD 
3 water                           HOH 
# 
_pdbx_initial_refinement_model.id               1 
_pdbx_initial_refinement_model.entity_id_list   ? 
_pdbx_initial_refinement_model.type             'experimental model' 
_pdbx_initial_refinement_model.source_name      PDB 
_pdbx_initial_refinement_model.accession_code   3W1Z 
_pdbx_initial_refinement_model.details          ? 
# 
